data_187L
# 
_entry.id   187L 
# 
_audit_conform.dict_name       mmcif_pdbx.dic 
_audit_conform.dict_version    5.385 
_audit_conform.dict_location   http://mmcif.pdb.org/dictionaries/ascii/mmcif_pdbx.dic 
# 
loop_
_database_2.database_id 
_database_2.database_code 
_database_2.pdbx_database_accession 
_database_2.pdbx_DOI 
PDB   187L         pdb_0000187l 10.2210/pdb187l/pdb 
WWPDB D_1000170194 ?            ?                   
# 
loop_
_pdbx_audit_revision_history.ordinal 
_pdbx_audit_revision_history.data_content_type 
_pdbx_audit_revision_history.major_revision 
_pdbx_audit_revision_history.minor_revision 
_pdbx_audit_revision_history.revision_date 
1 'Structure model' 1 0 1995-07-10 
2 'Structure model' 1 1 2008-03-03 
3 'Structure model' 1 2 2011-07-13 
4 'Structure model' 1 3 2017-11-29 
5 'Structure model' 1 4 2024-02-07 
# 
_pdbx_audit_revision_details.ordinal             1 
_pdbx_audit_revision_details.revision_ordinal    1 
_pdbx_audit_revision_details.data_content_type   'Structure model' 
_pdbx_audit_revision_details.provider            repository 
_pdbx_audit_revision_details.type                'Initial release' 
_pdbx_audit_revision_details.description         ? 
_pdbx_audit_revision_details.details             ? 
# 
loop_
_pdbx_audit_revision_group.ordinal 
_pdbx_audit_revision_group.revision_ordinal 
_pdbx_audit_revision_group.data_content_type 
_pdbx_audit_revision_group.group 
1 2 'Structure model' 'Version format compliance' 
2 3 'Structure model' 'Version format compliance' 
3 4 'Structure model' 'Derived calculations'      
4 4 'Structure model' Other                       
5 5 'Structure model' 'Data collection'           
6 5 'Structure model' 'Database references'       
7 5 'Structure model' 'Derived calculations'      
# 
loop_
_pdbx_audit_revision_category.ordinal 
_pdbx_audit_revision_category.revision_ordinal 
_pdbx_audit_revision_category.data_content_type 
_pdbx_audit_revision_category.category 
1 4 'Structure model' pdbx_database_status 
2 4 'Structure model' struct_conf          
3 4 'Structure model' struct_conf_type     
4 5 'Structure model' chem_comp_atom       
5 5 'Structure model' chem_comp_bond       
6 5 'Structure model' database_2           
7 5 'Structure model' struct_ref_seq_dif   
8 5 'Structure model' struct_site          
# 
loop_
_pdbx_audit_revision_item.ordinal 
_pdbx_audit_revision_item.revision_ordinal 
_pdbx_audit_revision_item.data_content_type 
_pdbx_audit_revision_item.item 
1 4 'Structure model' '_pdbx_database_status.process_site'  
2 5 'Structure model' '_database_2.pdbx_DOI'                
3 5 'Structure model' '_database_2.pdbx_database_accession' 
4 5 'Structure model' '_struct_ref_seq_dif.details'         
5 5 'Structure model' '_struct_site.pdbx_auth_asym_id'      
6 5 'Structure model' '_struct_site.pdbx_auth_comp_id'      
7 5 'Structure model' '_struct_site.pdbx_auth_seq_id'       
# 
_pdbx_database_status.status_code                     REL 
_pdbx_database_status.entry_id                        187L 
_pdbx_database_status.recvd_initial_deposition_date   1995-04-19 
_pdbx_database_status.deposit_site                    ? 
_pdbx_database_status.process_site                    BNL 
_pdbx_database_status.SG_entry                        ? 
_pdbx_database_status.status_code_sf                  REL 
_pdbx_database_status.status_code_mr                  ? 
_pdbx_database_status.pdb_format_compatible           Y 
_pdbx_database_status.status_code_cs                  ? 
_pdbx_database_status.methods_development_category    ? 
_pdbx_database_status.status_code_nmr_data            ? 
# 
loop_
_audit_author.name 
_audit_author.pdbx_ordinal 
'Morton, A.'     1 
'Matthews, B.W.' 2 
# 
loop_
_citation.id 
_citation.title 
_citation.journal_abbrev 
_citation.journal_volume 
_citation.page_first 
_citation.page_last 
_citation.year 
_citation.journal_id_ASTM 
_citation.country 
_citation.journal_id_ISSN 
_citation.journal_id_CSD 
_citation.book_publisher 
_citation.pdbx_database_id_PubMed 
_citation.pdbx_database_id_DOI 
primary 'Specificity of ligand binding in a buried nonpolar cavity of T4 lysozyme: linkage of dynamics and structural plasticity.' 
Biochemistry      34  8576 8588 1995 BICHAW US 0006-2960 0033 ? 7612599 10.1021/bi00027a007 
1       'Energetic Origins of Specificity of Ligand Binding in an Interior Cavity of T4 Lysozyme'                                  
'To be Published' ?   ?    ?    ?    ?      ?  ?         0353 ? ?       ?                   
2       'Structure of Bacteriophage T4 Lysozyme Refined at 1.7 Angstroms Resolution'                                               
J.Mol.Biol.       193 189  ?    1987 JMOBAK UK 0022-2836 0070 ? ?       ?                   
# 
loop_
_citation_author.citation_id 
_citation_author.name 
_citation_author.ordinal 
_citation_author.identifier_ORCID 
primary 'Morton, A.'     1 ? 
primary 'Matthews, B.W.' 2 ? 
1       'Morton, A.'     3 ? 
1       'Baase, W.A.'    4 ? 
1       'Matthews, B.W.' 5 ? 
2       'Weaver, L.H.'   6 ? 
2       'Matthews, B.W.' 7 ? 
# 
loop_
_entity.id 
_entity.type 
_entity.src_method 
_entity.pdbx_description 
_entity.formula_weight 
_entity.pdbx_number_of_molecules 
_entity.pdbx_ec 
_entity.pdbx_mutation 
_entity.pdbx_fragment 
_entity.details 
1 polymer     man 'T4 LYSOZYME'              18586.283 1   3.2.1.17 ? ? ? 
2 non-polymer syn 'CHLORIDE ION'             35.453    2   ?        ? ? ? 
3 non-polymer syn '2-HYDROXYETHYL DISULFIDE' 154.251   1   ?        ? ? ? 
4 non-polymer syn PARA-XYLENE                106.165   1   ?        ? ? ? 
5 water       nat water                      18.015    126 ?        ? ? ? 
# 
_entity_poly.entity_id                      1 
_entity_poly.type                           'polypeptide(L)' 
_entity_poly.nstd_linkage                   no 
_entity_poly.nstd_monomer                   no 
_entity_poly.pdbx_seq_one_letter_code       
;MNIFEMLRIDEGLRLKIYKDTEGYYTIGIGHLLTKSPSLNAAKSELDKAIGRNTNGVITKDEAEKLFNQDVDAAVRGILR
NAKLKPVYDSLDAVRRAAAINMVFQMGETGVAGFTNSLRMLQQKRWDEAAVNLAKSRWYNQTPNRAKRVITTFRTGTWDA
YKNL
;
_entity_poly.pdbx_seq_one_letter_code_can   
;MNIFEMLRIDEGLRLKIYKDTEGYYTIGIGHLLTKSPSLNAAKSELDKAIGRNTNGVITKDEAEKLFNQDVDAAVRGILR
NAKLKPVYDSLDAVRRAAAINMVFQMGETGVAGFTNSLRMLQQKRWDEAAVNLAKSRWYNQTPNRAKRVITTFRTGTWDA
YKNL
;
_entity_poly.pdbx_strand_id                 A 
_entity_poly.pdbx_target_identifier         ? 
# 
loop_
_pdbx_entity_nonpoly.entity_id 
_pdbx_entity_nonpoly.name 
_pdbx_entity_nonpoly.comp_id 
2 'CHLORIDE ION'             CL  
3 '2-HYDROXYETHYL DISULFIDE' HED 
4 PARA-XYLENE                PXY 
5 water                      HOH 
# 
loop_
_entity_poly_seq.entity_id 
_entity_poly_seq.num 
_entity_poly_seq.mon_id 
_entity_poly_seq.hetero 
1 1   MET n 
1 2   ASN n 
1 3   ILE n 
1 4   PHE n 
1 5   GLU n 
1 6   MET n 
1 7   LEU n 
1 8   ARG n 
1 9   ILE n 
1 10  ASP n 
1 11  GLU n 
1 12  GLY n 
1 13  LEU n 
1 14  ARG n 
1 15  LEU n 
1 16  LYS n 
1 17  ILE n 
1 18  TYR n 
1 19  LYS n 
1 20  ASP n 
1 21  THR n 
1 22  GLU n 
1 23  GLY n 
1 24  TYR n 
1 25  TYR n 
1 26  THR n 
1 27  ILE n 
1 28  GLY n 
1 29  ILE n 
1 30  GLY n 
1 31  HIS n 
1 32  LEU n 
1 33  LEU n 
1 34  THR n 
1 35  LYS n 
1 36  SER n 
1 37  PRO n 
1 38  SER n 
1 39  LEU n 
1 40  ASN n 
1 41  ALA n 
1 42  ALA n 
1 43  LYS n 
1 44  SER n 
1 45  GLU n 
1 46  LEU n 
1 47  ASP n 
1 48  LYS n 
1 49  ALA n 
1 50  ILE n 
1 51  GLY n 
1 52  ARG n 
1 53  ASN n 
1 54  THR n 
1 55  ASN n 
1 56  GLY n 
1 57  VAL n 
1 58  ILE n 
1 59  THR n 
1 60  LYS n 
1 61  ASP n 
1 62  GLU n 
1 63  ALA n 
1 64  GLU n 
1 65  LYS n 
1 66  LEU n 
1 67  PHE n 
1 68  ASN n 
1 69  GLN n 
1 70  ASP n 
1 71  VAL n 
1 72  ASP n 
1 73  ALA n 
1 74  ALA n 
1 75  VAL n 
1 76  ARG n 
1 77  GLY n 
1 78  ILE n 
1 79  LEU n 
1 80  ARG n 
1 81  ASN n 
1 82  ALA n 
1 83  LYS n 
1 84  LEU n 
1 85  LYS n 
1 86  PRO n 
1 87  VAL n 
1 88  TYR n 
1 89  ASP n 
1 90  SER n 
1 91  LEU n 
1 92  ASP n 
1 93  ALA n 
1 94  VAL n 
1 95  ARG n 
1 96  ARG n 
1 97  ALA n 
1 98  ALA n 
1 99  ALA n 
1 100 ILE n 
1 101 ASN n 
1 102 MET n 
1 103 VAL n 
1 104 PHE n 
1 105 GLN n 
1 106 MET n 
1 107 GLY n 
1 108 GLU n 
1 109 THR n 
1 110 GLY n 
1 111 VAL n 
1 112 ALA n 
1 113 GLY n 
1 114 PHE n 
1 115 THR n 
1 116 ASN n 
1 117 SER n 
1 118 LEU n 
1 119 ARG n 
1 120 MET n 
1 121 LEU n 
1 122 GLN n 
1 123 GLN n 
1 124 LYS n 
1 125 ARG n 
1 126 TRP n 
1 127 ASP n 
1 128 GLU n 
1 129 ALA n 
1 130 ALA n 
1 131 VAL n 
1 132 ASN n 
1 133 LEU n 
1 134 ALA n 
1 135 LYS n 
1 136 SER n 
1 137 ARG n 
1 138 TRP n 
1 139 TYR n 
1 140 ASN n 
1 141 GLN n 
1 142 THR n 
1 143 PRO n 
1 144 ASN n 
1 145 ARG n 
1 146 ALA n 
1 147 LYS n 
1 148 ARG n 
1 149 VAL n 
1 150 ILE n 
1 151 THR n 
1 152 THR n 
1 153 PHE n 
1 154 ARG n 
1 155 THR n 
1 156 GLY n 
1 157 THR n 
1 158 TRP n 
1 159 ASP n 
1 160 ALA n 
1 161 TYR n 
1 162 LYS n 
1 163 ASN n 
1 164 LEU n 
# 
_entity_src_gen.entity_id                          1 
_entity_src_gen.pdbx_src_id                        1 
_entity_src_gen.pdbx_alt_source_flag               sample 
_entity_src_gen.pdbx_seq_type                      ? 
_entity_src_gen.pdbx_beg_seq_num                   ? 
_entity_src_gen.pdbx_end_seq_num                   ? 
_entity_src_gen.gene_src_common_name               ? 
_entity_src_gen.gene_src_genus                     'T4-like viruses' 
_entity_src_gen.pdbx_gene_src_gene                 ? 
_entity_src_gen.gene_src_species                   'Enterobacteria phage T4 sensu lato' 
_entity_src_gen.gene_src_strain                    ? 
_entity_src_gen.gene_src_tissue                    ? 
_entity_src_gen.gene_src_tissue_fraction           ? 
_entity_src_gen.gene_src_details                   ? 
_entity_src_gen.pdbx_gene_src_fragment             ? 
_entity_src_gen.pdbx_gene_src_scientific_name      'Enterobacteria phage T4' 
_entity_src_gen.pdbx_gene_src_ncbi_taxonomy_id     10665 
_entity_src_gen.pdbx_gene_src_variant              ? 
_entity_src_gen.pdbx_gene_src_cell_line            ? 
_entity_src_gen.pdbx_gene_src_atcc                 ? 
_entity_src_gen.pdbx_gene_src_organ                ? 
_entity_src_gen.pdbx_gene_src_organelle            ? 
_entity_src_gen.pdbx_gene_src_cell                 ? 
_entity_src_gen.pdbx_gene_src_cellular_location    ? 
_entity_src_gen.host_org_common_name               ? 
_entity_src_gen.pdbx_host_org_scientific_name      ? 
_entity_src_gen.pdbx_host_org_ncbi_taxonomy_id     ? 
_entity_src_gen.host_org_genus                     ? 
_entity_src_gen.pdbx_host_org_gene                 ? 
_entity_src_gen.pdbx_host_org_organ                ? 
_entity_src_gen.host_org_species                   ? 
_entity_src_gen.pdbx_host_org_tissue               ? 
_entity_src_gen.pdbx_host_org_tissue_fraction      ? 
_entity_src_gen.pdbx_host_org_strain               ? 
_entity_src_gen.pdbx_host_org_variant              ? 
_entity_src_gen.pdbx_host_org_cell_line            ? 
_entity_src_gen.pdbx_host_org_atcc                 ? 
_entity_src_gen.pdbx_host_org_culture_collection   ? 
_entity_src_gen.pdbx_host_org_cell                 ? 
_entity_src_gen.pdbx_host_org_organelle            ? 
_entity_src_gen.pdbx_host_org_cellular_location    ? 
_entity_src_gen.pdbx_host_org_vector_type          PLASMID 
_entity_src_gen.pdbx_host_org_vector               ? 
_entity_src_gen.host_org_details                   ? 
_entity_src_gen.expression_system_id               ? 
_entity_src_gen.plasmid_name                       M13 
_entity_src_gen.plasmid_details                    ? 
_entity_src_gen.pdbx_description                   ? 
# 
loop_
_chem_comp.id 
_chem_comp.type 
_chem_comp.mon_nstd_flag 
_chem_comp.name 
_chem_comp.pdbx_synonyms 
_chem_comp.formula 
_chem_comp.formula_weight 
ALA 'L-peptide linking' y ALANINE                    ? 'C3 H7 N O2'     89.093  
ARG 'L-peptide linking' y ARGININE                   ? 'C6 H15 N4 O2 1' 175.209 
ASN 'L-peptide linking' y ASPARAGINE                 ? 'C4 H8 N2 O3'    132.118 
ASP 'L-peptide linking' y 'ASPARTIC ACID'            ? 'C4 H7 N O4'     133.103 
CL  non-polymer         . 'CHLORIDE ION'             ? 'Cl -1'          35.453  
CYS 'L-peptide linking' y CYSTEINE                   ? 'C3 H7 N O2 S'   121.158 
GLN 'L-peptide linking' y GLUTAMINE                  ? 'C5 H10 N2 O3'   146.144 
GLU 'L-peptide linking' y 'GLUTAMIC ACID'            ? 'C5 H9 N O4'     147.129 
GLY 'peptide linking'   y GLYCINE                    ? 'C2 H5 N O2'     75.067  
HED non-polymer         . '2-HYDROXYETHYL DISULFIDE' ? 'C4 H10 O2 S2'   154.251 
HIS 'L-peptide linking' y HISTIDINE                  ? 'C6 H10 N3 O2 1' 156.162 
HOH non-polymer         . WATER                      ? 'H2 O'           18.015  
ILE 'L-peptide linking' y ISOLEUCINE                 ? 'C6 H13 N O2'    131.173 
LEU 'L-peptide linking' y LEUCINE                    ? 'C6 H13 N O2'    131.173 
LYS 'L-peptide linking' y LYSINE                     ? 'C6 H15 N2 O2 1' 147.195 
MET 'L-peptide linking' y METHIONINE                 ? 'C5 H11 N O2 S'  149.211 
PHE 'L-peptide linking' y PHENYLALANINE              ? 'C9 H11 N O2'    165.189 
PRO 'L-peptide linking' y PROLINE                    ? 'C5 H9 N O2'     115.130 
PXY non-polymer         . PARA-XYLENE                ? 'C8 H10'         106.165 
SER 'L-peptide linking' y SERINE                     ? 'C3 H7 N O3'     105.093 
THR 'L-peptide linking' y THREONINE                  ? 'C4 H9 N O3'     119.119 
TRP 'L-peptide linking' y TRYPTOPHAN                 ? 'C11 H12 N2 O2'  204.225 
TYR 'L-peptide linking' y TYROSINE                   ? 'C9 H11 N O3'    181.189 
VAL 'L-peptide linking' y VALINE                     ? 'C5 H11 N O2'    117.146 
# 
loop_
_pdbx_poly_seq_scheme.asym_id 
_pdbx_poly_seq_scheme.entity_id 
_pdbx_poly_seq_scheme.seq_id 
_pdbx_poly_seq_scheme.mon_id 
_pdbx_poly_seq_scheme.ndb_seq_num 
_pdbx_poly_seq_scheme.pdb_seq_num 
_pdbx_poly_seq_scheme.auth_seq_num 
_pdbx_poly_seq_scheme.pdb_mon_id 
_pdbx_poly_seq_scheme.auth_mon_id 
_pdbx_poly_seq_scheme.pdb_strand_id 
_pdbx_poly_seq_scheme.pdb_ins_code 
_pdbx_poly_seq_scheme.hetero 
A 1 1   MET 1   1   1   MET MET A . n 
A 1 2   ASN 2   2   2   ASN ASN A . n 
A 1 3   ILE 3   3   3   ILE ILE A . n 
A 1 4   PHE 4   4   4   PHE PHE A . n 
A 1 5   GLU 5   5   5   GLU GLU A . n 
A 1 6   MET 6   6   6   MET MET A . n 
A 1 7   LEU 7   7   7   LEU LEU A . n 
A 1 8   ARG 8   8   8   ARG ARG A . n 
A 1 9   ILE 9   9   9   ILE ILE A . n 
A 1 10  ASP 10  10  10  ASP ASP A . n 
A 1 11  GLU 11  11  11  GLU GLU A . n 
A 1 12  GLY 12  12  12  GLY GLY A . n 
A 1 13  LEU 13  13  13  LEU LEU A . n 
A 1 14  ARG 14  14  14  ARG ARG A . n 
A 1 15  LEU 15  15  15  LEU LEU A . n 
A 1 16  LYS 16  16  16  LYS LYS A . n 
A 1 17  ILE 17  17  17  ILE ILE A . n 
A 1 18  TYR 18  18  18  TYR TYR A . n 
A 1 19  LYS 19  19  19  LYS LYS A . n 
A 1 20  ASP 20  20  20  ASP ASP A . n 
A 1 21  THR 21  21  21  THR THR A . n 
A 1 22  GLU 22  22  22  GLU GLU A . n 
A 1 23  GLY 23  23  23  GLY GLY A . n 
A 1 24  TYR 24  24  24  TYR TYR A . n 
A 1 25  TYR 25  25  25  TYR TYR A . n 
A 1 26  THR 26  26  26  THR THR A . n 
A 1 27  ILE 27  27  27  ILE ILE A . n 
A 1 28  GLY 28  28  28  GLY GLY A . n 
A 1 29  ILE 29  29  29  ILE ILE A . n 
A 1 30  GLY 30  30  30  GLY GLY A . n 
A 1 31  HIS 31  31  31  HIS HIS A . n 
A 1 32  LEU 32  32  32  LEU LEU A . n 
A 1 33  LEU 33  33  33  LEU LEU A . n 
A 1 34  THR 34  34  34  THR THR A . n 
A 1 35  LYS 35  35  35  LYS LYS A . n 
A 1 36  SER 36  36  36  SER SER A . n 
A 1 37  PRO 37  37  37  PRO PRO A . n 
A 1 38  SER 38  38  38  SER SER A . n 
A 1 39  LEU 39  39  39  LEU LEU A . n 
A 1 40  ASN 40  40  40  ASN ASN A . n 
A 1 41  ALA 41  41  41  ALA ALA A . n 
A 1 42  ALA 42  42  42  ALA ALA A . n 
A 1 43  LYS 43  43  43  LYS LYS A . n 
A 1 44  SER 44  44  44  SER SER A . n 
A 1 45  GLU 45  45  45  GLU GLU A . n 
A 1 46  LEU 46  46  46  LEU LEU A . n 
A 1 47  ASP 47  47  47  ASP ASP A . n 
A 1 48  LYS 48  48  48  LYS LYS A . n 
A 1 49  ALA 49  49  49  ALA ALA A . n 
A 1 50  ILE 50  50  50  ILE ILE A . n 
A 1 51  GLY 51  51  51  GLY GLY A . n 
A 1 52  ARG 52  52  52  ARG ARG A . n 
A 1 53  ASN 53  53  53  ASN ASN A . n 
A 1 54  THR 54  54  54  THR THR A . n 
A 1 55  ASN 55  55  55  ASN ASN A . n 
A 1 56  GLY 56  56  56  GLY GLY A . n 
A 1 57  VAL 57  57  57  VAL VAL A . n 
A 1 58  ILE 58  58  58  ILE ILE A . n 
A 1 59  THR 59  59  59  THR THR A . n 
A 1 60  LYS 60  60  60  LYS LYS A . n 
A 1 61  ASP 61  61  61  ASP ASP A . n 
A 1 62  GLU 62  62  62  GLU GLU A . n 
A 1 63  ALA 63  63  63  ALA ALA A . n 
A 1 64  GLU 64  64  64  GLU GLU A . n 
A 1 65  LYS 65  65  65  LYS LYS A . n 
A 1 66  LEU 66  66  66  LEU LEU A . n 
A 1 67  PHE 67  67  67  PHE PHE A . n 
A 1 68  ASN 68  68  68  ASN ASN A . n 
A 1 69  GLN 69  69  69  GLN GLN A . n 
A 1 70  ASP 70  70  70  ASP ASP A . n 
A 1 71  VAL 71  71  71  VAL VAL A . n 
A 1 72  ASP 72  72  72  ASP ASP A . n 
A 1 73  ALA 73  73  73  ALA ALA A . n 
A 1 74  ALA 74  74  74  ALA ALA A . n 
A 1 75  VAL 75  75  75  VAL VAL A . n 
A 1 76  ARG 76  76  76  ARG ARG A . n 
A 1 77  GLY 77  77  77  GLY GLY A . n 
A 1 78  ILE 78  78  78  ILE ILE A . n 
A 1 79  LEU 79  79  79  LEU LEU A . n 
A 1 80  ARG 80  80  80  ARG ARG A . n 
A 1 81  ASN 81  81  81  ASN ASN A . n 
A 1 82  ALA 82  82  82  ALA ALA A . n 
A 1 83  LYS 83  83  83  LYS LYS A . n 
A 1 84  LEU 84  84  84  LEU LEU A . n 
A 1 85  LYS 85  85  85  LYS LYS A . n 
A 1 86  PRO 86  86  86  PRO PRO A . n 
A 1 87  VAL 87  87  87  VAL VAL A . n 
A 1 88  TYR 88  88  88  TYR TYR A . n 
A 1 89  ASP 89  89  89  ASP ASP A . n 
A 1 90  SER 90  90  90  SER SER A . n 
A 1 91  LEU 91  91  91  LEU LEU A . n 
A 1 92  ASP 92  92  92  ASP ASP A . n 
A 1 93  ALA 93  93  93  ALA ALA A . n 
A 1 94  VAL 94  94  94  VAL VAL A . n 
A 1 95  ARG 95  95  95  ARG ARG A . n 
A 1 96  ARG 96  96  96  ARG ARG A . n 
A 1 97  ALA 97  97  97  ALA ALA A . n 
A 1 98  ALA 98  98  98  ALA ALA A . n 
A 1 99  ALA 99  99  99  ALA ALA A . n 
A 1 100 ILE 100 100 100 ILE ILE A . n 
A 1 101 ASN 101 101 101 ASN ASN A . n 
A 1 102 MET 102 102 102 MET MET A . n 
A 1 103 VAL 103 103 103 VAL VAL A . n 
A 1 104 PHE 104 104 104 PHE PHE A . n 
A 1 105 GLN 105 105 105 GLN GLN A . n 
A 1 106 MET 106 106 106 MET MET A . n 
A 1 107 GLY 107 107 107 GLY GLY A . n 
A 1 108 GLU 108 108 108 GLU GLU A . n 
A 1 109 THR 109 109 109 THR THR A . n 
A 1 110 GLY 110 110 110 GLY GLY A . n 
A 1 111 VAL 111 111 111 VAL VAL A . n 
A 1 112 ALA 112 112 112 ALA ALA A . n 
A 1 113 GLY 113 113 113 GLY GLY A . n 
A 1 114 PHE 114 114 114 PHE PHE A . n 
A 1 115 THR 115 115 115 THR THR A . n 
A 1 116 ASN 116 116 116 ASN ASN A . n 
A 1 117 SER 117 117 117 SER SER A . n 
A 1 118 LEU 118 118 118 LEU LEU A . n 
A 1 119 ARG 119 119 119 ARG ARG A . n 
A 1 120 MET 120 120 120 MET MET A . n 
A 1 121 LEU 121 121 121 LEU LEU A . n 
A 1 122 GLN 122 122 122 GLN GLN A . n 
A 1 123 GLN 123 123 123 GLN GLN A . n 
A 1 124 LYS 124 124 124 LYS LYS A . n 
A 1 125 ARG 125 125 125 ARG ARG A . n 
A 1 126 TRP 126 126 126 TRP TRP A . n 
A 1 127 ASP 127 127 127 ASP ASP A . n 
A 1 128 GLU 128 128 128 GLU GLU A . n 
A 1 129 ALA 129 129 129 ALA ALA A . n 
A 1 130 ALA 130 130 130 ALA ALA A . n 
A 1 131 VAL 131 131 131 VAL VAL A . n 
A 1 132 ASN 132 132 132 ASN ASN A . n 
A 1 133 LEU 133 133 133 LEU LEU A . n 
A 1 134 ALA 134 134 134 ALA ALA A . n 
A 1 135 LYS 135 135 135 LYS LYS A . n 
A 1 136 SER 136 136 136 SER SER A . n 
A 1 137 ARG 137 137 137 ARG ARG A . n 
A 1 138 TRP 138 138 138 TRP TRP A . n 
A 1 139 TYR 139 139 139 TYR TYR A . n 
A 1 140 ASN 140 140 140 ASN ASN A . n 
A 1 141 GLN 141 141 141 GLN GLN A . n 
A 1 142 THR 142 142 142 THR THR A . n 
A 1 143 PRO 143 143 143 PRO PRO A . n 
A 1 144 ASN 144 144 144 ASN ASN A . n 
A 1 145 ARG 145 145 145 ARG ARG A . n 
A 1 146 ALA 146 146 146 ALA ALA A . n 
A 1 147 LYS 147 147 147 LYS LYS A . n 
A 1 148 ARG 148 148 148 ARG ARG A . n 
A 1 149 VAL 149 149 149 VAL VAL A . n 
A 1 150 ILE 150 150 150 ILE ILE A . n 
A 1 151 THR 151 151 151 THR THR A . n 
A 1 152 THR 152 152 152 THR THR A . n 
A 1 153 PHE 153 153 153 PHE PHE A . n 
A 1 154 ARG 154 154 154 ARG ARG A . n 
A 1 155 THR 155 155 155 THR THR A . n 
A 1 156 GLY 156 156 156 GLY GLY A . n 
A 1 157 THR 157 157 157 THR THR A . n 
A 1 158 TRP 158 158 158 TRP TRP A . n 
A 1 159 ASP 159 159 159 ASP ASP A . n 
A 1 160 ALA 160 160 160 ALA ALA A . n 
A 1 161 TYR 161 161 161 TYR TYR A . n 
A 1 162 LYS 162 162 162 LYS LYS A . n 
A 1 163 ASN 163 163 ?   ?   ?   A . n 
A 1 164 LEU 164 164 ?   ?   ?   A . n 
# 
loop_
_pdbx_nonpoly_scheme.asym_id 
_pdbx_nonpoly_scheme.entity_id 
_pdbx_nonpoly_scheme.mon_id 
_pdbx_nonpoly_scheme.ndb_seq_num 
_pdbx_nonpoly_scheme.pdb_seq_num 
_pdbx_nonpoly_scheme.auth_seq_num 
_pdbx_nonpoly_scheme.pdb_mon_id 
_pdbx_nonpoly_scheme.auth_mon_id 
_pdbx_nonpoly_scheme.pdb_strand_id 
_pdbx_nonpoly_scheme.pdb_ins_code 
B 2 CL  1   173 173 CL  CL  A . 
C 2 CL  1   178 178 CL  CL  A . 
D 3 HED 1   170 170 HED HED A . 
E 4 PXY 1   400 400 PXY PXY A . 
F 5 HOH 1   171 171 HOH HOH A . 
F 5 HOH 2   172 172 HOH HOH A . 
F 5 HOH 3   174 174 HOH HOH A . 
F 5 HOH 4   175 175 HOH HOH A . 
F 5 HOH 5   176 176 HOH HOH A . 
F 5 HOH 6   177 177 HOH HOH A . 
F 5 HOH 7   179 179 HOH HOH A . 
F 5 HOH 8   180 180 HOH HOH A . 
F 5 HOH 9   181 181 HOH HOH A . 
F 5 HOH 10  182 182 HOH HOH A . 
F 5 HOH 11  183 183 HOH HOH A . 
F 5 HOH 12  184 184 HOH HOH A . 
F 5 HOH 13  185 185 HOH HOH A . 
F 5 HOH 14  186 186 HOH HOH A . 
F 5 HOH 15  187 187 HOH HOH A . 
F 5 HOH 16  188 188 HOH HOH A . 
F 5 HOH 17  189 189 HOH HOH A . 
F 5 HOH 18  190 190 HOH HOH A . 
F 5 HOH 19  191 191 HOH HOH A . 
F 5 HOH 20  192 192 HOH HOH A . 
F 5 HOH 21  193 193 HOH HOH A . 
F 5 HOH 22  194 194 HOH HOH A . 
F 5 HOH 23  195 195 HOH HOH A . 
F 5 HOH 24  196 196 HOH HOH A . 
F 5 HOH 25  198 198 HOH HOH A . 
F 5 HOH 26  200 200 HOH HOH A . 
F 5 HOH 27  201 201 HOH HOH A . 
F 5 HOH 28  202 202 HOH HOH A . 
F 5 HOH 29  203 203 HOH HOH A . 
F 5 HOH 30  204 204 HOH HOH A . 
F 5 HOH 31  207 207 HOH HOH A . 
F 5 HOH 32  208 208 HOH HOH A . 
F 5 HOH 33  209 209 HOH HOH A . 
F 5 HOH 34  210 210 HOH HOH A . 
F 5 HOH 35  211 211 HOH HOH A . 
F 5 HOH 36  213 213 HOH HOH A . 
F 5 HOH 37  214 214 HOH HOH A . 
F 5 HOH 38  215 215 HOH HOH A . 
F 5 HOH 39  216 216 HOH HOH A . 
F 5 HOH 40  217 217 HOH HOH A . 
F 5 HOH 41  218 218 HOH HOH A . 
F 5 HOH 42  219 219 HOH HOH A . 
F 5 HOH 43  220 220 HOH HOH A . 
F 5 HOH 44  221 221 HOH HOH A . 
F 5 HOH 45  222 222 HOH HOH A . 
F 5 HOH 46  223 223 HOH HOH A . 
F 5 HOH 47  224 224 HOH HOH A . 
F 5 HOH 48  225 225 HOH HOH A . 
F 5 HOH 49  226 226 HOH HOH A . 
F 5 HOH 50  227 227 HOH HOH A . 
F 5 HOH 51  228 228 HOH HOH A . 
F 5 HOH 52  229 229 HOH HOH A . 
F 5 HOH 53  230 230 HOH HOH A . 
F 5 HOH 54  231 231 HOH HOH A . 
F 5 HOH 55  232 232 HOH HOH A . 
F 5 HOH 56  233 233 HOH HOH A . 
F 5 HOH 57  234 234 HOH HOH A . 
F 5 HOH 58  235 235 HOH HOH A . 
F 5 HOH 59  237 237 HOH HOH A . 
F 5 HOH 60  238 238 HOH HOH A . 
F 5 HOH 61  239 239 HOH HOH A . 
F 5 HOH 62  240 240 HOH HOH A . 
F 5 HOH 63  242 242 HOH HOH A . 
F 5 HOH 64  244 244 HOH HOH A . 
F 5 HOH 65  245 245 HOH HOH A . 
F 5 HOH 66  246 246 HOH HOH A . 
F 5 HOH 67  247 247 HOH HOH A . 
F 5 HOH 68  248 248 HOH HOH A . 
F 5 HOH 69  249 249 HOH HOH A . 
F 5 HOH 70  250 250 HOH HOH A . 
F 5 HOH 71  251 251 HOH HOH A . 
F 5 HOH 72  253 253 HOH HOH A . 
F 5 HOH 73  254 254 HOH HOH A . 
F 5 HOH 74  256 256 HOH HOH A . 
F 5 HOH 75  259 259 HOH HOH A . 
F 5 HOH 76  261 261 HOH HOH A . 
F 5 HOH 77  262 262 HOH HOH A . 
F 5 HOH 78  263 263 HOH HOH A . 
F 5 HOH 79  265 265 HOH HOH A . 
F 5 HOH 80  266 266 HOH HOH A . 
F 5 HOH 81  267 267 HOH HOH A . 
F 5 HOH 82  268 268 HOH HOH A . 
F 5 HOH 83  269 269 HOH HOH A . 
F 5 HOH 84  270 270 HOH HOH A . 
F 5 HOH 85  271 271 HOH HOH A . 
F 5 HOH 86  272 272 HOH HOH A . 
F 5 HOH 87  273 273 HOH HOH A . 
F 5 HOH 88  274 274 HOH HOH A . 
F 5 HOH 89  277 277 HOH HOH A . 
F 5 HOH 90  278 278 HOH HOH A . 
F 5 HOH 91  280 280 HOH HOH A . 
F 5 HOH 92  281 281 HOH HOH A . 
F 5 HOH 93  282 282 HOH HOH A . 
F 5 HOH 94  284 284 HOH HOH A . 
F 5 HOH 95  285 285 HOH HOH A . 
F 5 HOH 96  286 286 HOH HOH A . 
F 5 HOH 97  288 288 HOH HOH A . 
F 5 HOH 98  289 289 HOH HOH A . 
F 5 HOH 99  290 290 HOH HOH A . 
F 5 HOH 100 292 292 HOH HOH A . 
F 5 HOH 101 293 293 HOH HOH A . 
F 5 HOH 102 294 294 HOH HOH A . 
F 5 HOH 103 295 295 HOH HOH A . 
F 5 HOH 104 296 296 HOH HOH A . 
F 5 HOH 105 297 297 HOH HOH A . 
F 5 HOH 106 298 298 HOH HOH A . 
F 5 HOH 107 299 299 HOH HOH A . 
F 5 HOH 108 300 300 HOH HOH A . 
F 5 HOH 109 301 301 HOH HOH A . 
F 5 HOH 110 302 302 HOH HOH A . 
F 5 HOH 111 303 303 HOH HOH A . 
F 5 HOH 112 306 306 HOH HOH A . 
F 5 HOH 113 307 307 HOH HOH A . 
F 5 HOH 114 308 308 HOH HOH A . 
F 5 HOH 115 311 311 HOH HOH A . 
F 5 HOH 116 312 312 HOH HOH A . 
F 5 HOH 117 313 313 HOH HOH A . 
F 5 HOH 118 314 314 HOH HOH A . 
F 5 HOH 119 317 317 HOH HOH A . 
F 5 HOH 120 321 321 HOH HOH A . 
F 5 HOH 121 322 322 HOH HOH A . 
F 5 HOH 122 323 323 HOH HOH A . 
F 5 HOH 123 324 324 HOH HOH A . 
F 5 HOH 124 325 325 HOH HOH A . 
F 5 HOH 125 326 326 HOH HOH A . 
F 5 HOH 126 328 328 HOH HOH A . 
# 
_software.name             TNT 
_software.classification   refinement 
_software.version          . 
_software.citation_id      ? 
_software.pdbx_ordinal     1 
# 
_cell.entry_id           187L 
_cell.length_a           60.900 
_cell.length_b           60.900 
_cell.length_c           97.100 
_cell.angle_alpha        90.00 
_cell.angle_beta         90.00 
_cell.angle_gamma        120.00 
_cell.Z_PDB              6 
_cell.pdbx_unique_axis   ? 
_cell.length_a_esd       ? 
_cell.length_b_esd       ? 
_cell.length_c_esd       ? 
_cell.angle_alpha_esd    ? 
_cell.angle_beta_esd     ? 
_cell.angle_gamma_esd    ? 
# 
_symmetry.entry_id                         187L 
_symmetry.space_group_name_H-M             'P 32 2 1' 
_symmetry.pdbx_full_space_group_name_H-M   ? 
_symmetry.cell_setting                     ? 
_symmetry.Int_Tables_number                154 
_symmetry.space_group_name_Hall            ? 
# 
_exptl.entry_id          187L 
_exptl.method            'X-RAY DIFFRACTION' 
_exptl.crystals_number   ? 
# 
_exptl_crystal.id                    1 
_exptl_crystal.density_meas          ? 
_exptl_crystal.density_Matthews      2.78 
_exptl_crystal.density_percent_sol   55.72 
_exptl_crystal.description           ? 
_exptl_crystal.F_000                 ? 
_exptl_crystal.preparation           ? 
# 
_diffrn.id                     1 
_diffrn.ambient_temp           ? 
_diffrn.ambient_temp_details   ? 
_diffrn.crystal_id             1 
# 
_diffrn_radiation.diffrn_id                        1 
_diffrn_radiation.wavelength_id                    1 
_diffrn_radiation.pdbx_monochromatic_or_laue_m_l   ? 
_diffrn_radiation.monochromator                    ? 
_diffrn_radiation.pdbx_diffrn_protocol             ? 
_diffrn_radiation.pdbx_scattering_type             x-ray 
# 
_diffrn_radiation_wavelength.id           1 
_diffrn_radiation_wavelength.wavelength   . 
_diffrn_radiation_wavelength.wt           1.0 
# 
_refine.entry_id                                 187L 
_refine.ls_number_reflns_obs                     17279 
_refine.ls_number_reflns_all                     ? 
_refine.pdbx_ls_sigma_I                          ? 
_refine.pdbx_ls_sigma_F                          0.0 
_refine.pdbx_data_cutoff_high_absF               ? 
_refine.pdbx_data_cutoff_low_absF                ? 
_refine.pdbx_data_cutoff_high_rms_absF           ? 
_refine.ls_d_res_low                             20.0 
_refine.ls_d_res_high                            1.80 
_refine.ls_percent_reflns_obs                    ? 
_refine.ls_R_factor_obs                          0.1700000 
_refine.ls_R_factor_all                          ? 
_refine.ls_R_factor_R_work                       ? 
_refine.ls_R_factor_R_free                       ? 
_refine.ls_R_factor_R_free_error                 ? 
_refine.ls_R_factor_R_free_error_details         ? 
_refine.ls_percent_reflns_R_free                 ? 
_refine.ls_number_reflns_R_free                  ? 
_refine.ls_number_parameters                     ? 
_refine.ls_number_restraints                     ? 
_refine.occupancy_min                            ? 
_refine.occupancy_max                            ? 
_refine.B_iso_mean                               ? 
_refine.aniso_B[1][1]                            ? 
_refine.aniso_B[2][2]                            ? 
_refine.aniso_B[3][3]                            ? 
_refine.aniso_B[1][2]                            ? 
_refine.aniso_B[1][3]                            ? 
_refine.aniso_B[2][3]                            ? 
_refine.solvent_model_details                    ? 
_refine.solvent_model_param_ksol                 ? 
_refine.solvent_model_param_bsol                 ? 
_refine.pdbx_ls_cross_valid_method               ? 
_refine.details                                  ? 
_refine.pdbx_starting_model                      ? 
_refine.pdbx_method_to_determine_struct          ? 
_refine.pdbx_isotropic_thermal_model             ? 
_refine.pdbx_stereochemistry_target_values       ? 
_refine.pdbx_stereochem_target_val_spec_case     ? 
_refine.pdbx_R_Free_selection_details            ? 
_refine.pdbx_overall_ESU_R                       ? 
_refine.pdbx_overall_ESU_R_Free                  ? 
_refine.overall_SU_ML                            ? 
_refine.overall_SU_B                             ? 
_refine.pdbx_refine_id                           'X-RAY DIFFRACTION' 
_refine.ls_redundancy_reflns_obs                 ? 
_refine.pdbx_overall_phase_error                 ? 
_refine.B_iso_min                                ? 
_refine.B_iso_max                                ? 
_refine.correlation_coeff_Fo_to_Fc               ? 
_refine.correlation_coeff_Fo_to_Fc_free          ? 
_refine.pdbx_solvent_vdw_probe_radii             ? 
_refine.pdbx_solvent_ion_probe_radii             ? 
_refine.pdbx_solvent_shrinkage_radii             ? 
_refine.overall_SU_R_Cruickshank_DPI             ? 
_refine.overall_SU_R_free                        ? 
_refine.ls_wR_factor_R_free                      ? 
_refine.ls_wR_factor_R_work                      ? 
_refine.overall_FOM_free_R_set                   ? 
_refine.overall_FOM_work_R_set                   ? 
_refine.pdbx_diffrn_id                           1 
_refine.pdbx_TLS_residual_ADP_flag               ? 
_refine.pdbx_overall_SU_R_free_Cruickshank_DPI   ? 
_refine.pdbx_overall_SU_R_Blow_DPI               ? 
_refine.pdbx_overall_SU_R_free_Blow_DPI          ? 
# 
_refine_hist.pdbx_refine_id                   'X-RAY DIFFRACTION' 
_refine_hist.cycle_id                         LAST 
_refine_hist.pdbx_number_atoms_protein        1289 
_refine_hist.pdbx_number_atoms_nucleic_acid   0 
_refine_hist.pdbx_number_atoms_ligand         18 
_refine_hist.number_atoms_solvent             126 
_refine_hist.number_atoms_total               1433 
_refine_hist.d_res_high                       1.80 
_refine_hist.d_res_low                        20.0 
# 
loop_
_refine_ls_restr.type 
_refine_ls_restr.dev_ideal 
_refine_ls_restr.dev_ideal_target 
_refine_ls_restr.weight 
_refine_ls_restr.number 
_refine_ls_restr.pdbx_refine_id 
_refine_ls_restr.pdbx_restraint_function 
t_bond_d           0.016 ? ? ? 'X-RAY DIFFRACTION' ? 
t_angle_deg        2.0   ? ? ? 'X-RAY DIFFRACTION' ? 
t_dihedral_angle_d ?     ? ? ? 'X-RAY DIFFRACTION' ? 
t_incorr_chiral_ct ?     ? ? ? 'X-RAY DIFFRACTION' ? 
t_pseud_angle      ?     ? ? ? 'X-RAY DIFFRACTION' ? 
t_trig_c_planes    ?     ? ? ? 'X-RAY DIFFRACTION' ? 
t_gen_planes       ?     ? ? ? 'X-RAY DIFFRACTION' ? 
t_it               ?     ? ? ? 'X-RAY DIFFRACTION' ? 
t_nbd              ?     ? ? ? 'X-RAY DIFFRACTION' ? 
# 
_struct.entry_id                  187L 
_struct.title                     
'SPECIFICITY OF LIGAND BINDING IN A BURIED NON-POLAR CAVITY OF T4 LYSOZYME: LINKAGE OF DYNAMICS AND STRUCTURAL PLASTICITY' 
_struct.pdbx_model_details        ? 
_struct.pdbx_CASP_flag            ? 
_struct.pdbx_model_type_details   ? 
# 
_struct_keywords.entry_id        187L 
_struct_keywords.pdbx_keywords   'HYDROLASE (O-GLYCOSYL)' 
_struct_keywords.text            'HYDROLASE (O-GLYCOSYL)' 
# 
loop_
_struct_asym.id 
_struct_asym.pdbx_blank_PDB_chainid_flag 
_struct_asym.pdbx_modified 
_struct_asym.entity_id 
_struct_asym.details 
A N N 1 ? 
B N N 2 ? 
C N N 2 ? 
D N N 3 ? 
E N N 4 ? 
F N N 5 ? 
# 
_struct_ref.id                         1 
_struct_ref.db_name                    UNP 
_struct_ref.db_code                    LYS_BPT4 
_struct_ref.entity_id                  1 
_struct_ref.pdbx_db_accession          P00720 
_struct_ref.pdbx_align_begin           1 
_struct_ref.pdbx_seq_one_letter_code   
;MNIFEMLRIDEGLRLKIYKDTEGYYTIGIGHLLTKSPSLNAAKSELDKAIGRNCNGVITKDEAEKLFNQDVDAAVRGILR
NAKLKPVYDSLDAVRRCALINMVFQMGETGVAGFTNSLRMLQQKRWDEAAVNLAKSRWYNQTPNRAKRVITTFRTGTWDA
YKNL
;
_struct_ref.pdbx_db_isoform            ? 
# 
_struct_ref_seq.align_id                      1 
_struct_ref_seq.ref_id                        1 
_struct_ref_seq.pdbx_PDB_id_code              187L 
_struct_ref_seq.pdbx_strand_id                A 
_struct_ref_seq.seq_align_beg                 1 
_struct_ref_seq.pdbx_seq_align_beg_ins_code   ? 
_struct_ref_seq.seq_align_end                 164 
_struct_ref_seq.pdbx_seq_align_end_ins_code   ? 
_struct_ref_seq.pdbx_db_accession             P00720 
_struct_ref_seq.db_align_beg                  1 
_struct_ref_seq.pdbx_db_align_beg_ins_code    ? 
_struct_ref_seq.db_align_end                  164 
_struct_ref_seq.pdbx_db_align_end_ins_code    ? 
_struct_ref_seq.pdbx_auth_seq_align_beg       1 
_struct_ref_seq.pdbx_auth_seq_align_end       164 
# 
loop_
_struct_ref_seq_dif.align_id 
_struct_ref_seq_dif.pdbx_pdb_id_code 
_struct_ref_seq_dif.mon_id 
_struct_ref_seq_dif.pdbx_pdb_strand_id 
_struct_ref_seq_dif.seq_num 
_struct_ref_seq_dif.pdbx_pdb_ins_code 
_struct_ref_seq_dif.pdbx_seq_db_name 
_struct_ref_seq_dif.pdbx_seq_db_accession_code 
_struct_ref_seq_dif.db_mon_id 
_struct_ref_seq_dif.pdbx_seq_db_seq_num 
_struct_ref_seq_dif.details 
_struct_ref_seq_dif.pdbx_auth_seq_num 
_struct_ref_seq_dif.pdbx_ordinal 
1 187L THR A 54 ? UNP P00720 CYS 54 conflict 54 1 
1 187L ALA A 97 ? UNP P00720 CYS 97 conflict 97 2 
1 187L ALA A 99 ? UNP P00720 LEU 99 conflict 99 3 
# 
_pdbx_struct_assembly.id                   1 
_pdbx_struct_assembly.details              author_defined_assembly 
_pdbx_struct_assembly.method_details       ? 
_pdbx_struct_assembly.oligomeric_details   monomeric 
_pdbx_struct_assembly.oligomeric_count     1 
# 
_pdbx_struct_assembly_gen.assembly_id       1 
_pdbx_struct_assembly_gen.oper_expression   1 
_pdbx_struct_assembly_gen.asym_id_list      A,B,C,D,E,F 
# 
_pdbx_struct_oper_list.id                   1 
_pdbx_struct_oper_list.type                 'identity operation' 
_pdbx_struct_oper_list.name                 1_555 
_pdbx_struct_oper_list.symmetry_operation   x,y,z 
_pdbx_struct_oper_list.matrix[1][1]         1.0000000000 
_pdbx_struct_oper_list.matrix[1][2]         0.0000000000 
_pdbx_struct_oper_list.matrix[1][3]         0.0000000000 
_pdbx_struct_oper_list.vector[1]            0.0000000000 
_pdbx_struct_oper_list.matrix[2][1]         0.0000000000 
_pdbx_struct_oper_list.matrix[2][2]         1.0000000000 
_pdbx_struct_oper_list.matrix[2][3]         0.0000000000 
_pdbx_struct_oper_list.vector[2]            0.0000000000 
_pdbx_struct_oper_list.matrix[3][1]         0.0000000000 
_pdbx_struct_oper_list.matrix[3][2]         0.0000000000 
_pdbx_struct_oper_list.matrix[3][3]         1.0000000000 
_pdbx_struct_oper_list.vector[3]            0.0000000000 
# 
_struct_biol.id        1 
_struct_biol.details   ? 
# 
loop_
_struct_conf.conf_type_id 
_struct_conf.id 
_struct_conf.pdbx_PDB_helix_id 
_struct_conf.beg_label_comp_id 
_struct_conf.beg_label_asym_id 
_struct_conf.beg_label_seq_id 
_struct_conf.pdbx_beg_PDB_ins_code 
_struct_conf.end_label_comp_id 
_struct_conf.end_label_asym_id 
_struct_conf.end_label_seq_id 
_struct_conf.pdbx_end_PDB_ins_code 
_struct_conf.beg_auth_comp_id 
_struct_conf.beg_auth_asym_id 
_struct_conf.beg_auth_seq_id 
_struct_conf.end_auth_comp_id 
_struct_conf.end_auth_asym_id 
_struct_conf.end_auth_seq_id 
_struct_conf.pdbx_PDB_helix_class 
_struct_conf.details 
_struct_conf.pdbx_PDB_helix_length 
HELX_P HELX_P1  H1  ILE A 3   ? GLU A 11  ? ILE A 3   GLU A 11  1 ?                        9  
HELX_P HELX_P2  H2  LEU A 39  ? ILE A 50  ? LEU A 39  ILE A 50  1 ?                        12 
HELX_P HELX_P3  H3  LYS A 60  ? ARG A 80  ? LYS A 60  ARG A 80  1 ?                        21 
HELX_P HELX_P4  H4  ALA A 82  ? SER A 90  ? ALA A 82  SER A 90  1 ?                        9  
HELX_P HELX_P5  H5  ALA A 93  ? MET A 106 ? ALA A 93  MET A 106 1 ?                        14 
HELX_P HELX_P6  H6  GLU A 108 ? GLY A 113 ? GLU A 108 GLY A 113 1 'SEE REF. 1 FOR DETAILS' 6  
HELX_P HELX_P7  H7  THR A 115 ? GLN A 123 ? THR A 115 GLN A 123 1 ?                        9  
HELX_P HELX_P8  H8  TRP A 126 ? ALA A 134 ? TRP A 126 ALA A 134 1 ?                        9  
HELX_P HELX_P9  H9  ARG A 137 ? GLN A 141 ? ARG A 137 GLN A 141 1 ?                        5  
HELX_P HELX_P10 H10 PRO A 143 ? THR A 155 ? PRO A 143 THR A 155 1 ?                        13 
# 
_struct_conf_type.id          HELX_P 
_struct_conf_type.criteria    ? 
_struct_conf_type.reference   ? 
# 
_struct_sheet.id               A 
_struct_sheet.type             ? 
_struct_sheet.number_strands   2 
_struct_sheet.details          ? 
# 
_struct_sheet_order.sheet_id     A 
_struct_sheet_order.range_id_1   1 
_struct_sheet_order.range_id_2   2 
_struct_sheet_order.offset       ? 
_struct_sheet_order.sense        anti-parallel 
# 
loop_
_struct_sheet_range.sheet_id 
_struct_sheet_range.id 
_struct_sheet_range.beg_label_comp_id 
_struct_sheet_range.beg_label_asym_id 
_struct_sheet_range.beg_label_seq_id 
_struct_sheet_range.pdbx_beg_PDB_ins_code 
_struct_sheet_range.end_label_comp_id 
_struct_sheet_range.end_label_asym_id 
_struct_sheet_range.end_label_seq_id 
_struct_sheet_range.pdbx_end_PDB_ins_code 
_struct_sheet_range.beg_auth_comp_id 
_struct_sheet_range.beg_auth_asym_id 
_struct_sheet_range.beg_auth_seq_id 
_struct_sheet_range.end_auth_comp_id 
_struct_sheet_range.end_auth_asym_id 
_struct_sheet_range.end_auth_seq_id 
A 1 TYR A 25 ? ILE A 27 ? TYR A 25 ILE A 27 
A 2 HIS A 31 ? THR A 34 ? HIS A 31 THR A 34 
# 
_pdbx_struct_sheet_hbond.sheet_id                A 
_pdbx_struct_sheet_hbond.range_id_1              1 
_pdbx_struct_sheet_hbond.range_id_2              2 
_pdbx_struct_sheet_hbond.range_1_label_atom_id   O 
_pdbx_struct_sheet_hbond.range_1_label_comp_id   TYR 
_pdbx_struct_sheet_hbond.range_1_label_asym_id   A 
_pdbx_struct_sheet_hbond.range_1_label_seq_id    25 
_pdbx_struct_sheet_hbond.range_1_PDB_ins_code    ? 
_pdbx_struct_sheet_hbond.range_1_auth_atom_id    O 
_pdbx_struct_sheet_hbond.range_1_auth_comp_id    TYR 
_pdbx_struct_sheet_hbond.range_1_auth_asym_id    A 
_pdbx_struct_sheet_hbond.range_1_auth_seq_id     25 
_pdbx_struct_sheet_hbond.range_2_label_atom_id   N 
_pdbx_struct_sheet_hbond.range_2_label_comp_id   THR 
_pdbx_struct_sheet_hbond.range_2_label_asym_id   A 
_pdbx_struct_sheet_hbond.range_2_label_seq_id    34 
_pdbx_struct_sheet_hbond.range_2_PDB_ins_code    ? 
_pdbx_struct_sheet_hbond.range_2_auth_atom_id    N 
_pdbx_struct_sheet_hbond.range_2_auth_comp_id    THR 
_pdbx_struct_sheet_hbond.range_2_auth_asym_id    A 
_pdbx_struct_sheet_hbond.range_2_auth_seq_id     34 
# 
loop_
_struct_site.id 
_struct_site.pdbx_evidence_code 
_struct_site.pdbx_auth_asym_id 
_struct_site.pdbx_auth_comp_id 
_struct_site.pdbx_auth_seq_id 
_struct_site.pdbx_auth_ins_code 
_struct_site.pdbx_num_residues 
_struct_site.details 
99A Unknown  ? ?   ?   ? 17 ?                                    
AC1 Software A CL  173 ? 5  'BINDING SITE FOR RESIDUE CL A 173'  
AC2 Software A CL  178 ? 1  'BINDING SITE FOR RESIDUE CL A 178'  
AC3 Software A HED 170 ? 5  'BINDING SITE FOR RESIDUE HED A 170' 
AC4 Software A PXY 400 ? 3  'BINDING SITE FOR RESIDUE PXY A 400' 
# 
loop_
_struct_site_gen.id 
_struct_site_gen.site_id 
_struct_site_gen.pdbx_num_res 
_struct_site_gen.label_comp_id 
_struct_site_gen.label_asym_id 
_struct_site_gen.label_seq_id 
_struct_site_gen.pdbx_auth_ins_code 
_struct_site_gen.auth_comp_id 
_struct_site_gen.auth_asym_id 
_struct_site_gen.auth_seq_id 
_struct_site_gen.label_atom_id 
_struct_site_gen.label_alt_id 
_struct_site_gen.symmetry 
_struct_site_gen.details 
1  99A 17 ILE A 78  ? ILE A 78  . ? 1_555 ? 
2  99A 17 LEU A 84  ? LEU A 84  . ? 1_555 ? 
3  99A 17 VAL A 87  ? VAL A 87  . ? 1_555 ? 
4  99A 17 TYR A 88  ? TYR A 88  . ? 1_555 ? 
5  99A 17 ALA A 99  ? ALA A 99  . ? 1_555 ? 
6  99A 17 MET A 102 ? MET A 102 . ? 1_555 ? 
7  99A 17 VAL A 103 ? VAL A 103 . ? 1_555 ? 
8  99A 17 THR A 109 ? THR A 109 . ? 1_555 ? 
9  99A 17 GLY A 110 ? GLY A 110 . ? 1_555 ? 
10 99A 17 VAL A 111 ? VAL A 111 . ? 1_555 ? 
11 99A 17 ALA A 112 ? ALA A 112 . ? 1_555 ? 
12 99A 17 GLY A 113 ? GLY A 113 . ? 1_555 ? 
13 99A 17 PHE A 114 ? PHE A 114 . ? 1_555 ? 
14 99A 17 LEU A 118 ? LEU A 118 . ? 1_555 ? 
15 99A 17 LEU A 121 ? LEU A 121 . ? 1_555 ? 
16 99A 17 LEU A 133 ? LEU A 133 . ? 1_555 ? 
17 99A 17 PHE A 153 ? PHE A 153 . ? 1_555 ? 
18 AC1 5  LYS A 124 ? LYS A 124 . ? 1_555 ? 
19 AC1 5  THR A 142 ? THR A 142 . ? 1_555 ? 
20 AC1 5  ASN A 144 ? ASN A 144 . ? 1_555 ? 
21 AC1 5  ARG A 145 ? ARG A 145 . ? 1_555 ? 
22 AC1 5  HOH F .   ? HOH A 209 . ? 1_555 ? 
23 AC2 1  LYS A 135 ? LYS A 135 . ? 1_555 ? 
24 AC3 5  ASN A 68  ? ASN A 68  . ? 1_555 ? 
25 AC3 5  ASP A 72  ? ASP A 72  . ? 1_555 ? 
26 AC3 5  ALA A 93  ? ALA A 93  . ? 1_555 ? 
27 AC3 5  ILE A 100 ? ILE A 100 . ? 1_555 ? 
28 AC3 5  HOH F .   ? HOH A 195 . ? 1_555 ? 
29 AC4 3  ALA A 99  ? ALA A 99  . ? 1_555 ? 
30 AC4 3  MET A 102 ? MET A 102 . ? 1_555 ? 
31 AC4 3  LEU A 118 ? LEU A 118 . ? 1_555 ? 
# 
_pdbx_validate_symm_contact.id                1 
_pdbx_validate_symm_contact.PDB_model_num     1 
_pdbx_validate_symm_contact.auth_atom_id_1    O1 
_pdbx_validate_symm_contact.auth_asym_id_1    A 
_pdbx_validate_symm_contact.auth_comp_id_1    HED 
_pdbx_validate_symm_contact.auth_seq_id_1     170 
_pdbx_validate_symm_contact.PDB_ins_code_1    ? 
_pdbx_validate_symm_contact.label_alt_id_1    ? 
_pdbx_validate_symm_contact.site_symmetry_1   1_555 
_pdbx_validate_symm_contact.auth_atom_id_2    O1 
_pdbx_validate_symm_contact.auth_asym_id_2    A 
_pdbx_validate_symm_contact.auth_comp_id_2    HED 
_pdbx_validate_symm_contact.auth_seq_id_2     170 
_pdbx_validate_symm_contact.PDB_ins_code_2    ? 
_pdbx_validate_symm_contact.label_alt_id_2    ? 
_pdbx_validate_symm_contact.site_symmetry_2   5_555 
_pdbx_validate_symm_contact.dist              1.72 
# 
loop_
_pdbx_validate_rmsd_bond.id 
_pdbx_validate_rmsd_bond.PDB_model_num 
_pdbx_validate_rmsd_bond.auth_atom_id_1 
_pdbx_validate_rmsd_bond.auth_asym_id_1 
_pdbx_validate_rmsd_bond.auth_comp_id_1 
_pdbx_validate_rmsd_bond.auth_seq_id_1 
_pdbx_validate_rmsd_bond.PDB_ins_code_1 
_pdbx_validate_rmsd_bond.label_alt_id_1 
_pdbx_validate_rmsd_bond.auth_atom_id_2 
_pdbx_validate_rmsd_bond.auth_asym_id_2 
_pdbx_validate_rmsd_bond.auth_comp_id_2 
_pdbx_validate_rmsd_bond.auth_seq_id_2 
_pdbx_validate_rmsd_bond.PDB_ins_code_2 
_pdbx_validate_rmsd_bond.label_alt_id_2 
_pdbx_validate_rmsd_bond.bond_value 
_pdbx_validate_rmsd_bond.bond_target_value 
_pdbx_validate_rmsd_bond.bond_deviation 
_pdbx_validate_rmsd_bond.bond_standard_deviation 
_pdbx_validate_rmsd_bond.linker_flag 
1 1 CD A GLU 5  ? ? OE2 A GLU 5  ? ? 1.320 1.252 0.068 0.011 N 
2 1 CD A GLU 22 ? ? OE1 A GLU 22 ? ? 1.318 1.252 0.066 0.011 N 
# 
loop_
_pdbx_validate_rmsd_angle.id 
_pdbx_validate_rmsd_angle.PDB_model_num 
_pdbx_validate_rmsd_angle.auth_atom_id_1 
_pdbx_validate_rmsd_angle.auth_asym_id_1 
_pdbx_validate_rmsd_angle.auth_comp_id_1 
_pdbx_validate_rmsd_angle.auth_seq_id_1 
_pdbx_validate_rmsd_angle.PDB_ins_code_1 
_pdbx_validate_rmsd_angle.label_alt_id_1 
_pdbx_validate_rmsd_angle.auth_atom_id_2 
_pdbx_validate_rmsd_angle.auth_asym_id_2 
_pdbx_validate_rmsd_angle.auth_comp_id_2 
_pdbx_validate_rmsd_angle.auth_seq_id_2 
_pdbx_validate_rmsd_angle.PDB_ins_code_2 
_pdbx_validate_rmsd_angle.label_alt_id_2 
_pdbx_validate_rmsd_angle.auth_atom_id_3 
_pdbx_validate_rmsd_angle.auth_asym_id_3 
_pdbx_validate_rmsd_angle.auth_comp_id_3 
_pdbx_validate_rmsd_angle.auth_seq_id_3 
_pdbx_validate_rmsd_angle.PDB_ins_code_3 
_pdbx_validate_rmsd_angle.label_alt_id_3 
_pdbx_validate_rmsd_angle.angle_value 
_pdbx_validate_rmsd_angle.angle_target_value 
_pdbx_validate_rmsd_angle.angle_deviation 
_pdbx_validate_rmsd_angle.angle_standard_deviation 
_pdbx_validate_rmsd_angle.linker_flag 
1  1 NE A ARG 8   ? ? CZ A ARG 8   ? ? NH1 A ARG 8   ? ? 125.27 120.30 4.97  0.50 N 
2  1 CB A ASP 10  ? ? CG A ASP 10  ? ? OD2 A ASP 10  ? ? 112.84 118.30 -5.46 0.90 N 
3  1 CB A ASP 47  ? ? CG A ASP 47  ? ? OD1 A ASP 47  ? ? 126.49 118.30 8.19  0.90 N 
4  1 CB A ASP 47  ? ? CG A ASP 47  ? ? OD2 A ASP 47  ? ? 111.11 118.30 -7.19 0.90 N 
5  1 CB A ASP 70  ? ? CG A ASP 70  ? ? OD1 A ASP 70  ? ? 123.71 118.30 5.41  0.90 N 
6  1 CB A ASP 70  ? ? CG A ASP 70  ? ? OD2 A ASP 70  ? ? 111.42 118.30 -6.88 0.90 N 
7  1 CB A ASP 72  ? ? CG A ASP 72  ? ? OD2 A ASP 72  ? ? 123.74 118.30 5.44  0.90 N 
8  1 NE A ARG 76  ? ? CZ A ARG 76  ? ? NH1 A ARG 76  ? ? 123.32 120.30 3.02  0.50 N 
9  1 NE A ARG 80  ? ? CZ A ARG 80  ? ? NH1 A ARG 80  ? ? 123.39 120.30 3.09  0.50 N 
10 1 CB A ASP 89  ? ? CG A ASP 89  ? ? OD1 A ASP 89  ? ? 112.34 118.30 -5.96 0.90 N 
11 1 CB A ASP 92  ? ? CG A ASP 92  ? ? OD1 A ASP 92  ? ? 111.70 118.30 -6.60 0.90 N 
12 1 CB A ASP 127 ? ? CG A ASP 127 ? ? OD1 A ASP 127 ? ? 125.76 118.30 7.46  0.90 N 
13 1 CB A ASP 127 ? ? CG A ASP 127 ? ? OD2 A ASP 127 ? ? 112.71 118.30 -5.59 0.90 N 
14 1 NE A ARG 145 ? ? CZ A ARG 145 ? ? NH1 A ARG 145 ? ? 116.35 120.30 -3.95 0.50 N 
# 
loop_
_pdbx_validate_torsion.id 
_pdbx_validate_torsion.PDB_model_num 
_pdbx_validate_torsion.auth_comp_id 
_pdbx_validate_torsion.auth_asym_id 
_pdbx_validate_torsion.auth_seq_id 
_pdbx_validate_torsion.PDB_ins_code 
_pdbx_validate_torsion.label_alt_id 
_pdbx_validate_torsion.phi 
_pdbx_validate_torsion.psi 
1 1 ILE A 29  ? ? -104.92 71.84 
2 1 PHE A 114 ? ? -106.67 40.17 
# 
loop_
_pdbx_unobs_or_zero_occ_residues.id 
_pdbx_unobs_or_zero_occ_residues.PDB_model_num 
_pdbx_unobs_or_zero_occ_residues.polymer_flag 
_pdbx_unobs_or_zero_occ_residues.occupancy_flag 
_pdbx_unobs_or_zero_occ_residues.auth_asym_id 
_pdbx_unobs_or_zero_occ_residues.auth_comp_id 
_pdbx_unobs_or_zero_occ_residues.auth_seq_id 
_pdbx_unobs_or_zero_occ_residues.PDB_ins_code 
_pdbx_unobs_or_zero_occ_residues.label_asym_id 
_pdbx_unobs_or_zero_occ_residues.label_comp_id 
_pdbx_unobs_or_zero_occ_residues.label_seq_id 
1 1 Y 1 A ASN 163 ? A ASN 163 
2 1 Y 1 A LEU 164 ? A LEU 164 
# 
loop_
_chem_comp_atom.comp_id 
_chem_comp_atom.atom_id 
_chem_comp_atom.type_symbol 
_chem_comp_atom.pdbx_aromatic_flag 
_chem_comp_atom.pdbx_stereo_config 
_chem_comp_atom.pdbx_ordinal 
ALA N      N  N N 1   
ALA CA     C  N S 2   
ALA C      C  N N 3   
ALA O      O  N N 4   
ALA CB     C  N N 5   
ALA OXT    O  N N 6   
ALA H      H  N N 7   
ALA H2     H  N N 8   
ALA HA     H  N N 9   
ALA HB1    H  N N 10  
ALA HB2    H  N N 11  
ALA HB3    H  N N 12  
ALA HXT    H  N N 13  
ARG N      N  N N 14  
ARG CA     C  N S 15  
ARG C      C  N N 16  
ARG O      O  N N 17  
ARG CB     C  N N 18  
ARG CG     C  N N 19  
ARG CD     C  N N 20  
ARG NE     N  N N 21  
ARG CZ     C  N N 22  
ARG NH1    N  N N 23  
ARG NH2    N  N N 24  
ARG OXT    O  N N 25  
ARG H      H  N N 26  
ARG H2     H  N N 27  
ARG HA     H  N N 28  
ARG HB2    H  N N 29  
ARG HB3    H  N N 30  
ARG HG2    H  N N 31  
ARG HG3    H  N N 32  
ARG HD2    H  N N 33  
ARG HD3    H  N N 34  
ARG HE     H  N N 35  
ARG HH11   H  N N 36  
ARG HH12   H  N N 37  
ARG HH21   H  N N 38  
ARG HH22   H  N N 39  
ARG HXT    H  N N 40  
ASN N      N  N N 41  
ASN CA     C  N S 42  
ASN C      C  N N 43  
ASN O      O  N N 44  
ASN CB     C  N N 45  
ASN CG     C  N N 46  
ASN OD1    O  N N 47  
ASN ND2    N  N N 48  
ASN OXT    O  N N 49  
ASN H      H  N N 50  
ASN H2     H  N N 51  
ASN HA     H  N N 52  
ASN HB2    H  N N 53  
ASN HB3    H  N N 54  
ASN HD21   H  N N 55  
ASN HD22   H  N N 56  
ASN HXT    H  N N 57  
ASP N      N  N N 58  
ASP CA     C  N S 59  
ASP C      C  N N 60  
ASP O      O  N N 61  
ASP CB     C  N N 62  
ASP CG     C  N N 63  
ASP OD1    O  N N 64  
ASP OD2    O  N N 65  
ASP OXT    O  N N 66  
ASP H      H  N N 67  
ASP H2     H  N N 68  
ASP HA     H  N N 69  
ASP HB2    H  N N 70  
ASP HB3    H  N N 71  
ASP HD2    H  N N 72  
ASP HXT    H  N N 73  
CL  CL     CL N N 74  
CYS N      N  N N 75  
CYS CA     C  N R 76  
CYS C      C  N N 77  
CYS O      O  N N 78  
CYS CB     C  N N 79  
CYS SG     S  N N 80  
CYS OXT    O  N N 81  
CYS H      H  N N 82  
CYS H2     H  N N 83  
CYS HA     H  N N 84  
CYS HB2    H  N N 85  
CYS HB3    H  N N 86  
CYS HG     H  N N 87  
CYS HXT    H  N N 88  
GLN N      N  N N 89  
GLN CA     C  N S 90  
GLN C      C  N N 91  
GLN O      O  N N 92  
GLN CB     C  N N 93  
GLN CG     C  N N 94  
GLN CD     C  N N 95  
GLN OE1    O  N N 96  
GLN NE2    N  N N 97  
GLN OXT    O  N N 98  
GLN H      H  N N 99  
GLN H2     H  N N 100 
GLN HA     H  N N 101 
GLN HB2    H  N N 102 
GLN HB3    H  N N 103 
GLN HG2    H  N N 104 
GLN HG3    H  N N 105 
GLN HE21   H  N N 106 
GLN HE22   H  N N 107 
GLN HXT    H  N N 108 
GLU N      N  N N 109 
GLU CA     C  N S 110 
GLU C      C  N N 111 
GLU O      O  N N 112 
GLU CB     C  N N 113 
GLU CG     C  N N 114 
GLU CD     C  N N 115 
GLU OE1    O  N N 116 
GLU OE2    O  N N 117 
GLU OXT    O  N N 118 
GLU H      H  N N 119 
GLU H2     H  N N 120 
GLU HA     H  N N 121 
GLU HB2    H  N N 122 
GLU HB3    H  N N 123 
GLU HG2    H  N N 124 
GLU HG3    H  N N 125 
GLU HE2    H  N N 126 
GLU HXT    H  N N 127 
GLY N      N  N N 128 
GLY CA     C  N N 129 
GLY C      C  N N 130 
GLY O      O  N N 131 
GLY OXT    O  N N 132 
GLY H      H  N N 133 
GLY H2     H  N N 134 
GLY HA2    H  N N 135 
GLY HA3    H  N N 136 
GLY HXT    H  N N 137 
HED C1     C  N N 138 
HED O1     O  N N 139 
HED C2     C  N N 140 
HED S3     S  N N 141 
HED S4     S  N N 142 
HED C5     C  N N 143 
HED C6     C  N N 144 
HED O6     O  N N 145 
HED H11    H  N N 146 
HED H12    H  N N 147 
HED HO1    H  N N 148 
HED H21    H  N N 149 
HED H22    H  N N 150 
HED H51    H  N N 151 
HED H52    H  N N 152 
HED H61    H  N N 153 
HED H62    H  N N 154 
HED HO6    H  N N 155 
HIS N      N  N N 156 
HIS CA     C  N S 157 
HIS C      C  N N 158 
HIS O      O  N N 159 
HIS CB     C  N N 160 
HIS CG     C  Y N 161 
HIS ND1    N  Y N 162 
HIS CD2    C  Y N 163 
HIS CE1    C  Y N 164 
HIS NE2    N  Y N 165 
HIS OXT    O  N N 166 
HIS H      H  N N 167 
HIS H2     H  N N 168 
HIS HA     H  N N 169 
HIS HB2    H  N N 170 
HIS HB3    H  N N 171 
HIS HD1    H  N N 172 
HIS HD2    H  N N 173 
HIS HE1    H  N N 174 
HIS HE2    H  N N 175 
HIS HXT    H  N N 176 
HOH O      O  N N 177 
HOH H1     H  N N 178 
HOH H2     H  N N 179 
ILE N      N  N N 180 
ILE CA     C  N S 181 
ILE C      C  N N 182 
ILE O      O  N N 183 
ILE CB     C  N S 184 
ILE CG1    C  N N 185 
ILE CG2    C  N N 186 
ILE CD1    C  N N 187 
ILE OXT    O  N N 188 
ILE H      H  N N 189 
ILE H2     H  N N 190 
ILE HA     H  N N 191 
ILE HB     H  N N 192 
ILE HG12   H  N N 193 
ILE HG13   H  N N 194 
ILE HG21   H  N N 195 
ILE HG22   H  N N 196 
ILE HG23   H  N N 197 
ILE HD11   H  N N 198 
ILE HD12   H  N N 199 
ILE HD13   H  N N 200 
ILE HXT    H  N N 201 
LEU N      N  N N 202 
LEU CA     C  N S 203 
LEU C      C  N N 204 
LEU O      O  N N 205 
LEU CB     C  N N 206 
LEU CG     C  N N 207 
LEU CD1    C  N N 208 
LEU CD2    C  N N 209 
LEU OXT    O  N N 210 
LEU H      H  N N 211 
LEU H2     H  N N 212 
LEU HA     H  N N 213 
LEU HB2    H  N N 214 
LEU HB3    H  N N 215 
LEU HG     H  N N 216 
LEU HD11   H  N N 217 
LEU HD12   H  N N 218 
LEU HD13   H  N N 219 
LEU HD21   H  N N 220 
LEU HD22   H  N N 221 
LEU HD23   H  N N 222 
LEU HXT    H  N N 223 
LYS N      N  N N 224 
LYS CA     C  N S 225 
LYS C      C  N N 226 
LYS O      O  N N 227 
LYS CB     C  N N 228 
LYS CG     C  N N 229 
LYS CD     C  N N 230 
LYS CE     C  N N 231 
LYS NZ     N  N N 232 
LYS OXT    O  N N 233 
LYS H      H  N N 234 
LYS H2     H  N N 235 
LYS HA     H  N N 236 
LYS HB2    H  N N 237 
LYS HB3    H  N N 238 
LYS HG2    H  N N 239 
LYS HG3    H  N N 240 
LYS HD2    H  N N 241 
LYS HD3    H  N N 242 
LYS HE2    H  N N 243 
LYS HE3    H  N N 244 
LYS HZ1    H  N N 245 
LYS HZ2    H  N N 246 
LYS HZ3    H  N N 247 
LYS HXT    H  N N 248 
MET N      N  N N 249 
MET CA     C  N S 250 
MET C      C  N N 251 
MET O      O  N N 252 
MET CB     C  N N 253 
MET CG     C  N N 254 
MET SD     S  N N 255 
MET CE     C  N N 256 
MET OXT    O  N N 257 
MET H      H  N N 258 
MET H2     H  N N 259 
MET HA     H  N N 260 
MET HB2    H  N N 261 
MET HB3    H  N N 262 
MET HG2    H  N N 263 
MET HG3    H  N N 264 
MET HE1    H  N N 265 
MET HE2    H  N N 266 
MET HE3    H  N N 267 
MET HXT    H  N N 268 
PHE N      N  N N 269 
PHE CA     C  N S 270 
PHE C      C  N N 271 
PHE O      O  N N 272 
PHE CB     C  N N 273 
PHE CG     C  Y N 274 
PHE CD1    C  Y N 275 
PHE CD2    C  Y N 276 
PHE CE1    C  Y N 277 
PHE CE2    C  Y N 278 
PHE CZ     C  Y N 279 
PHE OXT    O  N N 280 
PHE H      H  N N 281 
PHE H2     H  N N 282 
PHE HA     H  N N 283 
PHE HB2    H  N N 284 
PHE HB3    H  N N 285 
PHE HD1    H  N N 286 
PHE HD2    H  N N 287 
PHE HE1    H  N N 288 
PHE HE2    H  N N 289 
PHE HZ     H  N N 290 
PHE HXT    H  N N 291 
PRO N      N  N N 292 
PRO CA     C  N S 293 
PRO C      C  N N 294 
PRO O      O  N N 295 
PRO CB     C  N N 296 
PRO CG     C  N N 297 
PRO CD     C  N N 298 
PRO OXT    O  N N 299 
PRO H      H  N N 300 
PRO HA     H  N N 301 
PRO HB2    H  N N 302 
PRO HB3    H  N N 303 
PRO HG2    H  N N 304 
PRO HG3    H  N N 305 
PRO HD2    H  N N 306 
PRO HD3    H  N N 307 
PRO HXT    H  N N 308 
PXY C1     C  Y N 309 
PXY C2     C  Y N 310 
PXY C3     C  Y N 311 
PXY C4     C  Y N 312 
PXY C5     C  Y N 313 
PXY C6     C  Y N 314 
PXY "C1'"  C  N N 315 
PXY "C4'"  C  N N 316 
PXY H2     H  N N 317 
PXY H3     H  N N 318 
PXY H5     H  N N 319 
PXY H6     H  N N 320 
PXY "H1'1" H  N N 321 
PXY "H1'2" H  N N 322 
PXY "H1'3" H  N N 323 
PXY "H4'1" H  N N 324 
PXY "H4'2" H  N N 325 
PXY "H4'3" H  N N 326 
SER N      N  N N 327 
SER CA     C  N S 328 
SER C      C  N N 329 
SER O      O  N N 330 
SER CB     C  N N 331 
SER OG     O  N N 332 
SER OXT    O  N N 333 
SER H      H  N N 334 
SER H2     H  N N 335 
SER HA     H  N N 336 
SER HB2    H  N N 337 
SER HB3    H  N N 338 
SER HG     H  N N 339 
SER HXT    H  N N 340 
THR N      N  N N 341 
THR CA     C  N S 342 
THR C      C  N N 343 
THR O      O  N N 344 
THR CB     C  N R 345 
THR OG1    O  N N 346 
THR CG2    C  N N 347 
THR OXT    O  N N 348 
THR H      H  N N 349 
THR H2     H  N N 350 
THR HA     H  N N 351 
THR HB     H  N N 352 
THR HG1    H  N N 353 
THR HG21   H  N N 354 
THR HG22   H  N N 355 
THR HG23   H  N N 356 
THR HXT    H  N N 357 
TRP N      N  N N 358 
TRP CA     C  N S 359 
TRP C      C  N N 360 
TRP O      O  N N 361 
TRP CB     C  N N 362 
TRP CG     C  Y N 363 
TRP CD1    C  Y N 364 
TRP CD2    C  Y N 365 
TRP NE1    N  Y N 366 
TRP CE2    C  Y N 367 
TRP CE3    C  Y N 368 
TRP CZ2    C  Y N 369 
TRP CZ3    C  Y N 370 
TRP CH2    C  Y N 371 
TRP OXT    O  N N 372 
TRP H      H  N N 373 
TRP H2     H  N N 374 
TRP HA     H  N N 375 
TRP HB2    H  N N 376 
TRP HB3    H  N N 377 
TRP HD1    H  N N 378 
TRP HE1    H  N N 379 
TRP HE3    H  N N 380 
TRP HZ2    H  N N 381 
TRP HZ3    H  N N 382 
TRP HH2    H  N N 383 
TRP HXT    H  N N 384 
TYR N      N  N N 385 
TYR CA     C  N S 386 
TYR C      C  N N 387 
TYR O      O  N N 388 
TYR CB     C  N N 389 
TYR CG     C  Y N 390 
TYR CD1    C  Y N 391 
TYR CD2    C  Y N 392 
TYR CE1    C  Y N 393 
TYR CE2    C  Y N 394 
TYR CZ     C  Y N 395 
TYR OH     O  N N 396 
TYR OXT    O  N N 397 
TYR H      H  N N 398 
TYR H2     H  N N 399 
TYR HA     H  N N 400 
TYR HB2    H  N N 401 
TYR HB3    H  N N 402 
TYR HD1    H  N N 403 
TYR HD2    H  N N 404 
TYR HE1    H  N N 405 
TYR HE2    H  N N 406 
TYR HH     H  N N 407 
TYR HXT    H  N N 408 
VAL N      N  N N 409 
VAL CA     C  N S 410 
VAL C      C  N N 411 
VAL O      O  N N 412 
VAL CB     C  N N 413 
VAL CG1    C  N N 414 
VAL CG2    C  N N 415 
VAL OXT    O  N N 416 
VAL H      H  N N 417 
VAL H2     H  N N 418 
VAL HA     H  N N 419 
VAL HB     H  N N 420 
VAL HG11   H  N N 421 
VAL HG12   H  N N 422 
VAL HG13   H  N N 423 
VAL HG21   H  N N 424 
VAL HG22   H  N N 425 
VAL HG23   H  N N 426 
VAL HXT    H  N N 427 
# 
loop_
_chem_comp_bond.comp_id 
_chem_comp_bond.atom_id_1 
_chem_comp_bond.atom_id_2 
_chem_comp_bond.value_order 
_chem_comp_bond.pdbx_aromatic_flag 
_chem_comp_bond.pdbx_stereo_config 
_chem_comp_bond.pdbx_ordinal 
ALA N     CA     sing N N 1   
ALA N     H      sing N N 2   
ALA N     H2     sing N N 3   
ALA CA    C      sing N N 4   
ALA CA    CB     sing N N 5   
ALA CA    HA     sing N N 6   
ALA C     O      doub N N 7   
ALA C     OXT    sing N N 8   
ALA CB    HB1    sing N N 9   
ALA CB    HB2    sing N N 10  
ALA CB    HB3    sing N N 11  
ALA OXT   HXT    sing N N 12  
ARG N     CA     sing N N 13  
ARG N     H      sing N N 14  
ARG N     H2     sing N N 15  
ARG CA    C      sing N N 16  
ARG CA    CB     sing N N 17  
ARG CA    HA     sing N N 18  
ARG C     O      doub N N 19  
ARG C     OXT    sing N N 20  
ARG CB    CG     sing N N 21  
ARG CB    HB2    sing N N 22  
ARG CB    HB3    sing N N 23  
ARG CG    CD     sing N N 24  
ARG CG    HG2    sing N N 25  
ARG CG    HG3    sing N N 26  
ARG CD    NE     sing N N 27  
ARG CD    HD2    sing N N 28  
ARG CD    HD3    sing N N 29  
ARG NE    CZ     sing N N 30  
ARG NE    HE     sing N N 31  
ARG CZ    NH1    sing N N 32  
ARG CZ    NH2    doub N N 33  
ARG NH1   HH11   sing N N 34  
ARG NH1   HH12   sing N N 35  
ARG NH2   HH21   sing N N 36  
ARG NH2   HH22   sing N N 37  
ARG OXT   HXT    sing N N 38  
ASN N     CA     sing N N 39  
ASN N     H      sing N N 40  
ASN N     H2     sing N N 41  
ASN CA    C      sing N N 42  
ASN CA    CB     sing N N 43  
ASN CA    HA     sing N N 44  
ASN C     O      doub N N 45  
ASN C     OXT    sing N N 46  
ASN CB    CG     sing N N 47  
ASN CB    HB2    sing N N 48  
ASN CB    HB3    sing N N 49  
ASN CG    OD1    doub N N 50  
ASN CG    ND2    sing N N 51  
ASN ND2   HD21   sing N N 52  
ASN ND2   HD22   sing N N 53  
ASN OXT   HXT    sing N N 54  
ASP N     CA     sing N N 55  
ASP N     H      sing N N 56  
ASP N     H2     sing N N 57  
ASP CA    C      sing N N 58  
ASP CA    CB     sing N N 59  
ASP CA    HA     sing N N 60  
ASP C     O      doub N N 61  
ASP C     OXT    sing N N 62  
ASP CB    CG     sing N N 63  
ASP CB    HB2    sing N N 64  
ASP CB    HB3    sing N N 65  
ASP CG    OD1    doub N N 66  
ASP CG    OD2    sing N N 67  
ASP OD2   HD2    sing N N 68  
ASP OXT   HXT    sing N N 69  
CYS N     CA     sing N N 70  
CYS N     H      sing N N 71  
CYS N     H2     sing N N 72  
CYS CA    C      sing N N 73  
CYS CA    CB     sing N N 74  
CYS CA    HA     sing N N 75  
CYS C     O      doub N N 76  
CYS C     OXT    sing N N 77  
CYS CB    SG     sing N N 78  
CYS CB    HB2    sing N N 79  
CYS CB    HB3    sing N N 80  
CYS SG    HG     sing N N 81  
CYS OXT   HXT    sing N N 82  
GLN N     CA     sing N N 83  
GLN N     H      sing N N 84  
GLN N     H2     sing N N 85  
GLN CA    C      sing N N 86  
GLN CA    CB     sing N N 87  
GLN CA    HA     sing N N 88  
GLN C     O      doub N N 89  
GLN C     OXT    sing N N 90  
GLN CB    CG     sing N N 91  
GLN CB    HB2    sing N N 92  
GLN CB    HB3    sing N N 93  
GLN CG    CD     sing N N 94  
GLN CG    HG2    sing N N 95  
GLN CG    HG3    sing N N 96  
GLN CD    OE1    doub N N 97  
GLN CD    NE2    sing N N 98  
GLN NE2   HE21   sing N N 99  
GLN NE2   HE22   sing N N 100 
GLN OXT   HXT    sing N N 101 
GLU N     CA     sing N N 102 
GLU N     H      sing N N 103 
GLU N     H2     sing N N 104 
GLU CA    C      sing N N 105 
GLU CA    CB     sing N N 106 
GLU CA    HA     sing N N 107 
GLU C     O      doub N N 108 
GLU C     OXT    sing N N 109 
GLU CB    CG     sing N N 110 
GLU CB    HB2    sing N N 111 
GLU CB    HB3    sing N N 112 
GLU CG    CD     sing N N 113 
GLU CG    HG2    sing N N 114 
GLU CG    HG3    sing N N 115 
GLU CD    OE1    doub N N 116 
GLU CD    OE2    sing N N 117 
GLU OE2   HE2    sing N N 118 
GLU OXT   HXT    sing N N 119 
GLY N     CA     sing N N 120 
GLY N     H      sing N N 121 
GLY N     H2     sing N N 122 
GLY CA    C      sing N N 123 
GLY CA    HA2    sing N N 124 
GLY CA    HA3    sing N N 125 
GLY C     O      doub N N 126 
GLY C     OXT    sing N N 127 
GLY OXT   HXT    sing N N 128 
HED C1    O1     sing N N 129 
HED C1    C2     sing N N 130 
HED C1    H11    sing N N 131 
HED C1    H12    sing N N 132 
HED O1    HO1    sing N N 133 
HED C2    S3     sing N N 134 
HED C2    H21    sing N N 135 
HED C2    H22    sing N N 136 
HED S3    S4     sing N N 137 
HED S4    C5     sing N N 138 
HED C5    C6     sing N N 139 
HED C5    H51    sing N N 140 
HED C5    H52    sing N N 141 
HED C6    O6     sing N N 142 
HED C6    H61    sing N N 143 
HED C6    H62    sing N N 144 
HED O6    HO6    sing N N 145 
HIS N     CA     sing N N 146 
HIS N     H      sing N N 147 
HIS N     H2     sing N N 148 
HIS CA    C      sing N N 149 
HIS CA    CB     sing N N 150 
HIS CA    HA     sing N N 151 
HIS C     O      doub N N 152 
HIS C     OXT    sing N N 153 
HIS CB    CG     sing N N 154 
HIS CB    HB2    sing N N 155 
HIS CB    HB3    sing N N 156 
HIS CG    ND1    sing Y N 157 
HIS CG    CD2    doub Y N 158 
HIS ND1   CE1    doub Y N 159 
HIS ND1   HD1    sing N N 160 
HIS CD2   NE2    sing Y N 161 
HIS CD2   HD2    sing N N 162 
HIS CE1   NE2    sing Y N 163 
HIS CE1   HE1    sing N N 164 
HIS NE2   HE2    sing N N 165 
HIS OXT   HXT    sing N N 166 
HOH O     H1     sing N N 167 
HOH O     H2     sing N N 168 
ILE N     CA     sing N N 169 
ILE N     H      sing N N 170 
ILE N     H2     sing N N 171 
ILE CA    C      sing N N 172 
ILE CA    CB     sing N N 173 
ILE CA    HA     sing N N 174 
ILE C     O      doub N N 175 
ILE C     OXT    sing N N 176 
ILE CB    CG1    sing N N 177 
ILE CB    CG2    sing N N 178 
ILE CB    HB     sing N N 179 
ILE CG1   CD1    sing N N 180 
ILE CG1   HG12   sing N N 181 
ILE CG1   HG13   sing N N 182 
ILE CG2   HG21   sing N N 183 
ILE CG2   HG22   sing N N 184 
ILE CG2   HG23   sing N N 185 
ILE CD1   HD11   sing N N 186 
ILE CD1   HD12   sing N N 187 
ILE CD1   HD13   sing N N 188 
ILE OXT   HXT    sing N N 189 
LEU N     CA     sing N N 190 
LEU N     H      sing N N 191 
LEU N     H2     sing N N 192 
LEU CA    C      sing N N 193 
LEU CA    CB     sing N N 194 
LEU CA    HA     sing N N 195 
LEU C     O      doub N N 196 
LEU C     OXT    sing N N 197 
LEU CB    CG     sing N N 198 
LEU CB    HB2    sing N N 199 
LEU CB    HB3    sing N N 200 
LEU CG    CD1    sing N N 201 
LEU CG    CD2    sing N N 202 
LEU CG    HG     sing N N 203 
LEU CD1   HD11   sing N N 204 
LEU CD1   HD12   sing N N 205 
LEU CD1   HD13   sing N N 206 
LEU CD2   HD21   sing N N 207 
LEU CD2   HD22   sing N N 208 
LEU CD2   HD23   sing N N 209 
LEU OXT   HXT    sing N N 210 
LYS N     CA     sing N N 211 
LYS N     H      sing N N 212 
LYS N     H2     sing N N 213 
LYS CA    C      sing N N 214 
LYS CA    CB     sing N N 215 
LYS CA    HA     sing N N 216 
LYS C     O      doub N N 217 
LYS C     OXT    sing N N 218 
LYS CB    CG     sing N N 219 
LYS CB    HB2    sing N N 220 
LYS CB    HB3    sing N N 221 
LYS CG    CD     sing N N 222 
LYS CG    HG2    sing N N 223 
LYS CG    HG3    sing N N 224 
LYS CD    CE     sing N N 225 
LYS CD    HD2    sing N N 226 
LYS CD    HD3    sing N N 227 
LYS CE    NZ     sing N N 228 
LYS CE    HE2    sing N N 229 
LYS CE    HE3    sing N N 230 
LYS NZ    HZ1    sing N N 231 
LYS NZ    HZ2    sing N N 232 
LYS NZ    HZ3    sing N N 233 
LYS OXT   HXT    sing N N 234 
MET N     CA     sing N N 235 
MET N     H      sing N N 236 
MET N     H2     sing N N 237 
MET CA    C      sing N N 238 
MET CA    CB     sing N N 239 
MET CA    HA     sing N N 240 
MET C     O      doub N N 241 
MET C     OXT    sing N N 242 
MET CB    CG     sing N N 243 
MET CB    HB2    sing N N 244 
MET CB    HB3    sing N N 245 
MET CG    SD     sing N N 246 
MET CG    HG2    sing N N 247 
MET CG    HG3    sing N N 248 
MET SD    CE     sing N N 249 
MET CE    HE1    sing N N 250 
MET CE    HE2    sing N N 251 
MET CE    HE3    sing N N 252 
MET OXT   HXT    sing N N 253 
PHE N     CA     sing N N 254 
PHE N     H      sing N N 255 
PHE N     H2     sing N N 256 
PHE CA    C      sing N N 257 
PHE CA    CB     sing N N 258 
PHE CA    HA     sing N N 259 
PHE C     O      doub N N 260 
PHE C     OXT    sing N N 261 
PHE CB    CG     sing N N 262 
PHE CB    HB2    sing N N 263 
PHE CB    HB3    sing N N 264 
PHE CG    CD1    doub Y N 265 
PHE CG    CD2    sing Y N 266 
PHE CD1   CE1    sing Y N 267 
PHE CD1   HD1    sing N N 268 
PHE CD2   CE2    doub Y N 269 
PHE CD2   HD2    sing N N 270 
PHE CE1   CZ     doub Y N 271 
PHE CE1   HE1    sing N N 272 
PHE CE2   CZ     sing Y N 273 
PHE CE2   HE2    sing N N 274 
PHE CZ    HZ     sing N N 275 
PHE OXT   HXT    sing N N 276 
PRO N     CA     sing N N 277 
PRO N     CD     sing N N 278 
PRO N     H      sing N N 279 
PRO CA    C      sing N N 280 
PRO CA    CB     sing N N 281 
PRO CA    HA     sing N N 282 
PRO C     O      doub N N 283 
PRO C     OXT    sing N N 284 
PRO CB    CG     sing N N 285 
PRO CB    HB2    sing N N 286 
PRO CB    HB3    sing N N 287 
PRO CG    CD     sing N N 288 
PRO CG    HG2    sing N N 289 
PRO CG    HG3    sing N N 290 
PRO CD    HD2    sing N N 291 
PRO CD    HD3    sing N N 292 
PRO OXT   HXT    sing N N 293 
PXY C1    C2     doub Y N 294 
PXY C1    C6     sing Y N 295 
PXY C1    "C1'"  sing N N 296 
PXY C2    C3     sing Y N 297 
PXY C2    H2     sing N N 298 
PXY C3    C4     doub Y N 299 
PXY C3    H3     sing N N 300 
PXY C4    C5     sing Y N 301 
PXY C4    "C4'"  sing N N 302 
PXY C5    C6     doub Y N 303 
PXY C5    H5     sing N N 304 
PXY C6    H6     sing N N 305 
PXY "C1'" "H1'1" sing N N 306 
PXY "C1'" "H1'2" sing N N 307 
PXY "C1'" "H1'3" sing N N 308 
PXY "C4'" "H4'1" sing N N 309 
PXY "C4'" "H4'2" sing N N 310 
PXY "C4'" "H4'3" sing N N 311 
SER N     CA     sing N N 312 
SER N     H      sing N N 313 
SER N     H2     sing N N 314 
SER CA    C      sing N N 315 
SER CA    CB     sing N N 316 
SER CA    HA     sing N N 317 
SER C     O      doub N N 318 
SER C     OXT    sing N N 319 
SER CB    OG     sing N N 320 
SER CB    HB2    sing N N 321 
SER CB    HB3    sing N N 322 
SER OG    HG     sing N N 323 
SER OXT   HXT    sing N N 324 
THR N     CA     sing N N 325 
THR N     H      sing N N 326 
THR N     H2     sing N N 327 
THR CA    C      sing N N 328 
THR CA    CB     sing N N 329 
THR CA    HA     sing N N 330 
THR C     O      doub N N 331 
THR C     OXT    sing N N 332 
THR CB    OG1    sing N N 333 
THR CB    CG2    sing N N 334 
THR CB    HB     sing N N 335 
THR OG1   HG1    sing N N 336 
THR CG2   HG21   sing N N 337 
THR CG2   HG22   sing N N 338 
THR CG2   HG23   sing N N 339 
THR OXT   HXT    sing N N 340 
TRP N     CA     sing N N 341 
TRP N     H      sing N N 342 
TRP N     H2     sing N N 343 
TRP CA    C      sing N N 344 
TRP CA    CB     sing N N 345 
TRP CA    HA     sing N N 346 
TRP C     O      doub N N 347 
TRP C     OXT    sing N N 348 
TRP CB    CG     sing N N 349 
TRP CB    HB2    sing N N 350 
TRP CB    HB3    sing N N 351 
TRP CG    CD1    doub Y N 352 
TRP CG    CD2    sing Y N 353 
TRP CD1   NE1    sing Y N 354 
TRP CD1   HD1    sing N N 355 
TRP CD2   CE2    doub Y N 356 
TRP CD2   CE3    sing Y N 357 
TRP NE1   CE2    sing Y N 358 
TRP NE1   HE1    sing N N 359 
TRP CE2   CZ2    sing Y N 360 
TRP CE3   CZ3    doub Y N 361 
TRP CE3   HE3    sing N N 362 
TRP CZ2   CH2    doub Y N 363 
TRP CZ2   HZ2    sing N N 364 
TRP CZ3   CH2    sing Y N 365 
TRP CZ3   HZ3    sing N N 366 
TRP CH2   HH2    sing N N 367 
TRP OXT   HXT    sing N N 368 
TYR N     CA     sing N N 369 
TYR N     H      sing N N 370 
TYR N     H2     sing N N 371 
TYR CA    C      sing N N 372 
TYR CA    CB     sing N N 373 
TYR CA    HA     sing N N 374 
TYR C     O      doub N N 375 
TYR C     OXT    sing N N 376 
TYR CB    CG     sing N N 377 
TYR CB    HB2    sing N N 378 
TYR CB    HB3    sing N N 379 
TYR CG    CD1    doub Y N 380 
TYR CG    CD2    sing Y N 381 
TYR CD1   CE1    sing Y N 382 
TYR CD1   HD1    sing N N 383 
TYR CD2   CE2    doub Y N 384 
TYR CD2   HD2    sing N N 385 
TYR CE1   CZ     doub Y N 386 
TYR CE1   HE1    sing N N 387 
TYR CE2   CZ     sing Y N 388 
TYR CE2   HE2    sing N N 389 
TYR CZ    OH     sing N N 390 
TYR OH    HH     sing N N 391 
TYR OXT   HXT    sing N N 392 
VAL N     CA     sing N N 393 
VAL N     H      sing N N 394 
VAL N     H2     sing N N 395 
VAL CA    C      sing N N 396 
VAL CA    CB     sing N N 397 
VAL CA    HA     sing N N 398 
VAL C     O      doub N N 399 
VAL C     OXT    sing N N 400 
VAL CB    CG1    sing N N 401 
VAL CB    CG2    sing N N 402 
VAL CB    HB     sing N N 403 
VAL CG1   HG11   sing N N 404 
VAL CG1   HG12   sing N N 405 
VAL CG1   HG13   sing N N 406 
VAL CG2   HG21   sing N N 407 
VAL CG2   HG22   sing N N 408 
VAL CG2   HG23   sing N N 409 
VAL OXT   HXT    sing N N 410 
# 
_atom_sites.entry_id                    187L 
_atom_sites.fract_transf_matrix[1][1]   -0.00182984 
_atom_sites.fract_transf_matrix[1][2]   0.00923861 
_atom_sites.fract_transf_matrix[1][3]   -0.01645559 
_atom_sites.fract_transf_matrix[2][1]   -0.00797300 
_atom_sites.fract_transf_matrix[2][2]   0.01719900 
_atom_sites.fract_transf_matrix[2][3]   -0.00038078 
_atom_sites.fract_transf_matrix[3][1]   0.00924582 
_atom_sites.fract_transf_matrix[3][2]   0.00431702 
_atom_sites.fract_transf_matrix[3][3]   0.00139557 
_atom_sites.fract_transf_vector[1]      0.680292 
_atom_sites.fract_transf_vector[2]      0.220039 
_atom_sites.fract_transf_vector[3]      0.101043 
# 
loop_
_atom_type.symbol 
C  
CL 
N  
O  
S  
# 
loop_
_atom_site.group_PDB 
_atom_site.id 
_atom_site.type_symbol 
_atom_site.label_atom_id 
_atom_site.label_alt_id 
_atom_site.label_comp_id 
_atom_site.label_asym_id 
_atom_site.label_entity_id 
_atom_site.label_seq_id 
_atom_site.pdbx_PDB_ins_code 
_atom_site.Cartn_x 
_atom_site.Cartn_y 
_atom_site.Cartn_z 
_atom_site.occupancy 
_atom_site.B_iso_or_equiv 
_atom_site.pdbx_formal_charge 
_atom_site.auth_seq_id 
_atom_site.auth_comp_id 
_atom_site.auth_asym_id 
_atom_site.auth_atom_id 
_atom_site.pdbx_PDB_model_num 
ATOM   1    N  N     . MET A 1 1   ? 6.913   -13.374 -8.990  1.00 23.47  ? 1   MET A N     1 
ATOM   2    C  CA    . MET A 1 1   ? 6.264   -12.186 -8.489  1.00 19.90  ? 1   MET A CA    1 
ATOM   3    C  C     . MET A 1 1   ? 6.554   -12.078 -7.001  1.00 17.22  ? 1   MET A C     1 
ATOM   4    O  O     . MET A 1 1   ? 6.755   -13.088 -6.337  1.00 13.51  ? 1   MET A O     1 
ATOM   5    C  CB    . MET A 1 1   ? 4.759   -12.293 -8.857  1.00 20.80  ? 1   MET A CB    1 
ATOM   6    C  CG    . MET A 1 1   ? 3.850   -11.276 -8.226  1.00 28.00  ? 1   MET A CG    1 
ATOM   7    S  SD    . MET A 1 1   ? 3.962   -9.696  -9.059  1.00 29.94  ? 1   MET A SD    1 
ATOM   8    C  CE    . MET A 1 1   ? 3.731   -10.235 -10.765 1.00 19.93  ? 1   MET A CE    1 
ATOM   9    N  N     . ASN A 1 2   ? 6.627   -10.846 -6.495  1.00 11.86  ? 2   ASN A N     1 
ATOM   10   C  CA    . ASN A 1 2   ? 6.838   -10.593 -5.078  1.00 13.15  ? 2   ASN A CA    1 
ATOM   11   C  C     . ASN A 1 2   ? 6.208   -9.239  -4.750  1.00 7.65   ? 2   ASN A C     1 
ATOM   12   O  O     . ASN A 1 2   ? 5.759   -8.552  -5.654  1.00 8.61   ? 2   ASN A O     1 
ATOM   13   C  CB    . ASN A 1 2   ? 8.343   -10.586 -4.699  1.00 11.58  ? 2   ASN A CB    1 
ATOM   14   C  CG    . ASN A 1 2   ? 9.155   -9.615  -5.496  1.00 15.76  ? 2   ASN A CG    1 
ATOM   15   O  OD1   . ASN A 1 2   ? 8.939   -8.369  -5.437  1.00 10.20  ? 2   ASN A OD1   1 
ATOM   16   N  ND2   . ASN A 1 2   ? 10.078  -10.191 -6.261  1.00 11.90  ? 2   ASN A ND2   1 
ATOM   17   N  N     . ILE A 1 3   ? 6.234   -8.881  -3.467  1.00 8.26   ? 3   ILE A N     1 
ATOM   18   C  CA    . ILE A 1 3   ? 5.662   -7.618  -2.964  1.00 9.72   ? 3   ILE A CA    1 
ATOM   19   C  C     . ILE A 1 3   ? 6.157   -6.375  -3.717  1.00 12.91  ? 3   ILE A C     1 
ATOM   20   O  O     . ILE A 1 3   ? 5.421   -5.406  -3.965  1.00 11.57  ? 3   ILE A O     1 
ATOM   21   C  CB    . ILE A 1 3   ? 5.795   -7.515  -1.425  1.00 6.50   ? 3   ILE A CB    1 
ATOM   22   C  CG1   . ILE A 1 3   ? 4.975   -6.362  -0.796  1.00 5.28   ? 3   ILE A CG1   1 
ATOM   23   C  CG2   . ILE A 1 3   ? 7.271   -7.459  -0.968  1.00 9.32   ? 3   ILE A CG2   1 
ATOM   24   C  CD1   . ILE A 1 3   ? 3.502   -6.303  -1.262  1.00 5.05   ? 3   ILE A CD1   1 
ATOM   25   N  N     . PHE A 1 4   ? 7.437   -6.364  -4.060  1.00 9.87   ? 4   PHE A N     1 
ATOM   26   C  CA    . PHE A 1 4   ? 7.966   -5.178  -4.721  1.00 9.03   ? 4   PHE A CA    1 
ATOM   27   C  C     . PHE A 1 4   ? 7.442   -5.036  -6.125  1.00 13.20  ? 4   PHE A C     1 
ATOM   28   O  O     . PHE A 1 4   ? 7.110   -3.959  -6.577  1.00 12.16  ? 4   PHE A O     1 
ATOM   29   C  CB    . PHE A 1 4   ? 9.520   -5.183  -4.738  1.00 10.02  ? 4   PHE A CB    1 
ATOM   30   C  CG    . PHE A 1 4   ? 10.118  -4.931  -3.371  1.00 12.88  ? 4   PHE A CG    1 
ATOM   31   C  CD1   . PHE A 1 4   ? 10.331  -3.632  -2.900  1.00 12.17  ? 4   PHE A CD1   1 
ATOM   32   C  CD2   . PHE A 1 4   ? 10.448  -6.013  -2.555  1.00 9.73   ? 4   PHE A CD2   1 
ATOM   33   C  CE1   . PHE A 1 4   ? 10.932  -3.403  -1.663  1.00 17.22  ? 4   PHE A CE1   1 
ATOM   34   C  CE2   . PHE A 1 4   ? 10.998  -5.798  -1.294  1.00 15.21  ? 4   PHE A CE2   1 
ATOM   35   C  CZ    . PHE A 1 4   ? 11.233  -4.493  -0.852  1.00 15.50  ? 4   PHE A CZ    1 
ATOM   36   N  N     . GLU A 1 5   ? 7.383   -6.145  -6.815  1.00 15.42  ? 5   GLU A N     1 
ATOM   37   C  CA    . GLU A 1 5   ? 6.886   -6.126  -8.173  1.00 6.41   ? 5   GLU A CA    1 
ATOM   38   C  C     . GLU A 1 5   ? 5.416   -5.866  -8.155  1.00 10.24  ? 5   GLU A C     1 
ATOM   39   O  O     . GLU A 1 5   ? 4.885   -5.262  -9.035  1.00 16.75  ? 5   GLU A O     1 
ATOM   40   C  CB    . GLU A 1 5   ? 7.112   -7.464  -8.904  1.00 12.72  ? 5   GLU A CB    1 
ATOM   41   C  CG    . GLU A 1 5   ? 8.604   -7.887  -9.019  1.00 16.41  ? 5   GLU A CG    1 
ATOM   42   C  CD    . GLU A 1 5   ? 8.819   -9.199  -9.779  1.00 32.57  ? 5   GLU A CD    1 
ATOM   43   O  OE1   . GLU A 1 5   ? 7.903   -9.948  -10.112 1.00 52.32  ? 5   GLU A OE1   1 
ATOM   44   O  OE2   . GLU A 1 5   ? 10.080  -9.425  -10.098 1.00 73.53  ? 5   GLU A OE2   1 
ATOM   45   N  N     . MET A 1 6   ? 4.740   -6.354  -7.130  1.00 6.55   ? 6   MET A N     1 
ATOM   46   C  CA    . MET A 1 6   ? 3.305   -6.169  -7.060  1.00 6.23   ? 6   MET A CA    1 
ATOM   47   C  C     . MET A 1 6   ? 2.980   -4.706  -6.857  1.00 12.72  ? 6   MET A C     1 
ATOM   48   O  O     . MET A 1 6   ? 2.114   -4.096  -7.524  1.00 10.33  ? 6   MET A O     1 
ATOM   49   C  CB    . MET A 1 6   ? 2.835   -6.970  -5.834  1.00 13.26  ? 6   MET A CB    1 
ATOM   50   C  CG    . MET A 1 6   ? 1.335   -7.055  -5.714  1.00 8.44   ? 6   MET A CG    1 
ATOM   51   S  SD    . MET A 1 6   ? 0.875   -7.433  -3.976  1.00 11.34  ? 6   MET A SD    1 
ATOM   52   C  CE    . MET A 1 6   ? -0.789  -8.124  -4.157  1.00 12.70  ? 6   MET A CE    1 
ATOM   53   N  N     . LEU A 1 7   ? 3.669   -4.135  -5.910  1.00 7.10   ? 7   LEU A N     1 
ATOM   54   C  CA    . LEU A 1 7   ? 3.401   -2.723  -5.624  1.00 10.11  ? 7   LEU A CA    1 
ATOM   55   C  C     . LEU A 1 7   ? 3.845   -1.807  -6.756  1.00 16.14  ? 7   LEU A C     1 
ATOM   56   O  O     . LEU A 1 7   ? 3.233   -0.782  -7.016  1.00 13.33  ? 7   LEU A O     1 
ATOM   57   C  CB    . LEU A 1 7   ? 4.025   -2.278  -4.293  1.00 7.29   ? 7   LEU A CB    1 
ATOM   58   C  CG    . LEU A 1 7   ? 3.142   -2.565  -3.095  1.00 14.23  ? 7   LEU A CG    1 
ATOM   59   C  CD1   . LEU A 1 7   ? 4.021   -2.564  -1.866  1.00 12.66  ? 7   LEU A CD1   1 
ATOM   60   C  CD2   . LEU A 1 7   ? 1.990   -1.555  -2.962  1.00 12.63  ? 7   LEU A CD2   1 
ATOM   61   N  N     . ARG A 1 8   ? 4.905   -2.188  -7.452  1.00 8.90   ? 8   ARG A N     1 
ATOM   62   C  CA    . ARG A 1 8   ? 5.353   -1.376  -8.545  1.00 8.20   ? 8   ARG A CA    1 
ATOM   63   C  C     . ARG A 1 8   ? 4.302   -1.353  -9.637  1.00 16.02  ? 8   ARG A C     1 
ATOM   64   O  O     . ARG A 1 8   ? 4.141   -0.340  -10.303 1.00 12.16  ? 8   ARG A O     1 
ATOM   65   C  CB    . ARG A 1 8   ? 6.708   -1.753  -9.078  1.00 14.33  ? 8   ARG A CB    1 
ATOM   66   C  CG    . ARG A 1 8   ? 6.996   -1.164  -10.468 1.00 28.79  ? 8   ARG A CG    1 
ATOM   67   C  CD    . ARG A 1 8   ? 8.089   -0.077  -10.472 1.00 32.02  ? 8   ARG A CD    1 
ATOM   68   N  NE    . ARG A 1 8   ? 8.191   0.702   -11.728 1.00 41.47  ? 8   ARG A NE    1 
ATOM   69   C  CZ    . ARG A 1 8   ? 7.197   1.032   -12.596 1.00 73.63  ? 8   ARG A CZ    1 
ATOM   70   N  NH1   . ARG A 1 8   ? 5.896   0.702   -12.453 1.00 27.00  ? 8   ARG A NH1   1 
ATOM   71   N  NH2   . ARG A 1 8   ? 7.533   1.734   -13.674 1.00 47.94  ? 8   ARG A NH2   1 
ATOM   72   N  N     . ILE A 1 9   ? 3.546   -2.431  -9.772  1.00 15.66  ? 9   ILE A N     1 
ATOM   73   C  CA    . ILE A 1 9   ? 2.487   -2.457  -10.752 1.00 12.58  ? 9   ILE A CA    1 
ATOM   74   C  C     . ILE A 1 9   ? 1.309   -1.599  -10.293 1.00 16.74  ? 9   ILE A C     1 
ATOM   75   O  O     . ILE A 1 9   ? 0.725   -0.820  -11.043 1.00 15.73  ? 9   ILE A O     1 
ATOM   76   C  CB    . ILE A 1 9   ? 2.038   -3.902  -11.010 1.00 16.42  ? 9   ILE A CB    1 
ATOM   77   C  CG1   . ILE A 1 9   ? 3.002   -4.565  -11.976 1.00 12.31  ? 9   ILE A CG1   1 
ATOM   78   C  CG2   . ILE A 1 9   ? 0.634   -3.973  -11.575 1.00 14.37  ? 9   ILE A CG2   1 
ATOM   79   C  CD1   . ILE A 1 9   ? 2.958   -6.104  -11.866 1.00 18.00  ? 9   ILE A CD1   1 
ATOM   80   N  N     . ASP A 1 10  ? 0.951   -1.716  -9.035  1.00 9.74   ? 10  ASP A N     1 
ATOM   81   C  CA    . ASP A 1 10  ? -0.158  -0.978  -8.545  1.00 9.39   ? 10  ASP A CA    1 
ATOM   82   C  C     . ASP A 1 10  ? 0.060   0.528   -8.406  1.00 19.06  ? 10  ASP A C     1 
ATOM   83   O  O     . ASP A 1 10  ? -0.879  1.316   -8.536  1.00 12.20  ? 10  ASP A O     1 
ATOM   84   C  CB    . ASP A 1 10  ? -0.593  -1.577  -7.207  1.00 6.62   ? 10  ASP A CB    1 
ATOM   85   C  CG    . ASP A 1 10  ? -1.402  -2.797  -7.400  1.00 11.04  ? 10  ASP A CG    1 
ATOM   86   O  OD1   . ASP A 1 10  ? -2.038  -3.023  -8.408  1.00 11.98  ? 10  ASP A OD1   1 
ATOM   87   O  OD2   . ASP A 1 10  ? -1.335  -3.619  -6.383  1.00 13.59  ? 10  ASP A OD2   1 
ATOM   88   N  N     . GLU A 1 11  ? 1.293   0.949   -8.123  1.00 12.94  ? 11  GLU A N     1 
ATOM   89   C  CA    . GLU A 1 11  ? 1.550   2.363   -7.860  1.00 15.84  ? 11  GLU A CA    1 
ATOM   90   C  C     . GLU A 1 11  ? 2.197   3.127   -8.988  1.00 16.91  ? 11  GLU A C     1 
ATOM   91   O  O     . GLU A 1 11  ? 2.145   4.334   -8.992  1.00 17.72  ? 11  GLU A O     1 
ATOM   92   C  CB    . GLU A 1 11  ? 2.437   2.533   -6.600  1.00 15.63  ? 11  GLU A CB    1 
ATOM   93   C  CG    . GLU A 1 11  ? 1.826   1.900   -5.356  1.00 9.79   ? 11  GLU A CG    1 
ATOM   94   C  CD    . GLU A 1 11  ? 0.739   2.723   -4.745  1.00 16.63  ? 11  GLU A CD    1 
ATOM   95   O  OE1   . GLU A 1 11  ? 0.657   3.902   -5.304  1.00 15.38  ? 11  GLU A OE1   1 
ATOM   96   O  OE2   . GLU A 1 11  ? 0.098   2.380   -3.777  1.00 17.12  ? 11  GLU A OE2   1 
ATOM   97   N  N     . GLY A 1 12  ? 2.825   2.431   -9.922  1.00 14.05  ? 12  GLY A N     1 
ATOM   98   C  CA    . GLY A 1 12  ? 3.552   3.087   -11.002 1.00 12.26  ? 12  GLY A CA    1 
ATOM   99   C  C     . GLY A 1 12  ? 4.851   3.679   -10.485 1.00 18.60  ? 12  GLY A C     1 
ATOM   100  O  O     . GLY A 1 12  ? 5.270   3.450   -9.331  1.00 19.04  ? 12  GLY A O     1 
ATOM   101  N  N     . LEU A 1 13  ? 5.522   4.428   -11.342 1.00 15.03  ? 13  LEU A N     1 
ATOM   102  C  CA    . LEU A 1 13  ? 6.734   5.112   -10.941 1.00 11.51  ? 13  LEU A CA    1 
ATOM   103  C  C     . LEU A 1 13  ? 6.780   6.507   -11.579 1.00 18.58  ? 13  LEU A C     1 
ATOM   104  O  O     . LEU A 1 13  ? 6.693   6.607   -12.806 1.00 21.59  ? 13  LEU A O     1 
ATOM   105  C  CB    . LEU A 1 13  ? 7.982   4.313   -11.230 1.00 12.88  ? 13  LEU A CB    1 
ATOM   106  C  CG    . LEU A 1 13  ? 9.249   5.182   -11.298 1.00 32.95  ? 13  LEU A CG    1 
ATOM   107  C  CD1   . LEU A 1 13  ? 9.761   5.524   -9.911  1.00 31.25  ? 13  LEU A CD1   1 
ATOM   108  C  CD2   . LEU A 1 13  ? 10.329  4.436   -12.080 1.00 46.80  ? 13  LEU A CD2   1 
ATOM   109  N  N     . ARG A 1 14  ? 6.860   7.569   -10.749 1.00 16.71  ? 14  ARG A N     1 
ATOM   110  C  CA    . ARG A 1 14  ? 6.925   8.969   -11.203 1.00 17.48  ? 14  ARG A CA    1 
ATOM   111  C  C     . ARG A 1 14  ? 8.020   9.704   -10.498 1.00 17.08  ? 14  ARG A C     1 
ATOM   112  O  O     . ARG A 1 14  ? 8.119   9.667   -9.296  1.00 12.58  ? 14  ARG A O     1 
ATOM   113  C  CB    . ARG A 1 14  ? 5.622   9.708   -11.126 1.00 20.63  ? 14  ARG A CB    1 
ATOM   114  C  CG    . ARG A 1 14  ? 4.670   8.931   -12.004 1.00 24.24  ? 14  ARG A CG    1 
ATOM   115  C  CD    . ARG A 1 14  ? 3.326   9.567   -12.161 1.00 36.12  ? 14  ARG A CD    1 
ATOM   116  N  NE    . ARG A 1 14  ? 3.400   10.845  -12.838 1.00 36.07  ? 14  ARG A NE    1 
ATOM   117  C  CZ    . ARG A 1 14  ? 2.367   11.675  -12.846 1.00 100.00 ? 14  ARG A CZ    1 
ATOM   118  N  NH1   . ARG A 1 14  ? 1.214   11.369  -12.232 1.00 46.93  ? 14  ARG A NH1   1 
ATOM   119  N  NH2   . ARG A 1 14  ? 2.495   12.841  -13.482 1.00 100.00 ? 14  ARG A NH2   1 
ATOM   120  N  N     . LEU A 1 15  ? 8.871   10.323  -11.293 1.00 14.66  ? 15  LEU A N     1 
ATOM   121  C  CA    . LEU A 1 15  ? 10.039  11.030  -10.781 1.00 13.19  ? 15  LEU A CA    1 
ATOM   122  C  C     . LEU A 1 15  ? 9.841   12.528  -10.491 1.00 24.82  ? 15  LEU A C     1 
ATOM   123  O  O     . LEU A 1 15  ? 10.741  13.232  -10.030 1.00 30.62  ? 15  LEU A O     1 
ATOM   124  C  CB    . LEU A 1 15  ? 11.254  10.751  -11.683 1.00 18.96  ? 15  LEU A CB    1 
ATOM   125  C  CG    . LEU A 1 15  ? 11.594  9.253   -11.764 1.00 20.90  ? 15  LEU A CG    1 
ATOM   126  C  CD1   . LEU A 1 15  ? 12.811  9.062   -12.669 1.00 27.34  ? 15  LEU A CD1   1 
ATOM   127  C  CD2   . LEU A 1 15  ? 11.856  8.622   -10.384 1.00 17.57  ? 15  LEU A CD2   1 
ATOM   128  N  N     . LYS A 1 16  ? 8.638   12.996  -10.720 1.00 16.11  ? 16  LYS A N     1 
ATOM   129  C  CA    . LYS A 1 16  ? 8.297   14.379  -10.442 1.00 9.38   ? 16  LYS A CA    1 
ATOM   130  C  C     . LYS A 1 16  ? 7.078   14.393  -9.518  1.00 16.41  ? 16  LYS A C     1 
ATOM   131  O  O     . LYS A 1 16  ? 6.231   13.496  -9.591  1.00 22.61  ? 16  LYS A O     1 
ATOM   132  C  CB    . LYS A 1 16  ? 8.028   15.070  -11.794 1.00 22.63  ? 16  LYS A CB    1 
ATOM   133  C  CG    . LYS A 1 16  ? 7.255   16.361  -11.691 1.00 91.67  ? 16  LYS A CG    1 
ATOM   134  C  CD    . LYS A 1 16  ? 8.152   17.574  -11.861 1.00 100.00 ? 16  LYS A CD    1 
ATOM   135  C  CE    . LYS A 1 16  ? 8.360   18.359  -10.565 1.00 100.00 ? 16  LYS A CE    1 
ATOM   136  N  NZ    . LYS A 1 16  ? 9.162   19.592  -10.733 1.00 100.00 ? 16  LYS A NZ    1 
ATOM   137  N  N     . ILE A 1 17  ? 7.001   15.372  -8.586  1.00 17.43  ? 17  ILE A N     1 
ATOM   138  C  CA    . ILE A 1 17  ? 5.847   15.422  -7.667  1.00 9.14   ? 17  ILE A CA    1 
ATOM   139  C  C     . ILE A 1 17  ? 4.531   15.297  -8.413  1.00 17.94  ? 17  ILE A C     1 
ATOM   140  O  O     . ILE A 1 17  ? 4.329   15.925  -9.482  1.00 19.21  ? 17  ILE A O     1 
ATOM   141  C  CB    . ILE A 1 17  ? 5.859   16.703  -6.778  1.00 13.51  ? 17  ILE A CB    1 
ATOM   142  C  CG1   . ILE A 1 17  ? 7.057   16.667  -5.837  1.00 13.97  ? 17  ILE A CG1   1 
ATOM   143  C  CG2   . ILE A 1 17  ? 4.579   16.861  -5.939  1.00 11.35  ? 17  ILE A CG2   1 
ATOM   144  C  CD1   . ILE A 1 17  ? 7.128   17.870  -4.893  1.00 21.00  ? 17  ILE A CD1   1 
ATOM   145  N  N     . TYR A 1 18  ? 3.627   14.480  -7.885  1.00 10.48  ? 18  TYR A N     1 
ATOM   146  C  CA    . TYR A 1 18  ? 2.337   14.364  -8.551  1.00 12.23  ? 18  TYR A CA    1 
ATOM   147  C  C     . TYR A 1 18  ? 1.241   14.234  -7.520  1.00 14.11  ? 18  TYR A C     1 
ATOM   148  O  O     . TYR A 1 18  ? 1.491   14.133  -6.314  1.00 19.24  ? 18  TYR A O     1 
ATOM   149  C  CB    . TYR A 1 18  ? 2.306   13.232  -9.626  1.00 18.18  ? 18  TYR A CB    1 
ATOM   150  C  CG    . TYR A 1 18  ? 2.412   11.859  -8.990  1.00 26.92  ? 18  TYR A CG    1 
ATOM   151  C  CD1   . TYR A 1 18  ? 3.650   11.340  -8.609  1.00 20.65  ? 18  TYR A CD1   1 
ATOM   152  C  CD2   . TYR A 1 18  ? 1.263   11.115  -8.702  1.00 28.42  ? 18  TYR A CD2   1 
ATOM   153  C  CE1   . TYR A 1 18  ? 3.756   10.088  -8.012  1.00 16.17  ? 18  TYR A CE1   1 
ATOM   154  C  CE2   . TYR A 1 18  ? 1.332   9.867   -8.085  1.00 20.23  ? 18  TYR A CE2   1 
ATOM   155  C  CZ    . TYR A 1 18  ? 2.586   9.365   -7.725  1.00 16.47  ? 18  TYR A CZ    1 
ATOM   156  O  OH    . TYR A 1 18  ? 2.687   8.119   -7.131  1.00 29.99  ? 18  TYR A OH    1 
ATOM   157  N  N     . LYS A 1 19  ? 0.010   14.293  -7.984  1.00 12.81  ? 19  LYS A N     1 
ATOM   158  C  CA    . LYS A 1 19  ? -1.100  14.102  -7.068  1.00 13.85  ? 19  LYS A CA    1 
ATOM   159  C  C     . LYS A 1 19  ? -1.665  12.705  -7.210  1.00 26.83  ? 19  LYS A C     1 
ATOM   160  O  O     . LYS A 1 19  ? -1.900  12.202  -8.341  1.00 17.03  ? 19  LYS A O     1 
ATOM   161  C  CB    . LYS A 1 19  ? -2.228  15.069  -7.234  1.00 17.02  ? 19  LYS A CB    1 
ATOM   162  C  CG    . LYS A 1 19  ? -1.811  16.468  -6.911  1.00 10.78  ? 19  LYS A CG    1 
ATOM   163  C  CD    . LYS A 1 19  ? -3.021  17.307  -6.530  1.00 21.89  ? 19  LYS A CD    1 
ATOM   164  C  CE    . LYS A 1 19  ? -2.841  18.818  -6.726  1.00 25.65  ? 19  LYS A CE    1 
ATOM   165  N  NZ    . LYS A 1 19  ? -4.116  19.580  -6.757  1.00 43.39  ? 19  LYS A NZ    1 
ATOM   166  N  N     . ASP A 1 20  ? -1.842  12.077  -6.050  1.00 18.24  ? 20  ASP A N     1 
ATOM   167  C  CA    . ASP A 1 20  ? -2.370  10.735  -6.003  1.00 11.99  ? 20  ASP A CA    1 
ATOM   168  C  C     . ASP A 1 20  ? -3.862  10.705  -6.314  1.00 21.62  ? 20  ASP A C     1 
ATOM   169  O  O     . ASP A 1 20  ? -4.442  11.717  -6.680  1.00 16.52  ? 20  ASP A O     1 
ATOM   170  C  CB    . ASP A 1 20  ? -1.974  9.936   -4.762  1.00 11.58  ? 20  ASP A CB    1 
ATOM   171  C  CG    . ASP A 1 20  ? -2.723  10.233  -3.502  1.00 23.19  ? 20  ASP A CG    1 
ATOM   172  O  OD1   . ASP A 1 20  ? -3.587  11.172  -3.585  1.00 18.17  ? 20  ASP A OD1   1 
ATOM   173  O  OD2   . ASP A 1 20  ? -2.515  9.651   -2.482  1.00 21.50  ? 20  ASP A OD2   1 
ATOM   174  N  N     . THR A 1 21  ? -4.465  9.518   -6.150  1.00 17.27  ? 21  THR A N     1 
ATOM   175  C  CA    . THR A 1 21  ? -5.887  9.332   -6.471  1.00 16.76  ? 21  THR A CA    1 
ATOM   176  C  C     . THR A 1 21  ? -6.811  10.166  -5.599  1.00 22.81  ? 21  THR A C     1 
ATOM   177  O  O     . THR A 1 21  ? -7.942  10.485  -6.023  1.00 19.52  ? 21  THR A O     1 
ATOM   178  C  CB    . THR A 1 21  ? -6.331  7.845   -6.534  1.00 27.13  ? 21  THR A CB    1 
ATOM   179  O  OG1   . THR A 1 21  ? -6.314  7.291   -5.227  1.00 25.84  ? 21  THR A OG1   1 
ATOM   180  C  CG2   . THR A 1 21  ? -5.367  7.006   -7.390  1.00 34.67  ? 21  THR A CG2   1 
ATOM   181  N  N     . GLU A 1 22  ? -6.299  10.528  -4.401  1.00 16.25  ? 22  GLU A N     1 
ATOM   182  C  CA    . GLU A 1 22  ? -7.018  11.345  -3.409  1.00 14.98  ? 22  GLU A CA    1 
ATOM   183  C  C     . GLU A 1 22  ? -6.679  12.838  -3.516  1.00 18.42  ? 22  GLU A C     1 
ATOM   184  O  O     . GLU A 1 22  ? -7.240  13.645  -2.815  1.00 27.10  ? 22  GLU A O     1 
ATOM   185  C  CB    . GLU A 1 22  ? -6.817  10.827  -1.982  1.00 14.77  ? 22  GLU A CB    1 
ATOM   186  C  CG    . GLU A 1 22  ? -7.284  9.381   -1.779  1.00 33.55  ? 22  GLU A CG    1 
ATOM   187  C  CD    . GLU A 1 22  ? -8.751  9.298   -1.525  1.00 23.52  ? 22  GLU A CD    1 
ATOM   188  O  OE1   . GLU A 1 22  ? -9.136  10.132  -0.579  1.00 76.92  ? 22  GLU A OE1   1 
ATOM   189  O  OE2   . GLU A 1 22  ? -9.481  8.490   -2.089  1.00 56.85  ? 22  GLU A OE2   1 
ATOM   190  N  N     . GLY A 1 23  ? -5.724  13.156  -4.403  1.00 14.42  ? 23  GLY A N     1 
ATOM   191  C  CA    . GLY A 1 23  ? -5.265  14.484  -4.682  1.00 8.33   ? 23  GLY A CA    1 
ATOM   192  C  C     . GLY A 1 23  ? -4.095  14.938  -3.825  1.00 23.06  ? 23  GLY A C     1 
ATOM   193  O  O     . GLY A 1 23  ? -3.839  16.127  -3.759  1.00 21.35  ? 23  GLY A O     1 
ATOM   194  N  N     . TYR A 1 24  ? -3.403  13.991  -3.166  1.00 18.57  ? 24  TYR A N     1 
ATOM   195  C  CA    . TYR A 1 24  ? -2.278  14.322  -2.284  1.00 13.20  ? 24  TYR A CA    1 
ATOM   196  C  C     . TYR A 1 24  ? -0.977  14.183  -2.979  1.00 15.12  ? 24  TYR A C     1 
ATOM   197  O  O     . TYR A 1 24  ? -0.812  13.268  -3.763  1.00 15.67  ? 24  TYR A O     1 
ATOM   198  C  CB    . TYR A 1 24  ? -2.164  13.421  -1.097  1.00 15.65  ? 24  TYR A CB    1 
ATOM   199  C  CG    . TYR A 1 24  ? -3.402  13.441  -0.288  1.00 20.63  ? 24  TYR A CG    1 
ATOM   200  C  CD1   . TYR A 1 24  ? -3.980  14.647  0.109   1.00 28.05  ? 24  TYR A CD1   1 
ATOM   201  C  CD2   . TYR A 1 24  ? -3.960  12.239  0.143   1.00 23.39  ? 24  TYR A CD2   1 
ATOM   202  C  CE1   . TYR A 1 24  ? -5.131  14.627  0.898   1.00 63.41  ? 24  TYR A CE1   1 
ATOM   203  C  CE2   . TYR A 1 24  ? -5.112  12.207  0.926   1.00 22.10  ? 24  TYR A CE2   1 
ATOM   204  C  CZ    . TYR A 1 24  ? -5.697  13.416  1.306   1.00 99.16  ? 24  TYR A CZ    1 
ATOM   205  O  OH    . TYR A 1 24  ? -6.822  13.399  2.098   1.00 39.33  ? 24  TYR A OH    1 
ATOM   206  N  N     . TYR A 1 25  ? -0.089  15.124  -2.668  1.00 10.31  ? 25  TYR A N     1 
ATOM   207  C  CA    . TYR A 1 25  ? 1.232   15.207  -3.252  1.00 5.37   ? 25  TYR A CA    1 
ATOM   208  C  C     . TYR A 1 25  ? 2.049   13.963  -2.917  1.00 10.31  ? 25  TYR A C     1 
ATOM   209  O  O     . TYR A 1 25  ? 2.181   13.603  -1.757  1.00 10.51  ? 25  TYR A O     1 
ATOM   210  C  CB    . TYR A 1 25  ? 1.931   16.480  -2.723  1.00 16.01  ? 25  TYR A CB    1 
ATOM   211  C  CG    . TYR A 1 25  ? 1.378   17.712  -3.374  1.00 25.77  ? 25  TYR A CG    1 
ATOM   212  C  CD1   . TYR A 1 25  ? 1.399   17.836  -4.766  1.00 18.12  ? 25  TYR A CD1   1 
ATOM   213  C  CD2   . TYR A 1 25  ? 0.811   18.734  -2.609  1.00 20.87  ? 25  TYR A CD2   1 
ATOM   214  C  CE1   . TYR A 1 25  ? 0.920   18.994  -5.382  1.00 44.76  ? 25  TYR A CE1   1 
ATOM   215  C  CE2   . TYR A 1 25  ? 0.292   19.884  -3.213  1.00 18.80  ? 25  TYR A CE2   1 
ATOM   216  C  CZ    . TYR A 1 25  ? 0.373   20.022  -4.602  1.00 28.15  ? 25  TYR A CZ    1 
ATOM   217  O  OH    . TYR A 1 25  ? -0.126  21.159  -5.218  1.00 30.79  ? 25  TYR A OH    1 
ATOM   218  N  N     . THR A 1 26  ? 2.520   13.316  -3.968  1.00 8.43   ? 26  THR A N     1 
ATOM   219  C  CA    . THR A 1 26  ? 3.232   12.058  -3.883  1.00 13.22  ? 26  THR A CA    1 
ATOM   220  C  C     . THR A 1 26  ? 4.397   12.120  -4.848  1.00 17.91  ? 26  THR A C     1 
ATOM   221  O  O     . THR A 1 26  ? 4.451   13.004  -5.698  1.00 15.23  ? 26  THR A O     1 
ATOM   222  C  CB    . THR A 1 26  ? 2.182   10.974  -4.357  1.00 15.84  ? 26  THR A CB    1 
ATOM   223  O  OG1   . THR A 1 26  ? 1.086   10.989  -3.500  1.00 14.64  ? 26  THR A OG1   1 
ATOM   224  C  CG2   . THR A 1 26  ? 2.639   9.511   -4.458  1.00 6.12   ? 26  THR A CG2   1 
ATOM   225  N  N     . ILE A 1 27  ? 5.319   11.157  -4.736  1.00 10.78  ? 27  ILE A N     1 
ATOM   226  C  CA    . ILE A 1 27  ? 6.407   11.024  -5.669  1.00 12.69  ? 27  ILE A CA    1 
ATOM   227  C  C     . ILE A 1 27  ? 6.871   9.568   -5.700  1.00 11.44  ? 27  ILE A C     1 
ATOM   228  O  O     . ILE A 1 27  ? 6.554   8.800   -4.799  1.00 14.76  ? 27  ILE A O     1 
ATOM   229  C  CB    . ILE A 1 27  ? 7.551   12.030  -5.401  1.00 14.99  ? 27  ILE A CB    1 
ATOM   230  C  CG1   . ILE A 1 27  ? 8.565   12.162  -6.569  1.00 15.71  ? 27  ILE A CG1   1 
ATOM   231  C  CG2   . ILE A 1 27  ? 8.273   11.600  -4.128  1.00 20.17  ? 27  ILE A CG2   1 
ATOM   232  C  CD1   . ILE A 1 27  ? 9.267   13.495  -6.600  1.00 17.49  ? 27  ILE A CD1   1 
ATOM   233  N  N     . GLY A 1 28  ? 7.663   9.218   -6.715  1.00 10.84  ? 28  GLY A N     1 
ATOM   234  C  CA    . GLY A 1 28  ? 8.290   7.935   -6.847  1.00 11.13  ? 28  GLY A CA    1 
ATOM   235  C  C     . GLY A 1 28  ? 7.293   6.824   -7.002  1.00 26.13  ? 28  GLY A C     1 
ATOM   236  O  O     . GLY A 1 28  ? 6.469   6.868   -7.910  1.00 14.40  ? 28  GLY A O     1 
ATOM   237  N  N     . ILE A 1 29  ? 7.403   5.829   -6.108  1.00 13.19  ? 29  ILE A N     1 
ATOM   238  C  CA    . ILE A 1 29  ? 6.494   4.690   -6.138  1.00 8.97   ? 29  ILE A CA    1 
ATOM   239  C  C     . ILE A 1 29  ? 5.458   4.747   -5.036  1.00 13.46  ? 29  ILE A C     1 
ATOM   240  O  O     . ILE A 1 29  ? 5.519   4.004   -4.051  1.00 13.21  ? 29  ILE A O     1 
ATOM   241  C  CB    . ILE A 1 29  ? 7.228   3.350   -6.108  1.00 12.54  ? 29  ILE A CB    1 
ATOM   242  C  CG1   . ILE A 1 29  ? 8.181   3.287   -7.324  1.00 15.99  ? 29  ILE A CG1   1 
ATOM   243  C  CG2   . ILE A 1 29  ? 6.177   2.260   -6.199  1.00 12.88  ? 29  ILE A CG2   1 
ATOM   244  C  CD1   . ILE A 1 29  ? 9.413   2.381   -7.193  1.00 24.31  ? 29  ILE A CD1   1 
ATOM   245  N  N     . GLY A 1 30  ? 4.502   5.679   -5.191  1.00 12.38  ? 30  GLY A N     1 
ATOM   246  C  CA    . GLY A 1 30  ? 3.472   5.814   -4.204  1.00 4.46   ? 30  GLY A CA    1 
ATOM   247  C  C     . GLY A 1 30  ? 3.965   6.336   -2.875  1.00 16.97  ? 30  GLY A C     1 
ATOM   248  O  O     . GLY A 1 30  ? 3.324   6.100   -1.866  1.00 13.65  ? 30  GLY A O     1 
ATOM   249  N  N     . HIS A 1 31  ? 5.040   7.106   -2.856  1.00 10.80  ? 31  HIS A N     1 
ATOM   250  C  CA    . HIS A 1 31  ? 5.483   7.680   -1.603  1.00 6.38   ? 31  HIS A CA    1 
ATOM   251  C  C     . HIS A 1 31  ? 4.722   9.009   -1.279  1.00 7.76   ? 31  HIS A C     1 
ATOM   252  O  O     . HIS A 1 31  ? 4.958   10.091  -1.829  1.00 10.33  ? 31  HIS A O     1 
ATOM   253  C  CB    . HIS A 1 31  ? 7.019   7.904   -1.628  1.00 8.30   ? 31  HIS A CB    1 
ATOM   254  C  CG    . HIS A 1 31  ? 7.497   8.450   -0.306  1.00 11.61  ? 31  HIS A CG    1 
ATOM   255  N  ND1   . HIS A 1 31  ? 7.701   7.632   0.803   1.00 13.74  ? 31  HIS A ND1   1 
ATOM   256  C  CD2   . HIS A 1 31  ? 7.691   9.735   0.108   1.00 18.00  ? 31  HIS A CD2   1 
ATOM   257  C  CE1   . HIS A 1 31  ? 8.041   8.364   1.832   1.00 8.31   ? 31  HIS A CE1   1 
ATOM   258  N  NE2   . HIS A 1 31  ? 8.028   9.656   1.462   1.00 10.08  ? 31  HIS A NE2   1 
ATOM   259  N  N     . LEU A 1 32  ? 3.766   8.948   -0.367  1.00 14.84  ? 32  LEU A N     1 
ATOM   260  C  CA    . LEU A 1 32  ? 3.014   10.132  -0.046  1.00 16.91  ? 32  LEU A CA    1 
ATOM   261  C  C     . LEU A 1 32  ? 3.859   11.146  0.633   1.00 12.68  ? 32  LEU A C     1 
ATOM   262  O  O     . LEU A 1 32  ? 4.599   10.879  1.561   1.00 19.17  ? 32  LEU A O     1 
ATOM   263  C  CB    . LEU A 1 32  ? 1.849   9.778   0.858   1.00 20.21  ? 32  LEU A CB    1 
ATOM   264  C  CG    . LEU A 1 32  ? 1.236   11.013  1.491   1.00 33.03  ? 32  LEU A CG    1 
ATOM   265  C  CD1   . LEU A 1 32  ? 0.383   11.724  0.454   1.00 18.73  ? 32  LEU A CD1   1 
ATOM   266  C  CD2   . LEU A 1 32  ? 0.331   10.553  2.609   1.00 26.65  ? 32  LEU A CD2   1 
ATOM   267  N  N     . LEU A 1 33  ? 3.787   12.349  0.197   1.00 13.03  ? 33  LEU A N     1 
ATOM   268  C  CA    . LEU A 1 33  ? 4.638   13.333  0.847   1.00 14.93  ? 33  LEU A CA    1 
ATOM   269  C  C     . LEU A 1 33  ? 3.927   14.110  1.940   1.00 24.81  ? 33  LEU A C     1 
ATOM   270  O  O     . LEU A 1 33  ? 4.520   14.384  2.989   1.00 16.31  ? 33  LEU A O     1 
ATOM   271  C  CB    . LEU A 1 33  ? 5.193   14.359  -0.169  1.00 18.19  ? 33  LEU A CB    1 
ATOM   272  C  CG    . LEU A 1 33  ? 6.198   13.768  -1.143  1.00 17.17  ? 33  LEU A CG    1 
ATOM   273  C  CD1   . LEU A 1 33  ? 6.284   14.708  -2.337  1.00 16.50  ? 33  LEU A CD1   1 
ATOM   274  C  CD2   . LEU A 1 33  ? 7.573   13.707  -0.476  1.00 10.64  ? 33  LEU A CD2   1 
ATOM   275  N  N     . THR A 1 34  ? 2.704   14.547  1.635   1.00 16.81  ? 34  THR A N     1 
ATOM   276  C  CA    . THR A 1 34  ? 1.899   15.380  2.549   1.00 23.81  ? 34  THR A CA    1 
ATOM   277  C  C     . THR A 1 34  ? 0.466   15.453  2.099   1.00 20.90  ? 34  THR A C     1 
ATOM   278  O  O     . THR A 1 34  ? 0.191   15.387  0.888   1.00 27.36  ? 34  THR A O     1 
ATOM   279  C  CB    . THR A 1 34  ? 2.425   16.864  2.690   1.00 29.93  ? 34  THR A CB    1 
ATOM   280  O  OG1   . THR A 1 34  ? 1.652   17.604  3.635   1.00 26.85  ? 34  THR A OG1   1 
ATOM   281  C  CG2   . THR A 1 34  ? 2.398   17.660  1.388   1.00 22.89  ? 34  THR A CG2   1 
ATOM   282  N  N     . LYS A 1 35  ? -0.423  15.623  3.082   1.00 22.05  ? 35  LYS A N     1 
ATOM   283  C  CA    . LYS A 1 35  ? -1.835  15.807  2.810   1.00 39.07  ? 35  LYS A CA    1 
ATOM   284  C  C     . LYS A 1 35  ? -2.196  17.275  2.681   1.00 26.29  ? 35  LYS A C     1 
ATOM   285  O  O     . LYS A 1 35  ? -3.296  17.625  2.333   1.00 30.20  ? 35  LYS A O     1 
ATOM   286  C  CB    . LYS A 1 35  ? -2.735  15.133  3.804   1.00 26.59  ? 35  LYS A CB    1 
ATOM   287  C  CG    . LYS A 1 35  ? -2.746  13.601  3.627   1.00 40.63  ? 35  LYS A CG    1 
ATOM   288  C  CD    . LYS A 1 35  ? -3.237  12.874  4.872   1.00 27.77  ? 35  LYS A CD    1 
ATOM   289  C  CE    . LYS A 1 35  ? -3.511  11.392  4.685   1.00 98.88  ? 35  LYS A CE    1 
ATOM   290  N  NZ    . LYS A 1 35  ? -4.342  10.835  5.769   1.00 100.00 ? 35  LYS A NZ    1 
ATOM   291  N  N     . SER A 1 36  ? -1.232  18.122  2.925   1.00 19.66  ? 36  SER A N     1 
ATOM   292  C  CA    . SER A 1 36  ? -1.463  19.531  2.770   1.00 31.93  ? 36  SER A CA    1 
ATOM   293  C  C     . SER A 1 36  ? -1.534  19.860  1.295   1.00 22.46  ? 36  SER A C     1 
ATOM   294  O  O     . SER A 1 36  ? -0.895  19.222  0.433   1.00 26.72  ? 36  SER A O     1 
ATOM   295  C  CB    . SER A 1 36  ? -0.410  20.383  3.468   1.00 39.50  ? 36  SER A CB    1 
ATOM   296  O  OG    . SER A 1 36  ? 0.015   21.422  2.607   1.00 58.51  ? 36  SER A OG    1 
ATOM   297  N  N     . PRO A 1 37  ? -2.295  20.906  1.015   1.00 29.50  ? 37  PRO A N     1 
ATOM   298  C  CA    . PRO A 1 37  ? -2.561  21.357  -0.335  1.00 30.21  ? 37  PRO A CA    1 
ATOM   299  C  C     . PRO A 1 37  ? -1.468  22.218  -0.912  1.00 18.98  ? 37  PRO A C     1 
ATOM   300  O  O     . PRO A 1 37  ? -1.503  22.642  -2.067  1.00 76.43  ? 37  PRO A O     1 
ATOM   301  C  CB    . PRO A 1 37  ? -3.844  22.172  -0.230  1.00 31.60  ? 37  PRO A CB    1 
ATOM   302  C  CG    . PRO A 1 37  ? -4.376  22.048  1.179   1.00 30.53  ? 37  PRO A CG    1 
ATOM   303  C  CD    . PRO A 1 37  ? -3.341  21.294  1.980   1.00 25.89  ? 37  PRO A CD    1 
ATOM   304  N  N     . SER A 1 38  ? -0.459  22.439  -0.085  1.00 33.39  ? 38  SER A N     1 
ATOM   305  C  CA    . SER A 1 38  ? 0.658   23.290  -0.450  1.00 28.87  ? 38  SER A CA    1 
ATOM   306  C  C     . SER A 1 38  ? 1.808   22.574  -1.133  1.00 32.29  ? 38  SER A C     1 
ATOM   307  O  O     . SER A 1 38  ? 2.430   21.695  -0.539  1.00 18.57  ? 38  SER A O     1 
ATOM   308  C  CB    . SER A 1 38  ? 1.188   24.014  0.800   1.00 40.06  ? 38  SER A CB    1 
ATOM   309  O  OG    . SER A 1 38  ? 2.406   24.670  0.497   1.00 100.00 ? 38  SER A OG    1 
ATOM   310  N  N     . LEU A 1 39  ? 2.126   23.010  -2.358  1.00 21.98  ? 39  LEU A N     1 
ATOM   311  C  CA    . LEU A 1 39  ? 3.235   22.425  -3.092  1.00 27.17  ? 39  LEU A CA    1 
ATOM   312  C  C     . LEU A 1 39  ? 4.563   22.663  -2.412  1.00 20.96  ? 39  LEU A C     1 
ATOM   313  O  O     . LEU A 1 39  ? 5.497   21.873  -2.474  1.00 31.47  ? 39  LEU A O     1 
ATOM   314  C  CB    . LEU A 1 39  ? 3.249   22.867  -4.565  1.00 29.32  ? 39  LEU A CB    1 
ATOM   315  C  CG    . LEU A 1 39  ? 4.353   22.236  -5.397  1.00 35.95  ? 39  LEU A CG    1 
ATOM   316  C  CD1   . LEU A 1 39  ? 4.239   20.703  -5.357  1.00 24.05  ? 39  LEU A CD1   1 
ATOM   317  C  CD2   . LEU A 1 39  ? 4.244   22.765  -6.833  1.00 22.60  ? 39  LEU A CD2   1 
ATOM   318  N  N     . ASN A 1 40  ? 4.653   23.764  -1.722  1.00 37.57  ? 40  ASN A N     1 
ATOM   319  C  CA    . ASN A 1 40  ? 5.892   24.081  -1.050  1.00 23.44  ? 40  ASN A CA    1 
ATOM   320  C  C     . ASN A 1 40  ? 6.088   23.164  0.106   1.00 19.01  ? 40  ASN A C     1 
ATOM   321  O  O     . ASN A 1 40  ? 7.163   22.684  0.340   1.00 27.56  ? 40  ASN A O     1 
ATOM   322  C  CB    . ASN A 1 40  ? 5.930   25.554  -0.650  1.00 87.26  ? 40  ASN A CB    1 
ATOM   323  C  CG    . ASN A 1 40  ? 5.774   26.378  -1.907  1.00 100.00 ? 40  ASN A CG    1 
ATOM   324  O  OD1   . ASN A 1 40  ? 6.692   26.388  -2.748  1.00 52.75  ? 40  ASN A OD1   1 
ATOM   325  N  ND2   . ASN A 1 40  ? 4.579   26.954  -2.094  1.00 100.00 ? 40  ASN A ND2   1 
ATOM   326  N  N     . ALA A 1 41  ? 5.008   22.910  0.793   1.00 17.82  ? 41  ALA A N     1 
ATOM   327  C  CA    . ALA A 1 41  ? 5.051   22.002  1.888   1.00 23.51  ? 41  ALA A CA    1 
ATOM   328  C  C     . ALA A 1 41  ? 5.525   20.661  1.336   1.00 33.33  ? 41  ALA A C     1 
ATOM   329  O  O     . ALA A 1 41  ? 6.360   19.987  1.900   1.00 19.59  ? 41  ALA A O     1 
ATOM   330  C  CB    . ALA A 1 41  ? 3.652   21.894  2.490   1.00 18.61  ? 41  ALA A CB    1 
ATOM   331  N  N     . ALA A 1 42  ? 5.013   20.300  0.186   1.00 16.61  ? 42  ALA A N     1 
ATOM   332  C  CA    . ALA A 1 42  ? 5.429   19.055  -0.438  1.00 15.48  ? 42  ALA A CA    1 
ATOM   333  C  C     . ALA A 1 42  ? 6.889   19.052  -0.835  1.00 11.45  ? 42  ALA A C     1 
ATOM   334  O  O     . ALA A 1 42  ? 7.618   18.068  -0.634  1.00 20.68  ? 42  ALA A O     1 
ATOM   335  C  CB    . ALA A 1 42  ? 4.534   18.715  -1.603  1.00 18.13  ? 42  ALA A CB    1 
ATOM   336  N  N     . LYS A 1 43  ? 7.378   20.121  -1.404  1.00 15.15  ? 43  LYS A N     1 
ATOM   337  C  CA    . LYS A 1 43  ? 8.773   20.139  -1.785  1.00 18.01  ? 43  LYS A CA    1 
ATOM   338  C  C     . LYS A 1 43  ? 9.648   20.138  -0.566  1.00 14.58  ? 43  LYS A C     1 
ATOM   339  O  O     . LYS A 1 43  ? 10.719  19.601  -0.547  1.00 17.35  ? 43  LYS A O     1 
ATOM   340  C  CB    . LYS A 1 43  ? 9.108   21.382  -2.519  1.00 13.54  ? 43  LYS A CB    1 
ATOM   341  C  CG    . LYS A 1 43  ? 8.812   21.235  -3.968  1.00 24.51  ? 43  LYS A CG    1 
ATOM   342  C  CD    . LYS A 1 43  ? 8.426   22.559  -4.595  1.00 31.45  ? 43  LYS A CD    1 
ATOM   343  C  CE    . LYS A 1 43  ? 8.401   22.500  -6.109  1.00 37.65  ? 43  LYS A CE    1 
ATOM   344  N  NZ    . LYS A 1 43  ? 9.594   23.095  -6.747  1.00 100.00 ? 43  LYS A NZ    1 
ATOM   345  N  N     . SER A 1 44  ? 9.196   20.741  0.480   1.00 15.40  ? 44  SER A N     1 
ATOM   346  C  CA    . SER A 1 44  ? 10.020  20.723  1.673   1.00 19.65  ? 44  SER A CA    1 
ATOM   347  C  C     . SER A 1 44  ? 10.112  19.304  2.275   1.00 13.05  ? 44  SER A C     1 
ATOM   348  O  O     . SER A 1 44  ? 11.167  18.849  2.747   1.00 18.85  ? 44  SER A O     1 
ATOM   349  C  CB    . SER A 1 44  ? 9.584   21.781  2.703   1.00 25.44  ? 44  SER A CB    1 
ATOM   350  O  OG    . SER A 1 44  ? 9.940   21.361  4.012   1.00 86.76  ? 44  SER A OG    1 
ATOM   351  N  N     . GLU A 1 45  ? 8.995   18.616  2.287   1.00 14.54  ? 45  GLU A N     1 
ATOM   352  C  CA    . GLU A 1 45  ? 8.969   17.253  2.795   1.00 11.69  ? 45  GLU A CA    1 
ATOM   353  C  C     . GLU A 1 45  ? 9.838   16.396  1.878   1.00 14.34  ? 45  GLU A C     1 
ATOM   354  O  O     . GLU A 1 45  ? 10.558  15.506  2.313   1.00 13.47  ? 45  GLU A O     1 
ATOM   355  C  CB    . GLU A 1 45  ? 7.554   16.641  2.718   1.00 8.39   ? 45  GLU A CB    1 
ATOM   356  C  CG    . GLU A 1 45  ? 6.616   17.122  3.841   1.00 16.81  ? 45  GLU A CG    1 
ATOM   357  C  CD    . GLU A 1 45  ? 7.143   16.759  5.202   1.00 40.99  ? 45  GLU A CD    1 
ATOM   358  O  OE1   . GLU A 1 45  ? 7.456   15.636  5.542   1.00 20.71  ? 45  GLU A OE1   1 
ATOM   359  O  OE2   . GLU A 1 45  ? 7.218   17.780  5.995   1.00 24.74  ? 45  GLU A OE2   1 
ATOM   360  N  N     . LEU A 1 46  ? 9.777   16.677  0.582   1.00 12.86  ? 46  LEU A N     1 
ATOM   361  C  CA    . LEU A 1 46  ? 10.593  15.897  -0.313  1.00 19.00  ? 46  LEU A CA    1 
ATOM   362  C  C     . LEU A 1 46  ? 12.102  16.053  -0.029  1.00 23.38  ? 46  LEU A C     1 
ATOM   363  O  O     . LEU A 1 46  ? 12.871  15.122  -0.036  1.00 18.88  ? 46  LEU A O     1 
ATOM   364  C  CB    . LEU A 1 46  ? 10.237  16.206  -1.779  1.00 15.82  ? 46  LEU A CB    1 
ATOM   365  C  CG    . LEU A 1 46  ? 11.181  15.537  -2.785  1.00 16.46  ? 46  LEU A CG    1 
ATOM   366  C  CD1   . LEU A 1 46  ? 11.050  14.044  -2.636  1.00 17.28  ? 46  LEU A CD1   1 
ATOM   367  C  CD2   . LEU A 1 46  ? 10.745  15.900  -4.222  1.00 15.45  ? 46  LEU A CD2   1 
ATOM   368  N  N     . ASP A 1 47  ? 12.547  17.250  0.217   1.00 15.93  ? 47  ASP A N     1 
ATOM   369  C  CA    . ASP A 1 47  ? 13.960  17.490  0.428   1.00 14.13  ? 47  ASP A CA    1 
ATOM   370  C  C     . ASP A 1 47  ? 14.445  16.895  1.698   1.00 15.02  ? 47  ASP A C     1 
ATOM   371  O  O     . ASP A 1 47  ? 15.599  16.483  1.787   1.00 15.52  ? 47  ASP A O     1 
ATOM   372  C  CB    . ASP A 1 47  ? 14.259  19.001  0.408   1.00 20.50  ? 47  ASP A CB    1 
ATOM   373  C  CG    . ASP A 1 47  ? 14.105  19.679  -0.955  1.00 29.82  ? 47  ASP A CG    1 
ATOM   374  O  OD1   . ASP A 1 47  ? 14.118  19.125  -2.053  1.00 19.76  ? 47  ASP A OD1   1 
ATOM   375  O  OD2   . ASP A 1 47  ? 13.965  20.954  -0.827  1.00 26.91  ? 47  ASP A OD2   1 
ATOM   376  N  N     . LYS A 1 48  ? 13.563  16.941  2.687   1.00 16.83  ? 48  LYS A N     1 
ATOM   377  C  CA    . LYS A 1 48  ? 13.828  16.362  3.997   1.00 18.83  ? 48  LYS A CA    1 
ATOM   378  C  C     . LYS A 1 48  ? 13.953  14.799  3.907   1.00 13.70  ? 48  LYS A C     1 
ATOM   379  O  O     . LYS A 1 48  ? 14.788  14.142  4.542   1.00 16.45  ? 48  LYS A O     1 
ATOM   380  C  CB    . LYS A 1 48  ? 12.678  16.758  4.931   1.00 12.61  ? 48  LYS A CB    1 
ATOM   381  C  CG    . LYS A 1 48  ? 12.668  15.982  6.219   1.00 8.22   ? 48  LYS A CG    1 
ATOM   382  C  CD    . LYS A 1 48  ? 11.871  16.679  7.312   1.00 16.59  ? 48  LYS A CD    1 
ATOM   383  C  CE    . LYS A 1 48  ? 10.389  16.796  7.044   1.00 11.34  ? 48  LYS A CE    1 
ATOM   384  N  NZ    . LYS A 1 48  ? 9.728   15.513  7.262   1.00 14.73  ? 48  LYS A NZ    1 
ATOM   385  N  N     . ALA A 1 49  ? 13.173  14.207  3.022   1.00 20.25  ? 49  ALA A N     1 
ATOM   386  C  CA    . ALA A 1 49  ? 13.209  12.770  2.826   1.00 28.01  ? 49  ALA A CA    1 
ATOM   387  C  C     . ALA A 1 49  ? 14.423  12.279  2.033   1.00 20.33  ? 49  ALA A C     1 
ATOM   388  O  O     . ALA A 1 49  ? 14.908  11.218  2.309   1.00 11.09  ? 49  ALA A O     1 
ATOM   389  C  CB    . ALA A 1 49  ? 11.912  12.287  2.162   1.00 22.22  ? 49  ALA A CB    1 
ATOM   390  N  N     . ILE A 1 50  ? 14.859  13.037  1.032   1.00 13.79  ? 50  ILE A N     1 
ATOM   391  C  CA    . ILE A 1 50  ? 15.978  12.708  0.119   1.00 18.76  ? 50  ILE A CA    1 
ATOM   392  C  C     . ILE A 1 50  ? 17.298  13.206  0.666   1.00 24.81  ? 50  ILE A C     1 
ATOM   393  O  O     . ILE A 1 50  ? 18.392  12.664  0.387   1.00 28.92  ? 50  ILE A O     1 
ATOM   394  C  CB    . ILE A 1 50  ? 15.766  13.388  -1.251  1.00 13.27  ? 50  ILE A CB    1 
ATOM   395  C  CG1   . ILE A 1 50  ? 14.459  12.903  -1.890  1.00 16.51  ? 50  ILE A CG1   1 
ATOM   396  C  CG2   . ILE A 1 50  ? 16.961  13.138  -2.140  1.00 17.16  ? 50  ILE A CG2   1 
ATOM   397  C  CD1   . ILE A 1 50  ? 14.350  11.363  -1.839  1.00 19.37  ? 50  ILE A CD1   1 
ATOM   398  N  N     . GLY A 1 51  ? 17.189  14.269  1.442   1.00 12.12  ? 51  GLY A N     1 
ATOM   399  C  CA    . GLY A 1 51  ? 18.385  14.868  2.051   1.00 16.34  ? 51  GLY A CA    1 
ATOM   400  C  C     . GLY A 1 51  ? 19.137  15.781  1.062   1.00 27.22  ? 51  GLY A C     1 
ATOM   401  O  O     . GLY A 1 51  ? 20.380  15.885  1.015   1.00 25.52  ? 51  GLY A O     1 
ATOM   402  N  N     . ARG A 1 52  ? 18.389  16.462  0.233   1.00 41.44  ? 52  ARG A N     1 
ATOM   403  C  CA    . ARG A 1 52  ? 19.041  17.327  -0.713  1.00 25.98  ? 52  ARG A CA    1 
ATOM   404  C  C     . ARG A 1 52  ? 18.020  18.238  -1.273  1.00 41.20  ? 52  ARG A C     1 
ATOM   405  O  O     . ARG A 1 52  ? 16.830  18.010  -1.078  1.00 24.81  ? 52  ARG A O     1 
ATOM   406  C  CB    . ARG A 1 52  ? 19.821  16.552  -1.774  1.00 18.34  ? 52  ARG A CB    1 
ATOM   407  C  CG    . ARG A 1 52  ? 19.086  16.333  -3.087  1.00 19.69  ? 52  ARG A CG    1 
ATOM   408  C  CD    . ARG A 1 52  ? 19.810  15.307  -3.968  1.00 27.64  ? 52  ARG A CD    1 
ATOM   409  N  NE    . ARG A 1 52  ? 18.890  14.630  -4.874  1.00 18.40  ? 52  ARG A NE    1 
ATOM   410  C  CZ    . ARG A 1 52  ? 18.355  15.259  -5.882  1.00 27.86  ? 52  ARG A CZ    1 
ATOM   411  N  NH1   . ARG A 1 52  ? 18.720  16.505  -6.141  1.00 25.14  ? 52  ARG A NH1   1 
ATOM   412  N  NH2   . ARG A 1 52  ? 17.495  14.645  -6.675  1.00 38.40  ? 52  ARG A NH2   1 
ATOM   413  N  N     . ASN A 1 53  ? 18.488  19.290  -1.898  1.00 23.90  ? 53  ASN A N     1 
ATOM   414  C  CA    . ASN A 1 53  ? 17.595  20.247  -2.497  1.00 20.09  ? 53  ASN A CA    1 
ATOM   415  C  C     . ASN A 1 53  ? 17.168  19.668  -3.825  1.00 16.17  ? 53  ASN A C     1 
ATOM   416  O  O     . ASN A 1 53  ? 17.918  19.740  -4.780  1.00 25.20  ? 53  ASN A O     1 
ATOM   417  C  CB    . ASN A 1 53  ? 18.287  21.614  -2.650  1.00 44.17  ? 53  ASN A CB    1 
ATOM   418  C  CG    . ASN A 1 53  ? 17.390  22.753  -2.200  1.00 50.28  ? 53  ASN A CG    1 
ATOM   419  O  OD1   . ASN A 1 53  ? 17.446  23.206  -1.043  1.00 100.00 ? 53  ASN A OD1   1 
ATOM   420  N  ND2   . ASN A 1 53  ? 16.553  23.206  -3.136  1.00 45.81  ? 53  ASN A ND2   1 
ATOM   421  N  N     . THR A 1 54  ? 15.969  19.048  -3.862  1.00 17.75  ? 54  THR A N     1 
ATOM   422  C  CA    . THR A 1 54  ? 15.539  18.377  -5.106  1.00 16.76  ? 54  THR A CA    1 
ATOM   423  C  C     . THR A 1 54  ? 14.820  19.224  -6.134  1.00 20.56  ? 54  THR A C     1 
ATOM   424  O  O     . THR A 1 54  ? 14.801  18.911  -7.315  1.00 36.98  ? 54  THR A O     1 
ATOM   425  C  CB    . THR A 1 54  ? 14.661  17.152  -4.805  1.00 15.91  ? 54  THR A CB    1 
ATOM   426  O  OG1   . THR A 1 54  ? 13.433  17.611  -4.285  1.00 19.37  ? 54  THR A OG1   1 
ATOM   427  C  CG2   . THR A 1 54  ? 15.352  16.239  -3.792  1.00 26.40  ? 54  THR A CG2   1 
ATOM   428  N  N     . ASN A 1 55  ? 14.138  20.252  -5.700  1.00 29.69  ? 55  ASN A N     1 
ATOM   429  C  CA    . ASN A 1 55  ? 13.401  21.022  -6.669  1.00 40.54  ? 55  ASN A CA    1 
ATOM   430  C  C     . ASN A 1 55  ? 12.228  20.230  -7.262  1.00 34.09  ? 55  ASN A C     1 
ATOM   431  O  O     . ASN A 1 55  ? 11.787  20.490  -8.396  1.00 52.18  ? 55  ASN A O     1 
ATOM   432  C  CB    . ASN A 1 55  ? 14.287  21.684  -7.769  1.00 30.53  ? 55  ASN A CB    1 
ATOM   433  C  CG    . ASN A 1 55  ? 13.592  22.879  -8.444  1.00 93.47  ? 55  ASN A CG    1 
ATOM   434  O  OD1   . ASN A 1 55  ? 12.775  23.618  -7.843  1.00 37.75  ? 55  ASN A OD1   1 
ATOM   435  N  ND2   . ASN A 1 55  ? 13.908  23.069  -9.711  1.00 41.49  ? 55  ASN A ND2   1 
ATOM   436  N  N     . GLY A 1 56  ? 11.688  19.291  -6.484  1.00 20.40  ? 56  GLY A N     1 
ATOM   437  C  CA    . GLY A 1 56  ? 10.517  18.513  -6.926  1.00 21.89  ? 56  GLY A CA    1 
ATOM   438  C  C     . GLY A 1 56  ? 10.817  17.329  -7.849  1.00 15.02  ? 56  GLY A C     1 
ATOM   439  O  O     . GLY A 1 56  ? 9.908   16.702  -8.367  1.00 21.26  ? 56  GLY A O     1 
ATOM   440  N  N     . VAL A 1 57  ? 12.082  17.044  -8.087  1.00 20.02  ? 57  VAL A N     1 
ATOM   441  C  CA    . VAL A 1 57  ? 12.444  15.952  -8.969  1.00 13.46  ? 57  VAL A CA    1 
ATOM   442  C  C     . VAL A 1 57  ? 13.474  15.032  -8.302  1.00 24.84  ? 57  VAL A C     1 
ATOM   443  O  O     . VAL A 1 57  ? 14.364  15.507  -7.616  1.00 16.89  ? 57  VAL A O     1 
ATOM   444  C  CB    . VAL A 1 57  ? 13.069  16.563  -10.202 1.00 19.11  ? 57  VAL A CB    1 
ATOM   445  C  CG1   . VAL A 1 57  ? 13.256  15.487  -11.241 1.00 26.32  ? 57  VAL A CG1   1 
ATOM   446  C  CG2   . VAL A 1 57  ? 12.157  17.641  -10.728 1.00 32.47  ? 57  VAL A CG2   1 
ATOM   447  N  N     . ILE A 1 58  ? 13.371  13.713  -8.511  1.00 17.55  ? 58  ILE A N     1 
ATOM   448  C  CA    . ILE A 1 58  ? 14.311  12.763  -7.935  1.00 13.04  ? 58  ILE A CA    1 
ATOM   449  C  C     . ILE A 1 58  ? 14.735  11.794  -9.028  1.00 24.46  ? 58  ILE A C     1 
ATOM   450  O  O     . ILE A 1 58  ? 14.101  11.746  -10.070 1.00 20.41  ? 58  ILE A O     1 
ATOM   451  C  CB    . ILE A 1 58  ? 13.721  11.934  -6.760  1.00 14.40  ? 58  ILE A CB    1 
ATOM   452  C  CG1   . ILE A 1 58  ? 12.462  11.149  -7.207  1.00 11.38  ? 58  ILE A CG1   1 
ATOM   453  C  CG2   . ILE A 1 58  ? 13.391  12.879  -5.609  1.00 10.82  ? 58  ILE A CG2   1 
ATOM   454  C  CD1   . ILE A 1 58  ? 11.950  10.162  -6.148  1.00 10.34  ? 58  ILE A CD1   1 
ATOM   455  N  N     . THR A 1 59  ? 15.780  11.016  -8.760  1.00 13.78  ? 59  THR A N     1 
ATOM   456  C  CA    . THR A 1 59  ? 16.253  10.064  -9.685  1.00 9.76   ? 59  THR A CA    1 
ATOM   457  C  C     . THR A 1 59  ? 15.547  8.752   -9.362  1.00 21.35  ? 59  THR A C     1 
ATOM   458  O  O     . THR A 1 59  ? 14.947  8.603   -8.296  1.00 18.69  ? 59  THR A O     1 
ATOM   459  C  CB    . THR A 1 59  ? 17.784  9.879   -9.481  1.00 20.48  ? 59  THR A CB    1 
ATOM   460  O  OG1   . THR A 1 59  ? 18.003  9.178   -8.280  1.00 20.51  ? 59  THR A OG1   1 
ATOM   461  C  CG2   . THR A 1 59  ? 18.516  11.209  -9.354  1.00 21.27  ? 59  THR A CG2   1 
ATOM   462  N  N     . LYS A 1 60  ? 15.679  7.787   -10.271 1.00 18.47  ? 60  LYS A N     1 
ATOM   463  C  CA    . LYS A 1 60  ? 15.135  6.451   -10.170 1.00 14.56  ? 60  LYS A CA    1 
ATOM   464  C  C     . LYS A 1 60  ? 15.657  5.714   -8.949  1.00 12.63  ? 60  LYS A C     1 
ATOM   465  O  O     . LYS A 1 60  ? 14.926  5.023   -8.217  1.00 12.00  ? 60  LYS A O     1 
ATOM   466  C  CB    . LYS A 1 60  ? 15.460  5.678   -11.427 1.00 16.82  ? 60  LYS A CB    1 
ATOM   467  C  CG    . LYS A 1 60  ? 14.913  4.270   -11.398 1.00 43.59  ? 60  LYS A CG    1 
ATOM   468  C  CD    . LYS A 1 60  ? 13.894  3.966   -12.489 1.00 48.98  ? 60  LYS A CD    1 
ATOM   469  C  CE    . LYS A 1 60  ? 14.063  2.564   -13.098 1.00 100.00 ? 60  LYS A CE    1 
ATOM   470  N  NZ    . LYS A 1 60  ? 13.058  2.198   -14.124 1.00 100.00 ? 60  LYS A NZ    1 
ATOM   471  N  N     . ASP A 1 61  ? 16.958  5.927   -8.710  1.00 15.95  ? 61  ASP A N     1 
ATOM   472  C  CA    . ASP A 1 61  ? 17.624  5.359   -7.544  1.00 20.54  ? 61  ASP A CA    1 
ATOM   473  C  C     . ASP A 1 61  ? 17.014  5.887   -6.255  1.00 16.59  ? 61  ASP A C     1 
ATOM   474  O  O     . ASP A 1 61  ? 16.774  5.144   -5.302  1.00 17.47  ? 61  ASP A O     1 
ATOM   475  C  CB    . ASP A 1 61  ? 19.136  5.631   -7.541  1.00 18.87  ? 61  ASP A CB    1 
ATOM   476  C  CG    . ASP A 1 61  ? 19.931  4.896   -8.604  1.00 100.00 ? 61  ASP A CG    1 
ATOM   477  O  OD1   . ASP A 1 61  ? 19.357  3.821   -9.112  1.00 60.37  ? 61  ASP A OD1   1 
ATOM   478  O  OD2   . ASP A 1 61  ? 21.031  5.281   -8.941  1.00 100.00 ? 61  ASP A OD2   1 
ATOM   479  N  N     . GLU A 1 62  ? 16.799  7.205   -6.206  1.00 15.04  ? 62  GLU A N     1 
ATOM   480  C  CA    . GLU A 1 62  ? 16.206  7.797   -5.018  1.00 10.72  ? 62  GLU A CA    1 
ATOM   481  C  C     . GLU A 1 62  ? 14.787  7.279   -4.809  1.00 14.45  ? 62  GLU A C     1 
ATOM   482  O  O     . GLU A 1 62  ? 14.361  7.067   -3.683  1.00 17.82  ? 62  GLU A O     1 
ATOM   483  C  CB    . GLU A 1 62  ? 16.147  9.308   -5.173  1.00 12.97  ? 62  GLU A CB    1 
ATOM   484  C  CG    . GLU A 1 62  ? 17.572  9.886   -5.098  1.00 20.43  ? 62  GLU A CG    1 
ATOM   485  C  CD    . GLU A 1 62  ? 17.666  11.347  -5.476  1.00 17.83  ? 62  GLU A CD    1 
ATOM   486  O  OE1   . GLU A 1 62  ? 16.852  11.933  -6.172  1.00 19.47  ? 62  GLU A OE1   1 
ATOM   487  O  OE2   . GLU A 1 62  ? 18.706  11.920  -4.940  1.00 30.55  ? 62  GLU A OE2   1 
ATOM   488  N  N     . ALA A 1 63  ? 14.045  7.123   -5.909  1.00 13.71  ? 63  ALA A N     1 
ATOM   489  C  CA    . ALA A 1 63  ? 12.685  6.606   -5.838  1.00 10.12  ? 63  ALA A CA    1 
ATOM   490  C  C     . ALA A 1 63  ? 12.711  5.186   -5.249  1.00 13.25  ? 63  ALA A C     1 
ATOM   491  O  O     . ALA A 1 63  ? 11.888  4.807   -4.414  1.00 17.98  ? 63  ALA A O     1 
ATOM   492  C  CB    . ALA A 1 63  ? 12.005  6.592   -7.224  1.00 12.41  ? 63  ALA A CB    1 
ATOM   493  N  N     . GLU A 1 64  ? 13.643  4.385   -5.737  1.00 13.74  ? 64  GLU A N     1 
ATOM   494  C  CA    . GLU A 1 64  ? 13.758  3.025   -5.267  1.00 12.20  ? 64  GLU A CA    1 
ATOM   495  C  C     . GLU A 1 64  ? 14.214  2.953   -3.825  1.00 19.38  ? 64  GLU A C     1 
ATOM   496  O  O     . GLU A 1 64  ? 13.884  2.012   -3.107  1.00 14.58  ? 64  GLU A O     1 
ATOM   497  C  CB    . GLU A 1 64  ? 14.665  2.219   -6.202  1.00 17.04  ? 64  GLU A CB    1 
ATOM   498  C  CG    . GLU A 1 64  ? 13.788  1.725   -7.360  1.00 15.46  ? 64  GLU A CG    1 
ATOM   499  C  CD    . GLU A 1 64  ? 14.605  1.270   -8.530  1.00 33.91  ? 64  GLU A CD    1 
ATOM   500  O  OE1   . GLU A 1 64  ? 15.832  1.317   -8.530  1.00 45.57  ? 64  GLU A OE1   1 
ATOM   501  O  OE2   . GLU A 1 64  ? 13.856  0.873   -9.534  1.00 33.62  ? 64  GLU A OE2   1 
ATOM   502  N  N     . LYS A 1 65  ? 14.945  3.970   -3.381  1.00 13.02  ? 65  LYS A N     1 
ATOM   503  C  CA    . LYS A 1 65  ? 15.365  3.959   -1.987  1.00 14.70  ? 65  LYS A CA    1 
ATOM   504  C  C     . LYS A 1 65  ? 14.171  4.236   -1.064  1.00 14.73  ? 65  LYS A C     1 
ATOM   505  O  O     . LYS A 1 65  ? 13.935  3.506   -0.081  1.00 16.23  ? 65  LYS A O     1 
ATOM   506  C  CB    . LYS A 1 65  ? 16.512  4.903   -1.693  1.00 20.40  ? 65  LYS A CB    1 
ATOM   507  C  CG    . LYS A 1 65  ? 16.980  4.738   -0.248  1.00 43.22  ? 65  LYS A CG    1 
ATOM   508  C  CD    . LYS A 1 65  ? 18.435  5.133   -0.068  1.00 100.00 ? 65  LYS A CD    1 
ATOM   509  C  CE    . LYS A 1 65  ? 18.936  4.961   1.356   1.00 64.10  ? 65  LYS A CE    1 
ATOM   510  N  NZ    . LYS A 1 65  ? 20.003  5.927   1.693   1.00 40.69  ? 65  LYS A NZ    1 
ATOM   511  N  N     . LEU A 1 66  ? 13.336  5.233   -1.429  1.00 17.21  ? 66  LEU A N     1 
ATOM   512  C  CA    . LEU A 1 66  ? 12.091  5.528   -0.695  1.00 7.73   ? 66  LEU A CA    1 
ATOM   513  C  C     . LEU A 1 66  ? 11.202  4.303   -0.644  1.00 11.13  ? 66  LEU A C     1 
ATOM   514  O  O     . LEU A 1 66  ? 10.602  3.981   0.401   1.00 7.72   ? 66  LEU A O     1 
ATOM   515  C  CB    . LEU A 1 66  ? 11.205  6.673   -1.316  1.00 13.66  ? 66  LEU A CB    1 
ATOM   516  C  CG    . LEU A 1 66  ? 11.933  8.025   -1.305  1.00 16.57  ? 66  LEU A CG    1 
ATOM   517  C  CD1   . LEU A 1 66  ? 11.033  9.113   -1.916  1.00 19.00  ? 66  LEU A CD1   1 
ATOM   518  C  CD2   . LEU A 1 66  ? 12.314  8.399   0.114   1.00 23.21  ? 66  LEU A CD2   1 
ATOM   519  N  N     . PHE A 1 67  ? 11.130  3.627   -1.786  1.00 7.68   ? 67  PHE A N     1 
ATOM   520  C  CA    . PHE A 1 67  ? 10.293  2.432   -1.897  1.00 9.91   ? 67  PHE A CA    1 
ATOM   521  C  C     . PHE A 1 67  ? 10.709  1.374   -0.923  1.00 11.76  ? 67  PHE A C     1 
ATOM   522  O  O     . PHE A 1 67  ? 9.891   0.785   -0.243  1.00 11.02  ? 67  PHE A O     1 
ATOM   523  C  CB    . PHE A 1 67  ? 10.348  1.918   -3.338  1.00 8.27   ? 67  PHE A CB    1 
ATOM   524  C  CG    . PHE A 1 67  ? 9.364   0.807   -3.708  1.00 13.59  ? 67  PHE A CG    1 
ATOM   525  C  CD1   . PHE A 1 67  ? 8.095   0.735   -3.124  1.00 15.66  ? 67  PHE A CD1   1 
ATOM   526  C  CD2   . PHE A 1 67  ? 9.694   -0.129  -4.686  1.00 13.47  ? 67  PHE A CD2   1 
ATOM   527  C  CE1   . PHE A 1 67  ? 7.163   -0.241  -3.483  1.00 13.78  ? 67  PHE A CE1   1 
ATOM   528  C  CE2   . PHE A 1 67  ? 8.777   -1.106  -5.089  1.00 16.45  ? 67  PHE A CE2   1 
ATOM   529  C  CZ    . PHE A 1 67  ? 7.530   -1.166  -4.458  1.00 11.40  ? 67  PHE A CZ    1 
ATOM   530  N  N     . ASN A 1 68  ? 11.991  1.106   -0.858  1.00 16.79  ? 68  ASN A N     1 
ATOM   531  C  CA    . ASN A 1 68  ? 12.495  0.066   0.061   1.00 6.92   ? 68  ASN A CA    1 
ATOM   532  C  C     . ASN A 1 68  ? 12.178  0.393   1.513   1.00 15.14  ? 68  ASN A C     1 
ATOM   533  O  O     . ASN A 1 68  ? 11.851  -0.454  2.368   1.00 13.02  ? 68  ASN A O     1 
ATOM   534  C  CB    . ASN A 1 68  ? 14.011  -0.131  -0.108  1.00 16.26  ? 68  ASN A CB    1 
ATOM   535  C  CG    . ASN A 1 68  ? 14.451  -0.949  -1.316  1.00 40.99  ? 68  ASN A CG    1 
ATOM   536  O  OD1   . ASN A 1 68  ? 13.964  -2.063  -1.540  1.00 28.73  ? 68  ASN A OD1   1 
ATOM   537  N  ND2   . ASN A 1 68  ? 15.412  -0.414  -2.085  1.00 28.22  ? 68  ASN A ND2   1 
ATOM   538  N  N     . GLN A 1 69  ? 12.312  1.681   1.811   1.00 12.88  ? 69  GLN A N     1 
ATOM   539  C  CA    . GLN A 1 69  ? 12.064  2.105   3.166   1.00 9.49   ? 69  GLN A CA    1 
ATOM   540  C  C     . GLN A 1 69  ? 10.631  1.945   3.496   1.00 8.28   ? 69  GLN A C     1 
ATOM   541  O  O     . GLN A 1 69  ? 10.284  1.599   4.601   1.00 16.21  ? 69  GLN A O     1 
ATOM   542  C  CB    . GLN A 1 69  ? 12.430  3.604   3.361   1.00 9.93   ? 69  GLN A CB    1 
ATOM   543  C  CG    . GLN A 1 69  ? 13.939  3.790   3.137   1.00 9.65   ? 69  GLN A CG    1 
ATOM   544  C  CD    . GLN A 1 69  ? 14.380  5.220   3.299   1.00 19.22  ? 69  GLN A CD    1 
ATOM   545  O  OE1   . GLN A 1 69  ? 15.580  5.473   3.396   1.00 12.92  ? 69  GLN A OE1   1 
ATOM   546  N  NE2   . GLN A 1 69  ? 13.424  6.162   3.225   1.00 13.45  ? 69  GLN A NE2   1 
ATOM   547  N  N     . ASP A 1 70  ? 9.773   2.270   2.520   1.00 13.92  ? 70  ASP A N     1 
ATOM   548  C  CA    . ASP A 1 70  ? 8.340   2.218   2.719   1.00 10.79  ? 70  ASP A CA    1 
ATOM   549  C  C     . ASP A 1 70  ? 7.798   0.808   2.890   1.00 20.32  ? 70  ASP A C     1 
ATOM   550  O  O     . ASP A 1 70  ? 6.857   0.589   3.615   1.00 11.06  ? 70  ASP A O     1 
ATOM   551  C  CB    . ASP A 1 70  ? 7.588   2.917   1.547   1.00 8.04   ? 70  ASP A CB    1 
ATOM   552  C  CG    . ASP A 1 70  ? 7.693   4.399   1.658   1.00 19.89  ? 70  ASP A CG    1 
ATOM   553  O  OD1   . ASP A 1 70  ? 8.049   4.979   2.671   1.00 15.43  ? 70  ASP A OD1   1 
ATOM   554  O  OD2   . ASP A 1 70  ? 7.456   4.972   0.532   1.00 12.95  ? 70  ASP A OD2   1 
ATOM   555  N  N     . VAL A 1 71  ? 8.366   -0.132  2.154   1.00 11.40  ? 71  VAL A N     1 
ATOM   556  C  CA    . VAL A 1 71  ? 7.913   -1.509  2.242   1.00 13.09  ? 71  VAL A CA    1 
ATOM   557  C  C     . VAL A 1 71  ? 8.306   -2.065  3.586   1.00 13.65  ? 71  VAL A C     1 
ATOM   558  O  O     . VAL A 1 71  ? 7.515   -2.614  4.341   1.00 12.75  ? 71  VAL A O     1 
ATOM   559  C  CB    . VAL A 1 71  ? 8.484   -2.348  1.099   1.00 15.08  ? 71  VAL A CB    1 
ATOM   560  C  CG1   . VAL A 1 71  ? 8.193   -3.845  1.385   1.00 14.07  ? 71  VAL A CG1   1 
ATOM   561  C  CG2   . VAL A 1 71  ? 7.839   -2.014  -0.229  1.00 12.56  ? 71  VAL A CG2   1 
ATOM   562  N  N     . ASP A 1 72  ? 9.554   -1.838  3.924   1.00 12.86  ? 72  ASP A N     1 
ATOM   563  C  CA    . ASP A 1 72  ? 10.046  -2.243  5.224   1.00 13.47  ? 72  ASP A CA    1 
ATOM   564  C  C     . ASP A 1 72  ? 9.176   -1.692  6.364   1.00 13.99  ? 72  ASP A C     1 
ATOM   565  O  O     . ASP A 1 72  ? 8.780   -2.370  7.317   1.00 15.70  ? 72  ASP A O     1 
ATOM   566  C  CB    . ASP A 1 72  ? 11.455  -1.675  5.381   1.00 11.30  ? 72  ASP A CB    1 
ATOM   567  C  CG    . ASP A 1 72  ? 12.241  -2.367  6.464   1.00 18.93  ? 72  ASP A CG    1 
ATOM   568  O  OD1   . ASP A 1 72  ? 11.860  -3.564  6.672   1.00 56.80  ? 72  ASP A OD1   1 
ATOM   569  O  OD2   . ASP A 1 72  ? 13.187  -1.891  6.998   1.00 26.75  ? 72  ASP A OD2   1 
ATOM   570  N  N     . ALA A 1 73  ? 8.889   -0.423  6.274   1.00 13.63  ? 73  ALA A N     1 
ATOM   571  C  CA    . ALA A 1 73  ? 8.122   0.197   7.298   1.00 13.48  ? 73  ALA A CA    1 
ATOM   572  C  C     . ALA A 1 73  ? 6.754   -0.412  7.426   1.00 15.95  ? 73  ALA A C     1 
ATOM   573  O  O     . ALA A 1 73  ? 6.188   -0.501  8.515   1.00 22.76  ? 73  ALA A O     1 
ATOM   574  C  CB    . ALA A 1 73  ? 7.959   1.701   6.977   1.00 15.16  ? 73  ALA A CB    1 
ATOM   575  N  N     . ALA A 1 74  ? 6.144   -0.752  6.315   1.00 13.47  ? 74  ALA A N     1 
ATOM   576  C  CA    . ALA A 1 74  ? 4.789   -1.347  6.357   1.00 16.26  ? 74  ALA A CA    1 
ATOM   577  C  C     . ALA A 1 74  ? 4.740   -2.692  7.066   1.00 16.24  ? 74  ALA A C     1 
ATOM   578  O  O     . ALA A 1 74  ? 3.845   -2.989  7.848   1.00 15.42  ? 74  ALA A O     1 
ATOM   579  C  CB    . ALA A 1 74  ? 4.182   -1.518  4.948   1.00 16.85  ? 74  ALA A CB    1 
ATOM   580  N  N     . VAL A 1 75  ? 5.692   -3.512  6.723   1.00 15.97  ? 75  VAL A N     1 
ATOM   581  C  CA    . VAL A 1 75  ? 5.825   -4.797  7.311   1.00 35.68  ? 75  VAL A CA    1 
ATOM   582  C  C     . VAL A 1 75  ? 5.990   -4.620  8.798   1.00 26.26  ? 75  VAL A C     1 
ATOM   583  O  O     . VAL A 1 75  ? 5.267   -5.224  9.600   1.00 23.73  ? 75  VAL A O     1 
ATOM   584  C  CB    . VAL A 1 75  ? 7.026   -5.513  6.681   1.00 17.13  ? 75  VAL A CB    1 
ATOM   585  C  CG1   . VAL A 1 75  ? 7.207   -6.890  7.361   1.00 20.01  ? 75  VAL A CG1   1 
ATOM   586  C  CG2   . VAL A 1 75  ? 6.610   -5.791  5.258   1.00 18.06  ? 75  VAL A CG2   1 
ATOM   587  N  N     . ARG A 1 76  ? 6.938   -3.779  9.178   1.00 16.88  ? 76  ARG A N     1 
ATOM   588  C  CA    . ARG A 1 76  ? 7.165   -3.585  10.584  1.00 19.43  ? 76  ARG A CA    1 
ATOM   589  C  C     . ARG A 1 76  ? 5.951   -3.009  11.284  1.00 17.72  ? 76  ARG A C     1 
ATOM   590  O  O     . ARG A 1 76  ? 5.641   -3.327  12.447  1.00 23.74  ? 76  ARG A O     1 
ATOM   591  C  CB    . ARG A 1 76  ? 8.449   -2.808  10.843  1.00 18.97  ? 76  ARG A CB    1 
ATOM   592  C  CG    . ARG A 1 76  ? 9.624   -3.715  11.201  1.00 52.39  ? 76  ARG A CG    1 
ATOM   593  C  CD    . ARG A 1 76  ? 11.008  -3.062  10.991  1.00 77.97  ? 76  ARG A CD    1 
ATOM   594  N  NE    . ARG A 1 76  ? 11.092  -2.330  9.720   1.00 100.00 ? 76  ARG A NE    1 
ATOM   595  C  CZ    . ARG A 1 76  ? 11.214  -1.001  9.558   1.00 100.00 ? 76  ARG A CZ    1 
ATOM   596  N  NH1   . ARG A 1 76  ? 11.309  -0.144  10.575  1.00 100.00 ? 76  ARG A NH1   1 
ATOM   597  N  NH2   . ARG A 1 76  ? 11.253  -0.519  8.315   1.00 100.00 ? 76  ARG A NH2   1 
ATOM   598  N  N     . GLY A 1 77  ? 5.191   -2.195  10.562  1.00 11.99  ? 77  GLY A N     1 
ATOM   599  C  CA    . GLY A 1 77  ? 3.968   -1.634  11.102  1.00 16.05  ? 77  GLY A CA    1 
ATOM   600  C  C     . GLY A 1 77  ? 2.973   -2.735  11.454  1.00 23.97  ? 77  GLY A C     1 
ATOM   601  O  O     . GLY A 1 77  ? 2.331   -2.778  12.483  1.00 23.01  ? 77  GLY A O     1 
ATOM   602  N  N     . ILE A 1 78  ? 2.829   -3.636  10.540  1.00 17.41  ? 78  ILE A N     1 
ATOM   603  C  CA    . ILE A 1 78  ? 1.965   -4.773  10.717  1.00 18.79  ? 78  ILE A CA    1 
ATOM   604  C  C     . ILE A 1 78  ? 2.407   -5.595  11.924  1.00 21.36  ? 78  ILE A C     1 
ATOM   605  O  O     . ILE A 1 78  ? 1.603   -5.979  12.774  1.00 18.57  ? 78  ILE A O     1 
ATOM   606  C  CB    . ILE A 1 78  ? 2.050   -5.665  9.458   1.00 14.64  ? 78  ILE A CB    1 
ATOM   607  C  CG1   . ILE A 1 78  ? 1.174   -5.066  8.334   1.00 13.24  ? 78  ILE A CG1   1 
ATOM   608  C  CG2   . ILE A 1 78  ? 1.527   -7.042  9.811   1.00 11.25  ? 78  ILE A CG2   1 
ATOM   609  C  CD1   . ILE A 1 78  ? 1.354   -5.813  6.994   1.00 13.83  ? 78  ILE A CD1   1 
ATOM   610  N  N     . LEU A 1 79  ? 3.699   -5.889  11.982  1.00 17.57  ? 79  LEU A N     1 
ATOM   611  C  CA    . LEU A 1 79  ? 4.195   -6.742  13.053  1.00 18.21  ? 79  LEU A CA    1 
ATOM   612  C  C     . LEU A 1 79  ? 4.056   -6.135  14.401  1.00 37.68  ? 79  LEU A C     1 
ATOM   613  O  O     . LEU A 1 79  ? 4.037   -6.856  15.396  1.00 31.64  ? 79  LEU A O     1 
ATOM   614  C  CB    . LEU A 1 79  ? 5.634   -7.230  12.822  1.00 13.91  ? 79  LEU A CB    1 
ATOM   615  C  CG    . LEU A 1 79  ? 5.715   -8.022  11.524  1.00 29.69  ? 79  LEU A CG    1 
ATOM   616  C  CD1   . LEU A 1 79  ? 7.166   -8.276  11.183  1.00 25.74  ? 79  LEU A CD1   1 
ATOM   617  C  CD2   . LEU A 1 79  ? 4.983   -9.339  11.669  1.00 33.30  ? 79  LEU A CD2   1 
ATOM   618  N  N     . ARG A 1 80  ? 3.970   -4.811  14.414  1.00 26.47  ? 80  ARG A N     1 
ATOM   619  C  CA    . ARG A 1 80  ? 3.836   -4.068  15.657  1.00 31.94  ? 80  ARG A CA    1 
ATOM   620  C  C     . ARG A 1 80  ? 2.383   -3.889  16.045  1.00 42.90  ? 80  ARG A C     1 
ATOM   621  O  O     . ARG A 1 80  ? 2.058   -3.526  17.171  1.00 37.48  ? 80  ARG A O     1 
ATOM   622  C  CB    . ARG A 1 80  ? 4.462   -2.680  15.561  1.00 27.56  ? 80  ARG A CB    1 
ATOM   623  C  CG    . ARG A 1 80  ? 5.961   -2.634  15.295  1.00 100.00 ? 80  ARG A CG    1 
ATOM   624  C  CD    . ARG A 1 80  ? 6.555   -1.287  15.732  1.00 100.00 ? 80  ARG A CD    1 
ATOM   625  N  NE    . ARG A 1 80  ? 7.028   -0.427  14.631  1.00 100.00 ? 80  ARG A NE    1 
ATOM   626  C  CZ    . ARG A 1 80  ? 6.263   0.444   13.930  1.00 100.00 ? 80  ARG A CZ    1 
ATOM   627  N  NH1   . ARG A 1 80  ? 4.949   0.630   14.163  1.00 100.00 ? 80  ARG A NH1   1 
ATOM   628  N  NH2   . ARG A 1 80  ? 6.835   1.155   12.963  1.00 100.00 ? 80  ARG A NH2   1 
ATOM   629  N  N     . ASN A 1 81  ? 1.492   -4.086  15.096  1.00 25.54  ? 81  ASN A N     1 
ATOM   630  C  CA    . ASN A 1 81  ? 0.126   -3.867  15.431  1.00 14.83  ? 81  ASN A CA    1 
ATOM   631  C  C     . ASN A 1 81  ? -0.525  -5.111  16.018  1.00 45.34  ? 81  ASN A C     1 
ATOM   632  O  O     . ASN A 1 81  ? -0.512  -6.218  15.472  1.00 26.12  ? 81  ASN A O     1 
ATOM   633  C  CB    . ASN A 1 81  ? -0.606  -3.234  14.247  1.00 18.05  ? 81  ASN A CB    1 
ATOM   634  C  CG    . ASN A 1 81  ? -2.033  -2.872  14.597  1.00 25.55  ? 81  ASN A CG    1 
ATOM   635  O  OD1   . ASN A 1 81  ? -2.772  -3.658  15.185  1.00 37.80  ? 81  ASN A OD1   1 
ATOM   636  N  ND2   . ASN A 1 81  ? -2.425  -1.666  14.253  1.00 33.94  ? 81  ASN A ND2   1 
ATOM   637  N  N     . ALA A 1 82  ? -1.058  -4.946  17.205  1.00 22.85  ? 82  ALA A N     1 
ATOM   638  C  CA    . ALA A 1 82  ? -1.685  -6.061  17.890  1.00 22.40  ? 82  ALA A CA    1 
ATOM   639  C  C     . ALA A 1 82  ? -2.903  -6.655  17.167  1.00 40.09  ? 82  ALA A C     1 
ATOM   640  O  O     . ALA A 1 82  ? -3.223  -7.833  17.319  1.00 26.14  ? 82  ALA A O     1 
ATOM   641  C  CB    . ALA A 1 82  ? -2.023  -5.652  19.314  1.00 29.38  ? 82  ALA A CB    1 
ATOM   642  N  N     . LYS A 1 83  ? -3.604  -5.846  16.392  1.00 23.56  ? 83  LYS A N     1 
ATOM   643  C  CA    . LYS A 1 83  ? -4.758  -6.321  15.651  1.00 23.47  ? 83  LYS A CA    1 
ATOM   644  C  C     . LYS A 1 83  ? -4.343  -7.023  14.404  1.00 25.74  ? 83  LYS A C     1 
ATOM   645  O  O     . LYS A 1 83  ? -4.999  -7.940  13.927  1.00 34.81  ? 83  LYS A O     1 
ATOM   646  C  CB    . LYS A 1 83  ? -5.548  -5.141  15.122  1.00 60.04  ? 83  LYS A CB    1 
ATOM   647  C  CG    . LYS A 1 83  ? -6.802  -4.859  15.908  1.00 72.81  ? 83  LYS A CG    1 
ATOM   648  C  CD    . LYS A 1 83  ? -6.482  -4.124  17.187  1.00 100.00 ? 83  LYS A CD    1 
ATOM   649  C  CE    . LYS A 1 83  ? -7.633  -4.134  18.187  1.00 100.00 ? 83  LYS A CE    1 
ATOM   650  N  NZ    . LYS A 1 83  ? -8.227  -5.462  18.417  1.00 100.00 ? 83  LYS A NZ    1 
ATOM   651  N  N     . LEU A 1 84  ? -3.279  -6.508  13.844  1.00 21.15  ? 84  LEU A N     1 
ATOM   652  C  CA    . LEU A 1 84  ? -2.801  -7.008  12.561  1.00 17.53  ? 84  LEU A CA    1 
ATOM   653  C  C     . LEU A 1 84  ? -1.914  -8.212  12.595  1.00 13.65  ? 84  LEU A C     1 
ATOM   654  O  O     . LEU A 1 84  ? -2.058  -9.120  11.810  1.00 17.64  ? 84  LEU A O     1 
ATOM   655  C  CB    . LEU A 1 84  ? -2.153  -5.878  11.728  1.00 14.49  ? 84  LEU A CB    1 
ATOM   656  C  CG    . LEU A 1 84  ? -3.091  -4.671  11.497  1.00 27.91  ? 84  LEU A CG    1 
ATOM   657  C  CD1   . LEU A 1 84  ? -2.364  -3.583  10.714  1.00 22.75  ? 84  LEU A CD1   1 
ATOM   658  C  CD2   . LEU A 1 84  ? -4.337  -5.060  10.710  1.00 19.07  ? 84  LEU A CD2   1 
ATOM   659  N  N     . LYS A 1 85  ? -0.982  -8.193  13.511  1.00 14.44  ? 85  LYS A N     1 
ATOM   660  C  CA    . LYS A 1 85  ? -0.016  -9.246  13.607  1.00 14.86  ? 85  LYS A CA    1 
ATOM   661  C  C     . LYS A 1 85  ? -0.544  -10.648 13.561  1.00 11.58  ? 85  LYS A C     1 
ATOM   662  O  O     . LYS A 1 85  ? -0.056  -11.464 12.825  1.00 14.51  ? 85  LYS A O     1 
ATOM   663  C  CB    . LYS A 1 85  ? 0.870   -9.061  14.800  1.00 17.23  ? 85  LYS A CB    1 
ATOM   664  C  CG    . LYS A 1 85  ? 2.047   -9.973  14.689  1.00 21.47  ? 85  LYS A CG    1 
ATOM   665  C  CD    . LYS A 1 85  ? 2.982   -9.851  15.866  1.00 30.39  ? 85  LYS A CD    1 
ATOM   666  C  CE    . LYS A 1 85  ? 4.053   -10.930 15.821  1.00 43.33  ? 85  LYS A CE    1 
ATOM   667  N  NZ    . LYS A 1 85  ? 3.710   -12.089 16.649  1.00 48.77  ? 85  LYS A NZ    1 
ATOM   668  N  N     . PRO A 1 86  ? -1.532  -10.933 14.370  1.00 14.79  ? 86  PRO A N     1 
ATOM   669  C  CA    . PRO A 1 86  ? -2.043  -12.271 14.411  1.00 34.06  ? 86  PRO A CA    1 
ATOM   670  C  C     . PRO A 1 86  ? -2.650  -12.686 13.091  1.00 25.54  ? 86  PRO A C     1 
ATOM   671  O  O     . PRO A 1 86  ? -2.565  -13.844 12.696  1.00 12.62  ? 86  PRO A O     1 
ATOM   672  C  CB    . PRO A 1 86  ? -3.083  -12.332 15.525  1.00 25.03  ? 86  PRO A CB    1 
ATOM   673  C  CG    . PRO A 1 86  ? -3.063  -10.971 16.210  1.00 30.65  ? 86  PRO A CG    1 
ATOM   674  C  CD    . PRO A 1 86  ? -2.256  -10.048 15.302  1.00 31.53  ? 86  PRO A CD    1 
ATOM   675  N  N     . VAL A 1 87  ? -3.248  -11.758 12.387  1.00 14.64  ? 87  VAL A N     1 
ATOM   676  C  CA    . VAL A 1 87  ? -3.800  -12.126 11.107  1.00 19.47  ? 87  VAL A CA    1 
ATOM   677  C  C     . VAL A 1 87  ? -2.678  -12.443 10.118  1.00 15.46  ? 87  VAL A C     1 
ATOM   678  O  O     . VAL A 1 87  ? -2.652  -13.450 9.416   1.00 16.98  ? 87  VAL A O     1 
ATOM   679  C  CB    . VAL A 1 87  ? -4.749  -11.060 10.529  1.00 13.74  ? 87  VAL A CB    1 
ATOM   680  C  CG1   . VAL A 1 87  ? -5.447  -11.591 9.265   1.00 11.83  ? 87  VAL A CG1   1 
ATOM   681  C  CG2   . VAL A 1 87  ? -5.798  -10.667 11.551  1.00 13.47  ? 87  VAL A CG2   1 
ATOM   682  N  N     . TYR A 1 88  ? -1.724  -11.556 10.078  1.00 11.82  ? 88  TYR A N     1 
ATOM   683  C  CA    . TYR A 1 88  ? -0.614  -11.668 9.173   1.00 9.57   ? 88  TYR A CA    1 
ATOM   684  C  C     . TYR A 1 88  ? 0.131   -12.967 9.404   1.00 14.77  ? 88  TYR A C     1 
ATOM   685  O  O     . TYR A 1 88  ? 0.576   -13.658 8.433   1.00 17.17  ? 88  TYR A O     1 
ATOM   686  C  CB    . TYR A 1 88  ? 0.273   -10.416 9.455   1.00 13.69  ? 88  TYR A CB    1 
ATOM   687  C  CG    . TYR A 1 88  ? 1.422   -10.310 8.523   1.00 15.97  ? 88  TYR A CG    1 
ATOM   688  C  CD1   . TYR A 1 88  ? 1.287   -9.746  7.252   1.00 13.06  ? 88  TYR A CD1   1 
ATOM   689  C  CD2   . TYR A 1 88  ? 2.646   -10.841 8.903   1.00 19.29  ? 88  TYR A CD2   1 
ATOM   690  C  CE1   . TYR A 1 88  ? 2.365   -9.685  6.364   1.00 12.68  ? 88  TYR A CE1   1 
ATOM   691  C  CE2   . TYR A 1 88  ? 3.723   -10.817 8.020   1.00 25.03  ? 88  TYR A CE2   1 
ATOM   692  C  CZ    . TYR A 1 88  ? 3.586   -10.224 6.762   1.00 17.13  ? 88  TYR A CZ    1 
ATOM   693  O  OH    . TYR A 1 88  ? 4.673   -10.182 5.931   1.00 22.16  ? 88  TYR A OH    1 
ATOM   694  N  N     . ASP A 1 89  ? 0.305   -13.319 10.694  1.00 13.35  ? 89  ASP A N     1 
ATOM   695  C  CA    . ASP A 1 89  ? 1.032   -14.574 11.035  1.00 8.49   ? 89  ASP A CA    1 
ATOM   696  C  C     . ASP A 1 89  ? 0.307   -15.780 10.551  1.00 14.99  ? 89  ASP A C     1 
ATOM   697  O  O     . ASP A 1 89  ? 0.919   -16.803 10.243  1.00 19.67  ? 89  ASP A O     1 
ATOM   698  C  CB    . ASP A 1 89  ? 1.337   -14.766 12.516  1.00 13.23  ? 89  ASP A CB    1 
ATOM   699  C  CG    . ASP A 1 89  ? 2.466   -13.916 12.996  1.00 24.39  ? 89  ASP A CG    1 
ATOM   700  O  OD1   . ASP A 1 89  ? 3.150   -13.379 11.999  1.00 23.49  ? 89  ASP A OD1   1 
ATOM   701  O  OD2   . ASP A 1 89  ? 2.629   -13.686 14.181  1.00 23.95  ? 89  ASP A OD2   1 
ATOM   702  N  N     . SER A 1 90  ? -1.009  -15.693 10.491  1.00 9.51   ? 90  SER A N     1 
ATOM   703  C  CA    . SER A 1 90  ? -1.788  -16.846 10.051  1.00 8.32   ? 90  SER A CA    1 
ATOM   704  C  C     . SER A 1 90  ? -1.798  -17.091 8.560   1.00 11.40  ? 90  SER A C     1 
ATOM   705  O  O     . SER A 1 90  ? -2.207  -18.163 8.069   1.00 12.62  ? 90  SER A O     1 
ATOM   706  C  CB    . SER A 1 90  ? -3.210  -16.688 10.538  1.00 11.39  ? 90  SER A CB    1 
ATOM   707  O  OG    . SER A 1 90  ? -3.947  -15.786 9.729   1.00 11.89  ? 90  SER A OG    1 
ATOM   708  N  N     . LEU A 1 91  ? -1.417  -16.073 7.802   1.00 7.29   ? 91  LEU A N     1 
ATOM   709  C  CA    . LEU A 1 91  ? -1.503  -16.203 6.348   1.00 13.68  ? 91  LEU A CA    1 
ATOM   710  C  C     . LEU A 1 91  ? -0.327  -16.886 5.691   1.00 18.19  ? 91  LEU A C     1 
ATOM   711  O  O     . LEU A 1 91  ? 0.778   -16.884 6.250   1.00 10.28  ? 91  LEU A O     1 
ATOM   712  C  CB    . LEU A 1 91  ? -1.571  -14.800 5.727   1.00 8.50   ? 91  LEU A CB    1 
ATOM   713  C  CG    . LEU A 1 91  ? -2.835  -13.980 6.133   1.00 17.64  ? 91  LEU A CG    1 
ATOM   714  C  CD1   . LEU A 1 91  ? -2.649  -12.514 5.757   1.00 14.03  ? 91  LEU A CD1   1 
ATOM   715  C  CD2   . LEU A 1 91  ? -4.068  -14.496 5.392   1.00 11.38  ? 91  LEU A CD2   1 
ATOM   716  N  N     . ASP A 1 92  ? -0.546  -17.336 4.452   1.00 9.52   ? 92  ASP A N     1 
ATOM   717  C  CA    . ASP A 1 92  ? 0.519   -17.864 3.614   1.00 5.01   ? 92  ASP A CA    1 
ATOM   718  C  C     . ASP A 1 92  ? 1.295   -16.698 2.954   1.00 14.59  ? 92  ASP A C     1 
ATOM   719  O  O     . ASP A 1 92  ? 0.890   -15.549 3.025   1.00 13.51  ? 92  ASP A O     1 
ATOM   720  C  CB    . ASP A 1 92  ? -0.008  -18.770 2.511   1.00 16.59  ? 92  ASP A CB    1 
ATOM   721  C  CG    . ASP A 1 92  ? -1.005  -18.024 1.686   1.00 11.33  ? 92  ASP A CG    1 
ATOM   722  O  OD1   . ASP A 1 92  ? -2.204  -18.093 2.197   1.00 13.44  ? 92  ASP A OD1   1 
ATOM   723  O  OD2   . ASP A 1 92  ? -0.692  -17.447 0.656   1.00 15.65  ? 92  ASP A OD2   1 
ATOM   724  N  N     . ALA A 1 93  ? 2.411   -16.996 2.272   1.00 13.45  ? 93  ALA A N     1 
ATOM   725  C  CA    . ALA A 1 93  ? 3.261   -15.978 1.712   1.00 8.79   ? 93  ALA A CA    1 
ATOM   726  C  C     . ALA A 1 93  ? 2.595   -15.046 0.691   1.00 10.45  ? 93  ALA A C     1 
ATOM   727  O  O     . ALA A 1 93  ? 2.847   -13.825 0.724   1.00 11.43  ? 93  ALA A O     1 
ATOM   728  C  CB    . ALA A 1 93  ? 4.622   -16.535 1.260   1.00 17.57  ? 93  ALA A CB    1 
ATOM   729  N  N     . VAL A 1 94  ? 1.770   -15.609 -0.201  1.00 12.03  ? 94  VAL A N     1 
ATOM   730  C  CA    . VAL A 1 94  ? 1.091   -14.801 -1.208  1.00 9.34   ? 94  VAL A CA    1 
ATOM   731  C  C     . VAL A 1 94  ? 0.107   -13.838 -0.567  1.00 8.35   ? 94  VAL A C     1 
ATOM   732  O  O     . VAL A 1 94  ? 0.083   -12.655 -0.848  1.00 12.26  ? 94  VAL A O     1 
ATOM   733  C  CB    . VAL A 1 94  ? 0.442   -15.650 -2.256  1.00 12.22  ? 94  VAL A CB    1 
ATOM   734  C  CG1   . VAL A 1 94  ? -0.160  -14.758 -3.338  1.00 11.01  ? 94  VAL A CG1   1 
ATOM   735  C  CG2   . VAL A 1 94  ? 1.551   -16.452 -2.917  1.00 15.43  ? 94  VAL A CG2   1 
ATOM   736  N  N     . ARG A 1 95  ? -0.698  -14.371 0.315   1.00 8.22   ? 95  ARG A N     1 
ATOM   737  C  CA    . ARG A 1 95  ? -1.676  -13.522 0.994   1.00 10.98  ? 95  ARG A CA    1 
ATOM   738  C  C     . ARG A 1 95  ? -1.052  -12.466 1.852   1.00 11.92  ? 95  ARG A C     1 
ATOM   739  O  O     . ARG A 1 95  ? -1.595  -11.416 2.045   1.00 17.16  ? 95  ARG A O     1 
ATOM   740  C  CB    . ARG A 1 95  ? -2.727  -14.302 1.723   1.00 5.97   ? 95  ARG A CB    1 
ATOM   741  C  CG    . ARG A 1 95  ? -3.532  -15.162 0.793   1.00 6.17   ? 95  ARG A CG    1 
ATOM   742  C  CD    . ARG A 1 95  ? -4.582  -15.953 1.576   1.00 12.79  ? 95  ARG A CD    1 
ATOM   743  N  NE    . ARG A 1 95  ? -5.567  -16.585 0.730   1.00 9.51   ? 95  ARG A NE    1 
ATOM   744  C  CZ    . ARG A 1 95  ? -5.473  -17.826 0.254   1.00 14.82  ? 95  ARG A CZ    1 
ATOM   745  N  NH1   . ARG A 1 95  ? -4.415  -18.612 0.524   1.00 13.36  ? 95  ARG A NH1   1 
ATOM   746  N  NH2   . ARG A 1 95  ? -6.466  -18.308 -0.492  1.00 9.74   ? 95  ARG A NH2   1 
ATOM   747  N  N     . ARG A 1 96  ? 0.104   -12.741 2.445   1.00 8.89   ? 96  ARG A N     1 
ATOM   748  C  CA    . ARG A 1 96  ? 0.773   -11.695 3.218   1.00 8.92   ? 96  ARG A CA    1 
ATOM   749  C  C     . ARG A 1 96  ? 1.146   -10.524 2.308   1.00 9.46   ? 96  ARG A C     1 
ATOM   750  O  O     . ARG A 1 96  ? 1.132   -9.387  2.737   1.00 13.02  ? 96  ARG A O     1 
ATOM   751  C  CB    . ARG A 1 96  ? 2.081   -12.191 3.821   1.00 8.83   ? 96  ARG A CB    1 
ATOM   752  C  CG    . ARG A 1 96  ? 1.769   -13.154 4.956   1.00 12.14  ? 96  ARG A CG    1 
ATOM   753  C  CD    . ARG A 1 96  ? 3.054   -13.714 5.607   1.00 18.01  ? 96  ARG A CD    1 
ATOM   754  N  NE    . ARG A 1 96  ? 2.670   -14.635 6.698   1.00 24.02  ? 96  ARG A NE    1 
ATOM   755  C  CZ    . ARG A 1 96  ? 3.535   -15.342 7.391   1.00 27.68  ? 96  ARG A CZ    1 
ATOM   756  N  NH1   . ARG A 1 96  ? 4.817   -15.232 7.143   1.00 26.96  ? 96  ARG A NH1   1 
ATOM   757  N  NH2   . ARG A 1 96  ? 3.116   -16.191 8.339   1.00 12.72  ? 96  ARG A NH2   1 
ATOM   758  N  N     . ALA A 1 97  ? 1.474   -10.817 1.051   1.00 7.25   ? 97  ALA A N     1 
ATOM   759  C  CA    . ALA A 1 97  ? 1.814   -9.742  0.156   1.00 9.24   ? 97  ALA A CA    1 
ATOM   760  C  C     . ALA A 1 97  ? 0.582   -8.876  -0.041  1.00 9.45   ? 97  ALA A C     1 
ATOM   761  O  O     . ALA A 1 97  ? 0.655   -7.646  -0.066  1.00 12.11  ? 97  ALA A O     1 
ATOM   762  C  CB    . ALA A 1 97  ? 2.294   -10.289 -1.165  1.00 9.34   ? 97  ALA A CB    1 
ATOM   763  N  N     . ALA A 1 98  ? -0.601  -9.486  -0.118  1.00 8.81   ? 98  ALA A N     1 
ATOM   764  C  CA    . ALA A 1 98  ? -1.827  -8.674  -0.268  1.00 8.57   ? 98  ALA A CA    1 
ATOM   765  C  C     . ALA A 1 98  ? -2.068  -7.783  0.968   1.00 11.67  ? 98  ALA A C     1 
ATOM   766  O  O     . ALA A 1 98  ? -2.529  -6.654  0.846   1.00 11.32  ? 98  ALA A O     1 
ATOM   767  C  CB    . ALA A 1 98  ? -3.060  -9.550  -0.425  1.00 7.67   ? 98  ALA A CB    1 
ATOM   768  N  N     . ALA A 1 99  ? -1.743  -8.285  2.151   1.00 7.69   ? 99  ALA A N     1 
ATOM   769  C  CA    . ALA A 1 99  ? -1.920  -7.516  3.379   1.00 6.30   ? 99  ALA A CA    1 
ATOM   770  C  C     . ALA A 1 99  ? -0.966  -6.324  3.435   1.00 8.16   ? 99  ALA A C     1 
ATOM   771  O  O     . ALA A 1 99  ? -1.335  -5.218  3.856   1.00 11.49  ? 99  ALA A O     1 
ATOM   772  C  CB    . ALA A 1 99  ? -1.653  -8.453  4.594   1.00 8.49   ? 99  ALA A CB    1 
ATOM   773  N  N     . ILE A 1 100 ? 0.254   -6.516  2.969   1.00 7.65   ? 100 ILE A N     1 
ATOM   774  C  CA    . ILE A 1 100 ? 1.240   -5.484  2.956   1.00 10.28  ? 100 ILE A CA    1 
ATOM   775  C  C     . ILE A 1 100 ? 0.795   -4.384  1.957   1.00 14.34  ? 100 ILE A C     1 
ATOM   776  O  O     . ILE A 1 100 ? 0.913   -3.175  2.200   1.00 10.18  ? 100 ILE A O     1 
ATOM   777  C  CB    . ILE A 1 100 ? 2.611   -6.080  2.586   1.00 13.73  ? 100 ILE A CB    1 
ATOM   778  C  CG1   . ILE A 1 100 ? 3.168   -7.086  3.617   1.00 9.80   ? 100 ILE A CG1   1 
ATOM   779  C  CG2   . ILE A 1 100 ? 3.614   -4.937  2.342   1.00 8.03   ? 100 ILE A CG2   1 
ATOM   780  C  CD1   . ILE A 1 100 ? 4.431   -7.757  3.102   1.00 8.30   ? 100 ILE A CD1   1 
ATOM   781  N  N     . ASN A 1 101 ? 0.282   -4.820  0.803   1.00 8.43   ? 101 ASN A N     1 
ATOM   782  C  CA    . ASN A 1 101 ? -0.197  -3.883  -0.220  1.00 8.82   ? 101 ASN A CA    1 
ATOM   783  C  C     . ASN A 1 101 ? -1.266  -2.936  0.369   1.00 11.10  ? 101 ASN A C     1 
ATOM   784  O  O     . ASN A 1 101 ? -1.198  -1.715  0.229   1.00 11.06  ? 101 ASN A O     1 
ATOM   785  C  CB    . ASN A 1 101 ? -0.814  -4.680  -1.352  1.00 8.27   ? 101 ASN A CB    1 
ATOM   786  C  CG    . ASN A 1 101 ? -1.077  -3.866  -2.602  1.00 14.73  ? 101 ASN A CG    1 
ATOM   787  O  OD1   . ASN A 1 101 ? -1.690  -2.788  -2.539  1.00 14.95  ? 101 ASN A OD1   1 
ATOM   788  N  ND2   . ASN A 1 101 ? -0.591  -4.351  -3.730  1.00 10.06  ? 101 ASN A ND2   1 
ATOM   789  N  N     . MET A 1 102 ? -2.254  -3.485  1.077   1.00 7.41   ? 102 MET A N     1 
ATOM   790  C  CA    . MET A 1 102 ? -3.259  -2.636  1.638   1.00 13.90  ? 102 MET A CA    1 
ATOM   791  C  C     . MET A 1 102 ? -2.648  -1.701  2.651   1.00 13.27  ? 102 MET A C     1 
ATOM   792  O  O     . MET A 1 102 ? -3.040  -0.559  2.728   1.00 13.71  ? 102 MET A O     1 
ATOM   793  C  CB    . MET A 1 102 ? -4.397  -3.450  2.326   1.00 9.35   ? 102 MET A CB    1 
ATOM   794  C  CG    . MET A 1 102 ? -5.271  -4.254  1.334   1.00 12.64  ? 102 MET A CG    1 
ATOM   795  S  SD    . MET A 1 102 ? -6.638  -5.065  2.165   1.00 18.06  ? 102 MET A SD    1 
ATOM   796  C  CE    . MET A 1 102 ? -7.649  -3.658  2.703   1.00 15.67  ? 102 MET A CE    1 
ATOM   797  N  N     . VAL A 1 103 ? -1.745  -2.225  3.520   1.00 7.65   ? 103 VAL A N     1 
ATOM   798  C  CA    . VAL A 1 103 ? -1.183  -1.325  4.552   1.00 9.54   ? 103 VAL A CA    1 
ATOM   799  C  C     . VAL A 1 103 ? -0.406  -0.223  3.917   1.00 14.75  ? 103 VAL A C     1 
ATOM   800  O  O     . VAL A 1 103 ? -0.461  0.879   4.383   1.00 17.63  ? 103 VAL A O     1 
ATOM   801  C  CB    . VAL A 1 103 ? -0.348  -2.040  5.618   1.00 9.78   ? 103 VAL A CB    1 
ATOM   802  C  CG1   . VAL A 1 103 ? 0.274   -1.034  6.560   1.00 21.10  ? 103 VAL A CG1   1 
ATOM   803  C  CG2   . VAL A 1 103 ? -1.296  -2.856  6.463   1.00 12.52  ? 103 VAL A CG2   1 
ATOM   804  N  N     . PHE A 1 104 ? 0.309   -0.552  2.837   1.00 12.71  ? 104 PHE A N     1 
ATOM   805  C  CA    . PHE A 1 104 ? 1.115   0.430   2.122   1.00 9.35   ? 104 PHE A CA    1 
ATOM   806  C  C     . PHE A 1 104 ? 0.242   1.498   1.523   1.00 16.96  ? 104 PHE A C     1 
ATOM   807  O  O     . PHE A 1 104 ? 0.518   2.671   1.621   1.00 14.70  ? 104 PHE A O     1 
ATOM   808  C  CB    . PHE A 1 104 ? 1.878   -0.289  1.003   1.00 9.83   ? 104 PHE A CB    1 
ATOM   809  C  CG    . PHE A 1 104 ? 2.771   0.596   0.182   1.00 6.33   ? 104 PHE A CG    1 
ATOM   810  C  CD1   . PHE A 1 104 ? 2.280   1.378   -0.865  1.00 10.48  ? 104 PHE A CD1   1 
ATOM   811  C  CD2   . PHE A 1 104 ? 4.145   0.585   0.418   1.00 15.12  ? 104 PHE A CD2   1 
ATOM   812  C  CE1   . PHE A 1 104 ? 3.172   2.166   -1.613  1.00 15.21  ? 104 PHE A CE1   1 
ATOM   813  C  CE2   . PHE A 1 104 ? 5.053   1.310   -0.356  1.00 16.18  ? 104 PHE A CE2   1 
ATOM   814  C  CZ    . PHE A 1 104 ? 4.549   2.133   -1.361  1.00 11.04  ? 104 PHE A CZ    1 
ATOM   815  N  N     . GLN A 1 105 ? -0.880  1.098   0.977   1.00 17.34  ? 105 GLN A N     1 
ATOM   816  C  CA    . GLN A 1 105 ? -1.794  2.040   0.378   1.00 19.91  ? 105 GLN A CA    1 
ATOM   817  C  C     . GLN A 1 105 ? -2.567  2.921   1.366   1.00 16.92  ? 105 GLN A C     1 
ATOM   818  O  O     . GLN A 1 105 ? -2.795  4.125   1.160   1.00 17.97  ? 105 GLN A O     1 
ATOM   819  C  CB    . GLN A 1 105 ? -2.812  1.290   -0.533  1.00 14.92  ? 105 GLN A CB    1 
ATOM   820  C  CG    . GLN A 1 105 ? -3.812  2.257   -1.202  1.00 16.35  ? 105 GLN A CG    1 
ATOM   821  C  CD    . GLN A 1 105 ? -4.852  1.572   -2.036  1.00 16.87  ? 105 GLN A CD    1 
ATOM   822  O  OE1   . GLN A 1 105 ? -4.972  0.341   -2.009  1.00 19.81  ? 105 GLN A OE1   1 
ATOM   823  N  NE2   . GLN A 1 105 ? -5.591  2.381   -2.824  1.00 17.20  ? 105 GLN A NE2   1 
ATOM   824  N  N     . MET A 1 106 ? -3.060  2.312   2.418   1.00 13.24  ? 106 MET A N     1 
ATOM   825  C  CA    . MET A 1 106 ? -3.948  3.028   3.350   1.00 13.16  ? 106 MET A CA    1 
ATOM   826  C  C     . MET A 1 106 ? -3.493  3.258   4.767   1.00 19.02  ? 106 MET A C     1 
ATOM   827  O  O     . MET A 1 106 ? -4.159  3.912   5.556   1.00 22.32  ? 106 MET A O     1 
ATOM   828  C  CB    . MET A 1 106 ? -5.399  2.486   3.189   1.00 18.26  ? 106 MET A CB    1 
ATOM   829  C  CG    . MET A 1 106 ? -5.820  1.155   3.788   1.00 31.87  ? 106 MET A CG    1 
ATOM   830  S  SD    . MET A 1 106 ? -7.335  0.589   2.923   1.00 45.33  ? 106 MET A SD    1 
ATOM   831  C  CE    . MET A 1 106 ? -6.682  -0.888  2.108   1.00 97.81  ? 106 MET A CE    1 
ATOM   832  N  N     . GLY A 1 107 ? -2.372  2.706   5.129   1.00 18.69  ? 107 GLY A N     1 
ATOM   833  C  CA    . GLY A 1 107 ? -1.944  2.938   6.447   1.00 17.31  ? 107 GLY A CA    1 
ATOM   834  C  C     . GLY A 1 107 ? -2.544  1.933   7.353   1.00 12.81  ? 107 GLY A C     1 
ATOM   835  O  O     . GLY A 1 107 ? -3.650  1.463   7.186   1.00 21.01  ? 107 GLY A O     1 
ATOM   836  N  N     . GLU A 1 108 ? -1.770  1.634   8.356   1.00 27.35  ? 108 GLU A N     1 
ATOM   837  C  CA    . GLU A 1 108 ? -2.168  0.652   9.320   1.00 37.43  ? 108 GLU A CA    1 
ATOM   838  C  C     . GLU A 1 108 ? -3.443  1.000   10.049  1.00 32.44  ? 108 GLU A C     1 
ATOM   839  O  O     . GLU A 1 108 ? -4.114  0.138   10.611  1.00 49.97  ? 108 GLU A O     1 
ATOM   840  C  CB    . GLU A 1 108 ? -1.006  0.314   10.237  1.00 44.07  ? 108 GLU A CB    1 
ATOM   841  C  CG    . GLU A 1 108 ? -1.166  0.839   11.650  1.00 72.42  ? 108 GLU A CG    1 
ATOM   842  C  CD    . GLU A 1 108 ? 0.040   0.453   12.428  1.00 59.31  ? 108 GLU A CD    1 
ATOM   843  O  OE1   . GLU A 1 108 ? 1.082   0.268   11.648  1.00 100.00 ? 108 GLU A OE1   1 
ATOM   844  O  OE2   . GLU A 1 108 ? 0.045   0.332   13.635  1.00 100.00 ? 108 GLU A OE2   1 
ATOM   845  N  N     . THR A 1 109 ? -3.782  2.274   10.006  1.00 39.33  ? 109 THR A N     1 
ATOM   846  C  CA    . THR A 1 109 ? -5.000  2.749   10.605  1.00 78.32  ? 109 THR A CA    1 
ATOM   847  C  C     . THR A 1 109 ? -6.143  2.309   9.732   1.00 93.84  ? 109 THR A C     1 
ATOM   848  O  O     . THR A 1 109 ? -7.067  1.619   10.164  1.00 100.00 ? 109 THR A O     1 
ATOM   849  C  CB    . THR A 1 109 ? -5.014  4.285   10.653  1.00 100.00 ? 109 THR A CB    1 
ATOM   850  O  OG1   . THR A 1 109 ? -3.714  4.782   10.414  1.00 100.00 ? 109 THR A OG1   1 
ATOM   851  C  CG2   . THR A 1 109 ? -5.556  4.788   11.985  1.00 100.00 ? 109 THR A CG2   1 
ATOM   852  N  N     . GLY A 1 110 ? -6.035  2.742   8.482   1.00 38.71  ? 110 GLY A N     1 
ATOM   853  C  CA    . GLY A 1 110 ? -7.017  2.458   7.469   1.00 64.21  ? 110 GLY A CA    1 
ATOM   854  C  C     . GLY A 1 110 ? -7.429  0.997   7.462   1.00 27.28  ? 110 GLY A C     1 
ATOM   855  O  O     . GLY A 1 110 ? -8.611  0.682   7.476   1.00 98.56  ? 110 GLY A O     1 
ATOM   856  N  N     . VAL A 1 111 ? -6.430  0.120   7.405   1.00 41.22  ? 111 VAL A N     1 
ATOM   857  C  CA    . VAL A 1 111 ? -6.678  -1.312  7.318   1.00 30.56  ? 111 VAL A CA    1 
ATOM   858  C  C     . VAL A 1 111 ? -7.127  -1.931  8.622   1.00 100.00 ? 111 VAL A C     1 
ATOM   859  O  O     . VAL A 1 111 ? -7.751  -2.997  8.655   1.00 40.66  ? 111 VAL A O     1 
ATOM   860  C  CB    . VAL A 1 111 ? -5.465  -2.055  6.795   1.00 34.57  ? 111 VAL A CB    1 
ATOM   861  C  CG1   . VAL A 1 111 ? -4.752  -1.200  5.771   1.00 34.26  ? 111 VAL A CG1   1 
ATOM   862  C  CG2   . VAL A 1 111 ? -4.525  -2.344  7.951   1.00 100.00 ? 111 VAL A CG2   1 
ATOM   863  N  N     . ALA A 1 112 ? -6.798  -1.273  9.715   1.00 100.00 ? 112 ALA A N     1 
ATOM   864  C  CA    . ALA A 1 112 ? -7.186  -1.818  10.986  1.00 100.00 ? 112 ALA A CA    1 
ATOM   865  C  C     . ALA A 1 112 ? -8.707  -1.706  11.278  1.00 100.00 ? 112 ALA A C     1 
ATOM   866  O  O     . ALA A 1 112 ? -9.190  -2.275  12.266  1.00 100.00 ? 112 ALA A O     1 
ATOM   867  C  CB    . ALA A 1 112 ? -6.222  -1.395  12.094  1.00 54.51  ? 112 ALA A CB    1 
ATOM   868  N  N     . GLY A 1 113 ? -9.464  -1.026  10.369  1.00 83.83  ? 113 GLY A N     1 
ATOM   869  C  CA    . GLY A 1 113 ? -10.937 -0.822  10.457  1.00 100.00 ? 113 GLY A CA    1 
ATOM   870  C  C     . GLY A 1 113 ? -11.796 -1.807  9.620   1.00 100.00 ? 113 GLY A C     1 
ATOM   871  O  O     . GLY A 1 113 ? -13.012 -1.654  9.367   1.00 45.09  ? 113 GLY A O     1 
ATOM   872  N  N     . PHE A 1 114 ? -11.119 -2.842  9.183   1.00 34.31  ? 114 PHE A N     1 
ATOM   873  C  CA    . PHE A 1 114 ? -11.663 -3.899  8.428   1.00 19.53  ? 114 PHE A CA    1 
ATOM   874  C  C     . PHE A 1 114 ? -11.746 -5.085  9.360   1.00 35.21  ? 114 PHE A C     1 
ATOM   875  O  O     . PHE A 1 114 ? -11.446 -6.207  9.000   1.00 23.61  ? 114 PHE A O     1 
ATOM   876  C  CB    . PHE A 1 114 ? -10.695 -4.201  7.273   1.00 19.47  ? 114 PHE A CB    1 
ATOM   877  C  CG    . PHE A 1 114 ? -10.826 -3.266  6.071   1.00 22.97  ? 114 PHE A CG    1 
ATOM   878  C  CD1   . PHE A 1 114 ? -10.488 -1.916  6.172   1.00 35.26  ? 114 PHE A CD1   1 
ATOM   879  C  CD2   . PHE A 1 114 ? -11.310 -3.724  4.844   1.00 41.21  ? 114 PHE A CD2   1 
ATOM   880  C  CE1   . PHE A 1 114 ? -10.586 -1.048  5.084   1.00 17.56  ? 114 PHE A CE1   1 
ATOM   881  C  CE2   . PHE A 1 114 ? -11.434 -2.868  3.749   1.00 28.91  ? 114 PHE A CE2   1 
ATOM   882  C  CZ    . PHE A 1 114 ? -11.069 -1.524  3.867   1.00 19.28  ? 114 PHE A CZ    1 
ATOM   883  N  N     . THR A 1 115 ? -12.130 -4.807  10.576  1.00 14.47  ? 115 THR A N     1 
ATOM   884  C  CA    . THR A 1 115 ? -12.243 -5.851  11.598  1.00 13.32  ? 115 THR A CA    1 
ATOM   885  C  C     . THR A 1 115 ? -12.870 -7.158  11.179  1.00 19.24  ? 115 THR A C     1 
ATOM   886  O  O     . THR A 1 115 ? -12.354 -8.244  11.420  1.00 22.48  ? 115 THR A O     1 
ATOM   887  C  CB    . THR A 1 115 ? -13.219 -5.373  12.639  1.00 31.81  ? 115 THR A CB    1 
ATOM   888  O  OG1   . THR A 1 115 ? -12.668 -4.247  13.186  1.00 33.45  ? 115 THR A OG1   1 
ATOM   889  C  CG2   . THR A 1 115 ? -13.326 -6.460  13.687  1.00 59.17  ? 115 THR A CG2   1 
ATOM   890  N  N     . ASN A 1 116 ? -14.058 -7.039  10.622  1.00 22.03  ? 116 ASN A N     1 
ATOM   891  C  CA    . ASN A 1 116 ? -14.784 -8.210  10.146  1.00 18.94  ? 116 ASN A CA    1 
ATOM   892  C  C     . ASN A 1 116 ? -14.046 -8.941  9.028   1.00 16.66  ? 116 ASN A C     1 
ATOM   893  O  O     . ASN A 1 116 ? -14.058 -10.152 8.965   1.00 19.21  ? 116 ASN A O     1 
ATOM   894  C  CB    . ASN A 1 116 ? -16.214 -7.862  9.687   1.00 30.41  ? 116 ASN A CB    1 
ATOM   895  C  CG    . ASN A 1 116 ? -17.017 -7.150  10.764  1.00 36.67  ? 116 ASN A CG    1 
ATOM   896  O  OD1   . ASN A 1 116 ? -16.908 -7.486  11.939  1.00 30.85  ? 116 ASN A OD1   1 
ATOM   897  N  ND2   . ASN A 1 116 ? -17.812 -6.146  10.391  1.00 17.83  ? 116 ASN A ND2   1 
ATOM   898  N  N     . SER A 1 117 ? -13.376 -8.219  8.151   1.00 10.49  ? 117 SER A N     1 
ATOM   899  C  CA    . SER A 1 117 ? -12.644 -8.901  7.104   1.00 11.94  ? 117 SER A CA    1 
ATOM   900  C  C     . SER A 1 117 ? -11.479 -9.650  7.719   1.00 14.25  ? 117 SER A C     1 
ATOM   901  O  O     . SER A 1 117 ? -11.126 -10.750 7.290   1.00 18.54  ? 117 SER A O     1 
ATOM   902  C  CB    . SER A 1 117 ? -12.080 -7.893  6.129   1.00 11.53  ? 117 SER A CB    1 
ATOM   903  O  OG    . SER A 1 117 ? -13.160 -7.320  5.435   1.00 21.18  ? 117 SER A OG    1 
ATOM   904  N  N     . LEU A 1 118 ? -10.861 -9.006  8.697   1.00 14.62  ? 118 LEU A N     1 
ATOM   905  C  CA    . LEU A 1 118 ? -9.709  -9.558  9.397   1.00 15.31  ? 118 LEU A CA    1 
ATOM   906  C  C     . LEU A 1 118 ? -10.061 -10.865 10.018  1.00 21.06  ? 118 LEU A C     1 
ATOM   907  O  O     . LEU A 1 118 ? -9.318  -11.848 9.994   1.00 16.87  ? 118 LEU A O     1 
ATOM   908  C  CB    . LEU A 1 118 ? -9.128  -8.615  10.494  1.00 24.49  ? 118 LEU A CB    1 
ATOM   909  C  CG    . LEU A 1 118 ? -8.553  -7.288  9.967   1.00 35.18  ? 118 LEU A CG    1 
ATOM   910  C  CD1   . LEU A 1 118 ? -8.093  -6.408  11.126  1.00 32.70  ? 118 LEU A CD1   1 
ATOM   911  C  CD2   . LEU A 1 118 ? -7.405  -7.517  8.968   1.00 20.26  ? 118 LEU A CD2   1 
ATOM   912  N  N     . ARG A 1 119 ? -11.198 -10.875 10.632  1.00 12.92  ? 119 ARG A N     1 
ATOM   913  C  CA    . ARG A 1 119 ? -11.604 -12.095 11.300  1.00 23.40  ? 119 ARG A CA    1 
ATOM   914  C  C     . ARG A 1 119 ? -11.859 -13.211 10.309  1.00 14.17  ? 119 ARG A C     1 
ATOM   915  O  O     . ARG A 1 119 ? -11.500 -14.371 10.531  1.00 16.46  ? 119 ARG A O     1 
ATOM   916  C  CB    . ARG A 1 119 ? -12.832 -11.800 12.120  1.00 18.22  ? 119 ARG A CB    1 
ATOM   917  C  CG    . ARG A 1 119 ? -13.402 -12.988 12.831  1.00 32.02  ? 119 ARG A CG    1 
ATOM   918  C  CD    . ARG A 1 119 ? -14.695 -12.601 13.558  1.00 100.00 ? 119 ARG A CD    1 
ATOM   919  N  NE    . ARG A 1 119 ? -15.913 -12.743 12.739  1.00 100.00 ? 119 ARG A NE    1 
ATOM   920  C  CZ    . ARG A 1 119 ? -16.719 -11.732 12.345  1.00 100.00 ? 119 ARG A CZ    1 
ATOM   921  N  NH1   . ARG A 1 119 ? -16.492 -10.455 12.701  1.00 100.00 ? 119 ARG A NH1   1 
ATOM   922  N  NH2   . ARG A 1 119 ? -17.801 -12.026 11.596  1.00 100.00 ? 119 ARG A NH2   1 
ATOM   923  N  N     . MET A 1 120 ? -12.475 -12.856 9.166   1.00 13.17  ? 120 MET A N     1 
ATOM   924  C  CA    . MET A 1 120 ? -12.743 -13.853 8.151   1.00 14.29  ? 120 MET A CA    1 
ATOM   925  C  C     . MET A 1 120 ? -11.453 -14.347 7.580   1.00 17.01  ? 120 MET A C     1 
ATOM   926  O  O     . MET A 1 120 ? -11.303 -15.501 7.313   1.00 20.54  ? 120 MET A O     1 
ATOM   927  C  CB    . MET A 1 120 ? -13.567 -13.280 6.996   1.00 14.84  ? 120 MET A CB    1 
ATOM   928  C  CG    . MET A 1 120 ? -15.061 -13.352 7.281   1.00 34.58  ? 120 MET A CG    1 
ATOM   929  S  SD    . MET A 1 120 ? -15.985 -12.205 6.236   1.00 28.90  ? 120 MET A SD    1 
ATOM   930  C  CE    . MET A 1 120 ? -16.285 -10.857 7.391   1.00 52.90  ? 120 MET A CE    1 
ATOM   931  N  N     . LEU A 1 121 ? -10.501 -13.452 7.376   1.00 10.17  ? 121 LEU A N     1 
ATOM   932  C  CA    . LEU A 1 121 ? -9.252  -13.921 6.827   1.00 15.80  ? 121 LEU A CA    1 
ATOM   933  C  C     . LEU A 1 121 ? -8.566  -14.887 7.811   1.00 17.74  ? 121 LEU A C     1 
ATOM   934  O  O     . LEU A 1 121 ? -8.026  -15.886 7.445   1.00 12.15  ? 121 LEU A O     1 
ATOM   935  C  CB    . LEU A 1 121 ? -8.320  -12.759 6.464   1.00 11.09  ? 121 LEU A CB    1 
ATOM   936  C  CG    . LEU A 1 121 ? -8.831  -11.960 5.255   1.00 11.56  ? 121 LEU A CG    1 
ATOM   937  C  CD1   . LEU A 1 121 ? -8.087  -10.606 5.234   1.00 23.49  ? 121 LEU A CD1   1 
ATOM   938  C  CD2   . LEU A 1 121 ? -8.582  -12.698 3.932   1.00 11.66  ? 121 LEU A CD2   1 
ATOM   939  N  N     . GLN A 1 122 ? -8.545  -14.536 9.080   1.00 10.16  ? 122 GLN A N     1 
ATOM   940  C  CA    . GLN A 1 122 ? -7.915  -15.376 10.064  1.00 20.30  ? 122 GLN A CA    1 
ATOM   941  C  C     . GLN A 1 122 ? -8.546  -16.760 10.101  1.00 25.20  ? 122 GLN A C     1 
ATOM   942  O  O     . GLN A 1 122 ? -7.873  -17.753 10.308  1.00 18.88  ? 122 GLN A O     1 
ATOM   943  C  CB    . GLN A 1 122 ? -7.969  -14.680 11.412  1.00 11.15  ? 122 GLN A CB    1 
ATOM   944  C  CG    . GLN A 1 122 ? -7.361  -15.518 12.529  1.00 22.44  ? 122 GLN A CG    1 
ATOM   945  C  CD    . GLN A 1 122 ? -6.843  -14.595 13.610  1.00 39.62  ? 122 GLN A CD    1 
ATOM   946  O  OE1   . GLN A 1 122 ? -6.945  -13.358 13.466  1.00 86.49  ? 122 GLN A OE1   1 
ATOM   947  N  NE2   . GLN A 1 122 ? -6.292  -15.174 14.679  1.00 100.00 ? 122 GLN A NE2   1 
ATOM   948  N  N     . GLN A 1 123 ? -9.859  -16.834 9.859   1.00 14.99  ? 123 GLN A N     1 
ATOM   949  C  CA    . GLN A 1 123 ? -10.534 -18.086 9.856   1.00 15.54  ? 123 GLN A CA    1 
ATOM   950  C  C     . GLN A 1 123 ? -10.410 -18.813 8.565   1.00 19.69  ? 123 GLN A C     1 
ATOM   951  O  O     . GLN A 1 123 ? -11.006 -19.883 8.465   1.00 19.93  ? 123 GLN A O     1 
ATOM   952  C  CB    . GLN A 1 123 ? -12.018 -17.840 10.011  1.00 16.18  ? 123 GLN A CB    1 
ATOM   953  C  CG    . GLN A 1 123 ? -12.318 -17.397 11.435  1.00 15.70  ? 123 GLN A CG    1 
ATOM   954  C  CD    . GLN A 1 123 ? -13.798 -17.121 11.647  1.00 37.64  ? 123 GLN A CD    1 
ATOM   955  O  OE1   . GLN A 1 123 ? -14.534 -17.963 12.161  1.00 77.95  ? 123 GLN A OE1   1 
ATOM   956  N  NE2   . GLN A 1 123 ? -14.241 -15.938 11.227  1.00 80.64  ? 123 GLN A NE2   1 
ATOM   957  N  N     . LYS A 1 124 ? -9.744  -18.187 7.551   1.00 13.60  ? 124 LYS A N     1 
ATOM   958  C  CA    . LYS A 1 124 ? -9.546  -18.771 6.214   1.00 6.48   ? 124 LYS A CA    1 
ATOM   959  C  C     . LYS A 1 124 ? -10.840 -18.980 5.388   1.00 11.29  ? 124 LYS A C     1 
ATOM   960  O  O     . LYS A 1 124 ? -10.968 -19.891 4.562   1.00 13.25  ? 124 LYS A O     1 
ATOM   961  C  CB    . LYS A 1 124 ? -8.613  -20.010 6.155   1.00 13.15  ? 124 LYS A CB    1 
ATOM   962  C  CG    . LYS A 1 124 ? -7.386  -19.863 7.029   1.00 18.15  ? 124 LYS A CG    1 
ATOM   963  C  CD    . LYS A 1 124 ? -6.250  -20.810 6.683   1.00 8.63   ? 124 LYS A CD    1 
ATOM   964  C  CE    . LYS A 1 124 ? -4.925  -20.374 7.326   1.00 10.83  ? 124 LYS A CE    1 
ATOM   965  N  NZ    . LYS A 1 124 ? -4.320  -19.231 6.661   1.00 16.82  ? 124 LYS A NZ    1 
ATOM   966  N  N     . ARG A 1 125 ? -11.806 -18.079 5.596   1.00 11.96  ? 125 ARG A N     1 
ATOM   967  C  CA    . ARG A 1 125 ? -13.074 -18.089 4.856   1.00 13.00  ? 125 ARG A CA    1 
ATOM   968  C  C     . ARG A 1 125 ? -12.877 -17.121 3.694   1.00 20.72  ? 125 ARG A C     1 
ATOM   969  O  O     . ARG A 1 125 ? -13.268 -15.957 3.748   1.00 15.98  ? 125 ARG A O     1 
ATOM   970  C  CB    . ARG A 1 125 ? -14.143 -17.598 5.816   1.00 11.63  ? 125 ARG A CB    1 
ATOM   971  C  CG    . ARG A 1 125 ? -14.497 -18.685 6.819   1.00 22.53  ? 125 ARG A CG    1 
ATOM   972  C  CD    . ARG A 1 125 ? -15.056 -18.028 8.040   1.00 29.75  ? 125 ARG A CD    1 
ATOM   973  N  NE    . ARG A 1 125 ? -16.284 -18.640 8.524   1.00 65.00  ? 125 ARG A NE    1 
ATOM   974  C  CZ    . ARG A 1 125 ? -16.292 -19.600 9.451   1.00 100.00 ? 125 ARG A CZ    1 
ATOM   975  N  NH1   . ARG A 1 125 ? -15.157 -20.079 9.968   1.00 100.00 ? 125 ARG A NH1   1 
ATOM   976  N  NH2   . ARG A 1 125 ? -17.461 -20.093 9.862   1.00 76.61  ? 125 ARG A NH2   1 
ATOM   977  N  N     . TRP A 1 126 ? -12.149 -17.605 2.704   1.00 20.10  ? 126 TRP A N     1 
ATOM   978  C  CA    . TRP A 1 126 ? -11.741 -16.797 1.584   1.00 19.61  ? 126 TRP A CA    1 
ATOM   979  C  C     . TRP A 1 126 ? -12.808 -16.079 0.779   1.00 20.78  ? 126 TRP A C     1 
ATOM   980  O  O     . TRP A 1 126 ? -12.689 -14.888 0.484   1.00 11.96  ? 126 TRP A O     1 
ATOM   981  C  CB    . TRP A 1 126 ? -10.619 -17.406 0.711   1.00 9.67   ? 126 TRP A CB    1 
ATOM   982  C  CG    . TRP A 1 126 ? -9.550  -18.180 1.442   1.00 11.84  ? 126 TRP A CG    1 
ATOM   983  C  CD1   . TRP A 1 126 ? -9.289  -19.500 1.278   1.00 13.37  ? 126 TRP A CD1   1 
ATOM   984  C  CD2   . TRP A 1 126 ? -8.585  -17.704 2.369   1.00 12.06  ? 126 TRP A CD2   1 
ATOM   985  N  NE1   . TRP A 1 126 ? -8.229  -19.888 2.049   1.00 11.29  ? 126 TRP A NE1   1 
ATOM   986  C  CE2   . TRP A 1 126 ? -7.747  -18.798 2.704   1.00 12.57  ? 126 TRP A CE2   1 
ATOM   987  C  CE3   . TRP A 1 126 ? -8.336  -16.466 2.936   1.00 11.80  ? 126 TRP A CE3   1 
ATOM   988  C  CZ2   . TRP A 1 126 ? -6.691  -18.689 3.584   1.00 10.35  ? 126 TRP A CZ2   1 
ATOM   989  C  CZ3   . TRP A 1 126 ? -7.315  -16.366 3.855   1.00 11.85  ? 126 TRP A CZ3   1 
ATOM   990  C  CH2   . TRP A 1 126 ? -6.475  -17.470 4.162   1.00 10.50  ? 126 TRP A CH2   1 
ATOM   991  N  N     . ASP A 1 127 ? -13.803 -16.808 0.358   1.00 14.56  ? 127 ASP A N     1 
ATOM   992  C  CA    . ASP A 1 127 ? -14.847 -16.211 -0.449  1.00 14.14  ? 127 ASP A CA    1 
ATOM   993  C  C     . ASP A 1 127 ? -15.630 -15.192 0.306   1.00 15.66  ? 127 ASP A C     1 
ATOM   994  O  O     . ASP A 1 127 ? -15.941 -14.123 -0.210  1.00 16.59  ? 127 ASP A O     1 
ATOM   995  C  CB    . ASP A 1 127 ? -15.695 -17.287 -1.137  1.00 18.09  ? 127 ASP A CB    1 
ATOM   996  C  CG    . ASP A 1 127 ? -14.948 -18.015 -2.280  1.00 20.56  ? 127 ASP A CG    1 
ATOM   997  O  OD1   . ASP A 1 127 ? -13.740 -18.128 -2.382  1.00 40.06  ? 127 ASP A OD1   1 
ATOM   998  O  OD2   . ASP A 1 127 ? -15.748 -18.528 -3.148  1.00 45.32  ? 127 ASP A OD2   1 
ATOM   999  N  N     . GLU A 1 128 ? -15.864 -15.475 1.584   1.00 9.75   ? 128 GLU A N     1 
ATOM   1000 C  CA    . GLU A 1 128 ? -16.561 -14.508 2.383   1.00 13.98  ? 128 GLU A CA    1 
ATOM   1001 C  C     . GLU A 1 128 ? -15.769 -13.277 2.643   1.00 17.37  ? 128 GLU A C     1 
ATOM   1002 O  O     . GLU A 1 128 ? -16.311 -12.166 2.659   1.00 21.70  ? 128 GLU A O     1 
ATOM   1003 C  CB    . GLU A 1 128 ? -16.932 -15.109 3.718   1.00 22.62  ? 128 GLU A CB    1 
ATOM   1004 C  CG    . GLU A 1 128 ? -17.933 -16.244 3.479   1.00 20.93  ? 128 GLU A CG    1 
ATOM   1005 C  CD    . GLU A 1 128 ? -17.873 -17.332 4.505   1.00 100.00 ? 128 GLU A CD    1 
ATOM   1006 O  OE1   . GLU A 1 128 ? -18.156 -16.929 5.722   1.00 100.00 ? 128 GLU A OE1   1 
ATOM   1007 O  OE2   . GLU A 1 128 ? -17.602 -18.478 4.213   1.00 100.00 ? 128 GLU A OE2   1 
ATOM   1008 N  N     . ALA A 1 129 ? -14.487 -13.460 2.919   1.00 10.72  ? 129 ALA A N     1 
ATOM   1009 C  CA    . ALA A 1 129 ? -13.697 -12.270 3.171   1.00 8.11   ? 129 ALA A CA    1 
ATOM   1010 C  C     . ALA A 1 129 ? -13.720 -11.378 1.943   1.00 8.76   ? 129 ALA A C     1 
ATOM   1011 O  O     . ALA A 1 129 ? -13.719 -10.156 2.046   1.00 13.91  ? 129 ALA A O     1 
ATOM   1012 C  CB    . ALA A 1 129 ? -12.251 -12.604 3.523   1.00 8.45   ? 129 ALA A CB    1 
ATOM   1013 N  N     . ALA A 1 130 ? -13.665 -12.023 0.776   1.00 10.65  ? 130 ALA A N     1 
ATOM   1014 C  CA    . ALA A 1 130 ? -13.577 -11.278 -0.486  1.00 13.75  ? 130 ALA A CA    1 
ATOM   1015 C  C     . ALA A 1 130 ? -14.786 -10.392 -0.667  1.00 22.15  ? 130 ALA A C     1 
ATOM   1016 O  O     . ALA A 1 130 ? -14.704 -9.243  -1.079  1.00 19.46  ? 130 ALA A O     1 
ATOM   1017 C  CB    . ALA A 1 130 ? -13.339 -12.152 -1.695  1.00 7.96   ? 130 ALA A CB    1 
ATOM   1018 N  N     . VAL A 1 131 ? -15.909 -10.966 -0.350  1.00 13.15  ? 131 VAL A N     1 
ATOM   1019 C  CA    . VAL A 1 131 ? -17.144 -10.242 -0.408  1.00 11.11  ? 131 VAL A CA    1 
ATOM   1020 C  C     . VAL A 1 131 ? -17.162 -9.100  0.615   1.00 18.63  ? 131 VAL A C     1 
ATOM   1021 O  O     . VAL A 1 131 ? -17.530 -7.959  0.353   1.00 17.17  ? 131 VAL A O     1 
ATOM   1022 C  CB    . VAL A 1 131 ? -18.315 -11.212 -0.241  1.00 18.26  ? 131 VAL A CB    1 
ATOM   1023 C  CG1   . VAL A 1 131 ? -19.585 -10.495 0.091   1.00 22.18  ? 131 VAL A CG1   1 
ATOM   1024 C  CG2   . VAL A 1 131 ? -18.536 -12.051 -1.505  1.00 18.23  ? 131 VAL A CG2   1 
ATOM   1025 N  N     . ASN A 1 132 ? -16.735 -9.381  1.815   1.00 15.62  ? 132 ASN A N     1 
ATOM   1026 C  CA    . ASN A 1 132 ? -16.688 -8.327  2.803   1.00 7.57   ? 132 ASN A CA    1 
ATOM   1027 C  C     . ASN A 1 132 ? -15.709 -7.186  2.439   1.00 18.42  ? 132 ASN A C     1 
ATOM   1028 O  O     . ASN A 1 132 ? -15.946 -5.998  2.630   1.00 15.16  ? 132 ASN A O     1 
ATOM   1029 C  CB    . ASN A 1 132 ? -16.301 -8.922  4.159   1.00 10.92  ? 132 ASN A CB    1 
ATOM   1030 C  CG    . ASN A 1 132 ? -16.473 -7.898  5.266   1.00 13.34  ? 132 ASN A CG    1 
ATOM   1031 O  OD1   . ASN A 1 132 ? -15.520 -7.217  5.733   1.00 19.30  ? 132 ASN A OD1   1 
ATOM   1032 N  ND2   . ASN A 1 132 ? -17.734 -7.742  5.684   1.00 18.94  ? 132 ASN A ND2   1 
ATOM   1033 N  N     . LEU A 1 133 ? -14.546 -7.538  1.895   1.00 9.43   ? 133 LEU A N     1 
ATOM   1034 C  CA    . LEU A 1 133 ? -13.602 -6.496  1.583   1.00 7.74   ? 133 LEU A CA    1 
ATOM   1035 C  C     . LEU A 1 133 ? -14.142 -5.524  0.549   1.00 10.08  ? 133 LEU A C     1 
ATOM   1036 O  O     . LEU A 1 133 ? -13.725 -4.365  0.539   1.00 14.15  ? 133 LEU A O     1 
ATOM   1037 C  CB    . LEU A 1 133 ? -12.268 -7.094  1.033   1.00 13.27  ? 133 LEU A CB    1 
ATOM   1038 C  CG    . LEU A 1 133 ? -11.343 -7.784  2.064   1.00 12.83  ? 133 LEU A CG    1 
ATOM   1039 C  CD1   . LEU A 1 133 ? -10.235 -8.550  1.329   1.00 12.37  ? 133 LEU A CD1   1 
ATOM   1040 C  CD2   . LEU A 1 133 ? -10.702 -6.779  3.022   1.00 10.91  ? 133 LEU A CD2   1 
ATOM   1041 N  N     . ALA A 1 134 ? -14.974 -6.023  -0.360  1.00 11.43  ? 134 ALA A N     1 
ATOM   1042 C  CA    . ALA A 1 134 ? -15.506 -5.204  -1.449  1.00 15.19  ? 134 ALA A CA    1 
ATOM   1043 C  C     . ALA A 1 134 ? -16.498 -4.169  -0.975  1.00 16.28  ? 134 ALA A C     1 
ATOM   1044 O  O     . ALA A 1 134 ? -16.777 -3.194  -1.669  1.00 15.39  ? 134 ALA A O     1 
ATOM   1045 C  CB    . ALA A 1 134 ? -16.075 -6.097  -2.551  1.00 10.17  ? 134 ALA A CB    1 
ATOM   1046 N  N     . LYS A 1 135 ? -17.070 -4.383  0.211   1.00 16.42  ? 135 LYS A N     1 
ATOM   1047 C  CA    . LYS A 1 135 ? -18.039 -3.404  0.756   1.00 17.11  ? 135 LYS A CA    1 
ATOM   1048 C  C     . LYS A 1 135 ? -17.283 -2.311  1.478   1.00 14.72  ? 135 LYS A C     1 
ATOM   1049 O  O     . LYS A 1 135 ? -17.239 -2.281  2.708   1.00 14.46  ? 135 LYS A O     1 
ATOM   1050 C  CB    . LYS A 1 135 ? -19.036 -4.045  1.727   1.00 16.00  ? 135 LYS A CB    1 
ATOM   1051 C  CG    . LYS A 1 135 ? -19.762 -5.248  1.105   1.00 17.41  ? 135 LYS A CG    1 
ATOM   1052 C  CD    . LYS A 1 135 ? -21.022 -5.507  1.911   1.00 39.29  ? 135 LYS A CD    1 
ATOM   1053 C  CE    . LYS A 1 135 ? -21.654 -6.879  1.744   1.00 56.66  ? 135 LYS A CE    1 
ATOM   1054 N  NZ    . LYS A 1 135 ? -22.281 -7.329  3.006   1.00 80.31  ? 135 LYS A NZ    1 
ATOM   1055 N  N     . SER A 1 136 ? -16.581 -1.488  0.699   1.00 12.27  ? 136 SER A N     1 
ATOM   1056 C  CA    . SER A 1 136 ? -15.740 -0.509  1.292   1.00 12.57  ? 136 SER A CA    1 
ATOM   1057 C  C     . SER A 1 136 ? -15.538 0.674   0.377   1.00 11.56  ? 136 SER A C     1 
ATOM   1058 O  O     . SER A 1 136 ? -15.666 0.585   -0.861  1.00 14.37  ? 136 SER A O     1 
ATOM   1059 C  CB    . SER A 1 136 ? -14.385 -1.147  1.615   1.00 13.15  ? 136 SER A CB    1 
ATOM   1060 O  OG    . SER A 1 136 ? -13.742 -1.554  0.381   1.00 10.64  ? 136 SER A OG    1 
ATOM   1061 N  N     . ARG A 1 137 ? -15.203 1.789   1.019   1.00 8.51   ? 137 ARG A N     1 
ATOM   1062 C  CA    . ARG A 1 137 ? -14.901 2.977   0.244   1.00 15.27  ? 137 ARG A CA    1 
ATOM   1063 C  C     . ARG A 1 137 ? -13.697 2.670   -0.641  1.00 10.70  ? 137 ARG A C     1 
ATOM   1064 O  O     . ARG A 1 137 ? -13.651 3.039   -1.803  1.00 15.25  ? 137 ARG A O     1 
ATOM   1065 C  CB    . ARG A 1 137 ? -14.515 4.117   1.146   1.00 11.52  ? 137 ARG A CB    1 
ATOM   1066 C  CG    . ARG A 1 137 ? -14.006 5.275   0.306   1.00 18.62  ? 137 ARG A CG    1 
ATOM   1067 C  CD    . ARG A 1 137 ? -13.683 6.488   1.164   1.00 15.45  ? 137 ARG A CD    1 
ATOM   1068 N  NE    . ARG A 1 137 ? -13.577 7.735   0.396   1.00 29.51  ? 137 ARG A NE    1 
ATOM   1069 C  CZ    . ARG A 1 137 ? -12.450 8.214   -0.121  1.00 100.00 ? 137 ARG A CZ    1 
ATOM   1070 N  NH1   . ARG A 1 137 ? -11.294 7.564   0.058   1.00 25.01  ? 137 ARG A NH1   1 
ATOM   1071 N  NH2   . ARG A 1 137 ? -12.493 9.361   -0.823  1.00 51.07  ? 137 ARG A NH2   1 
ATOM   1072 N  N     . TRP A 1 138 ? -12.712 1.959   -0.042  1.00 15.85  ? 138 TRP A N     1 
ATOM   1073 C  CA    . TRP A 1 138 ? -11.489 1.534   -0.737  1.00 12.12  ? 138 TRP A CA    1 
ATOM   1074 C  C     . TRP A 1 138 ? -11.822 0.899   -2.092  1.00 13.56  ? 138 TRP A C     1 
ATOM   1075 O  O     . TRP A 1 138 ? -11.309 1.310   -3.128  1.00 12.00  ? 138 TRP A O     1 
ATOM   1076 C  CB    . TRP A 1 138 ? -10.743 0.487   0.111   1.00 14.93  ? 138 TRP A CB    1 
ATOM   1077 C  CG    . TRP A 1 138 ? -9.625  -0.241  -0.615  1.00 18.75  ? 138 TRP A CG    1 
ATOM   1078 C  CD1   . TRP A 1 138 ? -8.483  0.309   -1.122  1.00 27.68  ? 138 TRP A CD1   1 
ATOM   1079 C  CD2   . TRP A 1 138 ? -9.473  -1.672  -0.759  1.00 9.21   ? 138 TRP A CD2   1 
ATOM   1080 N  NE1   . TRP A 1 138 ? -7.641  -0.684  -1.621  1.00 12.94  ? 138 TRP A NE1   1 
ATOM   1081 C  CE2   . TRP A 1 138 ? -8.214  -1.909  -1.373  1.00 8.67   ? 138 TRP A CE2   1 
ATOM   1082 C  CE3   . TRP A 1 138 ? -10.243 -2.758  -0.358  1.00 6.60   ? 138 TRP A CE3   1 
ATOM   1083 C  CZ2   . TRP A 1 138 ? -7.732  -3.212  -1.602  1.00 11.49  ? 138 TRP A CZ2   1 
ATOM   1084 C  CZ3   . TRP A 1 138 ? -9.785  -4.038  -0.623  1.00 20.72  ? 138 TRP A CZ3   1 
ATOM   1085 C  CH2   . TRP A 1 138 ? -8.554  -4.267  -1.242  1.00 13.69  ? 138 TRP A CH2   1 
ATOM   1086 N  N     . TYR A 1 139 ? -12.697 -0.098  -2.087  1.00 10.88  ? 139 TYR A N     1 
ATOM   1087 C  CA    . TYR A 1 139 ? -13.065 -0.762  -3.331  1.00 5.63   ? 139 TYR A CA    1 
ATOM   1088 C  C     . TYR A 1 139 ? -13.761 0.213   -4.258  1.00 25.63  ? 139 TYR A C     1 
ATOM   1089 O  O     . TYR A 1 139 ? -13.539 0.198   -5.449  1.00 18.38  ? 139 TYR A O     1 
ATOM   1090 C  CB    . TYR A 1 139 ? -14.098 -1.841  -3.023  1.00 7.68   ? 139 TYR A CB    1 
ATOM   1091 C  CG    . TYR A 1 139 ? -14.632 -2.568  -4.216  1.00 16.76  ? 139 TYR A CG    1 
ATOM   1092 C  CD1   . TYR A 1 139 ? -13.919 -3.674  -4.671  1.00 15.47  ? 139 TYR A CD1   1 
ATOM   1093 C  CD2   . TYR A 1 139 ? -15.857 -2.254  -4.820  1.00 15.84  ? 139 TYR A CD2   1 
ATOM   1094 C  CE1   . TYR A 1 139 ? -14.356 -4.459  -5.737  1.00 27.22  ? 139 TYR A CE1   1 
ATOM   1095 C  CE2   . TYR A 1 139 ? -16.314 -3.033  -5.884  1.00 33.31  ? 139 TYR A CE2   1 
ATOM   1096 C  CZ    . TYR A 1 139 ? -15.568 -4.123  -6.338  1.00 49.14  ? 139 TYR A CZ    1 
ATOM   1097 O  OH    . TYR A 1 139 ? -16.032 -4.878  -7.376  1.00 57.71  ? 139 TYR A OH    1 
ATOM   1098 N  N     . ASN A 1 140 ? -14.680 1.029   -3.723  1.00 13.42  ? 140 ASN A N     1 
ATOM   1099 C  CA    . ASN A 1 140 ? -15.426 1.956   -4.610  1.00 10.11  ? 140 ASN A CA    1 
ATOM   1100 C  C     . ASN A 1 140 ? -14.571 3.027   -5.234  1.00 22.08  ? 140 ASN A C     1 
ATOM   1101 O  O     . ASN A 1 140 ? -14.802 3.454   -6.367  1.00 14.83  ? 140 ASN A O     1 
ATOM   1102 C  CB    . ASN A 1 140 ? -16.679 2.551   -3.941  1.00 20.08  ? 140 ASN A CB    1 
ATOM   1103 C  CG    . ASN A 1 140 ? -17.699 1.457   -3.805  1.00 24.37  ? 140 ASN A CG    1 
ATOM   1104 O  OD1   . ASN A 1 140 ? -17.846 0.900   -2.723  1.00 20.16  ? 140 ASN A OD1   1 
ATOM   1105 N  ND2   . ASN A 1 140 ? -18.308 1.058   -4.922  1.00 24.71  ? 140 ASN A ND2   1 
ATOM   1106 N  N     . GLN A 1 141 ? -13.543 3.437   -4.509  1.00 11.67  ? 141 GLN A N     1 
ATOM   1107 C  CA    . GLN A 1 141 ? -12.651 4.461   -5.027  1.00 14.54  ? 141 GLN A CA    1 
ATOM   1108 C  C     . GLN A 1 141 ? -11.613 3.987   -6.006  1.00 28.41  ? 141 GLN A C     1 
ATOM   1109 O  O     . GLN A 1 141 ? -11.349 4.669   -6.980  1.00 16.94  ? 141 GLN A O     1 
ATOM   1110 C  CB    . GLN A 1 141 ? -11.986 5.285   -3.937  1.00 13.81  ? 141 GLN A CB    1 
ATOM   1111 C  CG    . GLN A 1 141 ? -13.094 5.967   -3.124  1.00 34.39  ? 141 GLN A CG    1 
ATOM   1112 C  CD    . GLN A 1 141 ? -13.945 6.934   -3.933  1.00 100.00 ? 141 GLN A CD    1 
ATOM   1113 O  OE1   . GLN A 1 141 ? -15.166 7.004   -3.774  1.00 21.64  ? 141 GLN A OE1   1 
ATOM   1114 N  NE2   . GLN A 1 141 ? -13.296 7.744   -4.749  1.00 20.44  ? 141 GLN A NE2   1 
ATOM   1115 N  N     . THR A 1 142 ? -10.991 2.851   -5.722  1.00 13.15  ? 142 THR A N     1 
ATOM   1116 C  CA    . THR A 1 142 ? -9.948  2.308   -6.594  1.00 8.79   ? 142 THR A CA    1 
ATOM   1117 C  C     . THR A 1 142 ? -10.311 0.869   -6.835  1.00 21.66  ? 142 THR A C     1 
ATOM   1118 O  O     . THR A 1 142 ? -9.694  -0.066  -6.344  1.00 16.29  ? 142 THR A O     1 
ATOM   1119 C  CB    . THR A 1 142 ? -8.530  2.418   -5.944  1.00 14.69  ? 142 THR A CB    1 
ATOM   1120 O  OG1   . THR A 1 142 ? -8.514  1.864   -4.605  1.00 15.22  ? 142 THR A OG1   1 
ATOM   1121 C  CG2   . THR A 1 142 ? -8.101  3.891   -5.870  1.00 13.03  ? 142 THR A CG2   1 
ATOM   1122 N  N     . PRO A 1 143 ? -11.334 0.703   -7.629  1.00 16.94  ? 143 PRO A N     1 
ATOM   1123 C  CA    . PRO A 1 143 ? -11.843 -0.624  -7.940  1.00 11.90  ? 143 PRO A CA    1 
ATOM   1124 C  C     . PRO A 1 143 ? -10.855 -1.611  -8.657  1.00 9.52   ? 143 PRO A C     1 
ATOM   1125 O  O     . PRO A 1 143 ? -10.807 -2.803  -8.327  1.00 15.82  ? 143 PRO A O     1 
ATOM   1126 C  CB    . PRO A 1 143 ? -13.084 -0.385  -8.793  1.00 13.57  ? 143 PRO A CB    1 
ATOM   1127 C  CG    . PRO A 1 143 ? -13.004 1.096   -9.273  1.00 13.56  ? 143 PRO A CG    1 
ATOM   1128 C  CD    . PRO A 1 143 ? -12.037 1.797   -8.349  1.00 11.13  ? 143 PRO A CD    1 
ATOM   1129 N  N     . ASN A 1 144 ? -10.118 -1.182  -9.690  1.00 8.52   ? 144 ASN A N     1 
ATOM   1130 C  CA    . ASN A 1 144 ? -9.274  -2.142  -10.380 1.00 14.61  ? 144 ASN A CA    1 
ATOM   1131 C  C     . ASN A 1 144 ? -8.176  -2.720  -9.465  1.00 13.27  ? 144 ASN A C     1 
ATOM   1132 O  O     . ASN A 1 144 ? -7.877  -3.924  -9.467  1.00 15.00  ? 144 ASN A O     1 
ATOM   1133 C  CB    . ASN A 1 144 ? -8.697  -1.576  -11.683 1.00 20.12  ? 144 ASN A CB    1 
ATOM   1134 C  CG    . ASN A 1 144 ? -9.695  -1.298  -12.796 1.00 18.92  ? 144 ASN A CG    1 
ATOM   1135 O  OD1   . ASN A 1 144 ? -10.666 -2.002  -12.983 1.00 31.01  ? 144 ASN A OD1   1 
ATOM   1136 N  ND2   . ASN A 1 144 ? -9.419  -0.291  -13.587 1.00 34.51  ? 144 ASN A ND2   1 
ATOM   1137 N  N     . ARG A 1 145 ? -7.581  -1.819  -8.661  1.00 9.15   ? 145 ARG A N     1 
ATOM   1138 C  CA    . ARG A 1 145 ? -6.559  -2.185  -7.710  1.00 6.07   ? 145 ARG A CA    1 
ATOM   1139 C  C     . ARG A 1 145 ? -7.158  -3.052  -6.606  1.00 10.77  ? 145 ARG A C     1 
ATOM   1140 O  O     . ARG A 1 145 ? -6.615  -4.113  -6.276  1.00 13.15  ? 145 ARG A O     1 
ATOM   1141 C  CB    . ARG A 1 145 ? -5.855  -0.985  -7.109  1.00 12.62  ? 145 ARG A CB    1 
ATOM   1142 C  CG    . ARG A 1 145 ? -4.710  -1.429  -6.209  1.00 17.08  ? 145 ARG A CG    1 
ATOM   1143 C  CD    . ARG A 1 145 ? -4.134  -0.300  -5.448  1.00 20.87  ? 145 ARG A CD    1 
ATOM   1144 N  NE    . ARG A 1 145 ? -3.083  -0.735  -4.564  1.00 18.37  ? 145 ARG A NE    1 
ATOM   1145 C  CZ    . ARG A 1 145 ? -2.167  0.122   -4.265  1.00 15.83  ? 145 ARG A CZ    1 
ATOM   1146 N  NH1   . ARG A 1 145 ? -2.255  1.292   -4.845  1.00 14.00  ? 145 ARG A NH1   1 
ATOM   1147 N  NH2   . ARG A 1 145 ? -1.164  -0.188  -3.426  1.00 8.88   ? 145 ARG A NH2   1 
ATOM   1148 N  N     . ALA A 1 146 ? -8.291  -2.621  -6.041  1.00 14.66  ? 146 ALA A N     1 
ATOM   1149 C  CA    . ALA A 1 146 ? -8.911  -3.407  -4.976  1.00 6.34   ? 146 ALA A CA    1 
ATOM   1150 C  C     . ALA A 1 146 ? -9.217  -4.811  -5.494  1.00 11.75  ? 146 ALA A C     1 
ATOM   1151 O  O     . ALA A 1 146 ? -9.023  -5.800  -4.784  1.00 12.89  ? 146 ALA A O     1 
ATOM   1152 C  CB    . ALA A 1 146 ? -10.168 -2.708  -4.470  1.00 10.81  ? 146 ALA A CB    1 
ATOM   1153 N  N     . LYS A 1 147 ? -9.706  -4.909  -6.749  1.00 12.31  ? 147 LYS A N     1 
ATOM   1154 C  CA    . LYS A 1 147 ? -10.043 -6.195  -7.335  1.00 16.01  ? 147 LYS A CA    1 
ATOM   1155 C  C     . LYS A 1 147 ? -8.818  -7.099  -7.403  1.00 21.15  ? 147 LYS A C     1 
ATOM   1156 O  O     . LYS A 1 147 ? -8.912  -8.307  -7.160  1.00 9.49   ? 147 LYS A O     1 
ATOM   1157 C  CB    . LYS A 1 147 ? -10.616 -6.111  -8.744  1.00 18.74  ? 147 LYS A CB    1 
ATOM   1158 C  CG    . LYS A 1 147 ? -12.129 -6.015  -8.702  1.00 39.18  ? 147 LYS A CG    1 
ATOM   1159 C  CD    . LYS A 1 147 ? -12.734 -5.148  -9.802  1.00 28.22  ? 147 LYS A CD    1 
ATOM   1160 C  CE    . LYS A 1 147 ? -13.968 -4.365  -9.348  1.00 100.00 ? 147 LYS A CE    1 
ATOM   1161 N  NZ    . LYS A 1 147 ? -14.924 -4.035  -10.427 1.00 100.00 ? 147 LYS A NZ    1 
ATOM   1162 N  N     . ARG A 1 148 ? -7.673  -6.511  -7.761  1.00 9.50   ? 148 ARG A N     1 
ATOM   1163 C  CA    . ARG A 1 148 ? -6.461  -7.341  -7.842  1.00 9.10   ? 148 ARG A CA    1 
ATOM   1164 C  C     . ARG A 1 148 ? -6.087  -7.915  -6.446  1.00 11.15  ? 148 ARG A C     1 
ATOM   1165 O  O     . ARG A 1 148 ? -5.717  -9.098  -6.290  1.00 14.10  ? 148 ARG A O     1 
ATOM   1166 C  CB    . ARG A 1 148 ? -5.270  -6.551  -8.396  1.00 7.74   ? 148 ARG A CB    1 
ATOM   1167 C  CG    . ARG A 1 148 ? -5.419  -6.349  -9.899  1.00 6.39   ? 148 ARG A CG    1 
ATOM   1168 C  CD    . ARG A 1 148 ? -4.154  -5.849  -10.555 1.00 9.94   ? 148 ARG A CD    1 
ATOM   1169 N  NE    . ARG A 1 148 ? -3.810  -4.487  -10.127 1.00 19.44  ? 148 ARG A NE    1 
ATOM   1170 C  CZ    . ARG A 1 148 ? -4.318  -3.362  -10.690 1.00 16.86  ? 148 ARG A CZ    1 
ATOM   1171 N  NH1   . ARG A 1 148 ? -5.164  -3.384  -11.721 1.00 16.54  ? 148 ARG A NH1   1 
ATOM   1172 N  NH2   . ARG A 1 148 ? -3.965  -2.191  -10.208 1.00 14.23  ? 148 ARG A NH2   1 
ATOM   1173 N  N     . VAL A 1 149 ? -6.183  -7.040  -5.440  1.00 6.06   ? 149 VAL A N     1 
ATOM   1174 C  CA    . VAL A 1 149 ? -5.756  -7.412  -4.088  1.00 6.36   ? 149 VAL A CA    1 
ATOM   1175 C  C     . VAL A 1 149 ? -6.685  -8.423  -3.516  1.00 14.39  ? 149 VAL A C     1 
ATOM   1176 O  O     . VAL A 1 149 ? -6.241  -9.406  -2.871  1.00 13.20  ? 149 VAL A O     1 
ATOM   1177 C  CB    . VAL A 1 149 ? -5.614  -6.232  -3.164  1.00 11.96  ? 149 VAL A CB    1 
ATOM   1178 C  CG1   . VAL A 1 149 ? -5.258  -6.703  -1.756  1.00 12.99  ? 149 VAL A CG1   1 
ATOM   1179 C  CG2   . VAL A 1 149 ? -4.538  -5.326  -3.740  1.00 11.30  ? 149 VAL A CG2   1 
ATOM   1180 N  N     . ILE A 1 150 ? -7.978  -8.166  -3.775  1.00 9.51   ? 150 ILE A N     1 
ATOM   1181 C  CA    . ILE A 1 150 ? -9.021  -9.066  -3.336  1.00 6.57   ? 150 ILE A CA    1 
ATOM   1182 C  C     . ILE A 1 150 ? -8.867  -10.442 -3.960  1.00 12.99  ? 150 ILE A C     1 
ATOM   1183 O  O     . ILE A 1 150 ? -9.054  -11.449 -3.289  1.00 12.52  ? 150 ILE A O     1 
ATOM   1184 C  CB    . ILE A 1 150 ? -10.442 -8.513  -3.559  1.00 14.30  ? 150 ILE A CB    1 
ATOM   1185 C  CG1   . ILE A 1 150 ? -10.732 -7.328  -2.628  1.00 12.94  ? 150 ILE A CG1   1 
ATOM   1186 C  CG2   . ILE A 1 150 ? -11.437 -9.662  -3.316  1.00 16.10  ? 150 ILE A CG2   1 
ATOM   1187 C  CD1   . ILE A 1 150 ? -12.038 -6.605  -2.921  1.00 10.91  ? 150 ILE A CD1   1 
ATOM   1188 N  N     . THR A 1 151 ? -8.577  -10.513 -5.275  1.00 11.76  ? 151 THR A N     1 
ATOM   1189 C  CA    . THR A 1 151 ? -8.374  -11.814 -5.962  1.00 18.60  ? 151 THR A CA    1 
ATOM   1190 C  C     . THR A 1 151 ? -7.240  -12.587 -5.331  1.00 13.81  ? 151 THR A C     1 
ATOM   1191 O  O     . THR A 1 151 ? -7.262  -13.793 -5.226  1.00 12.56  ? 151 THR A O     1 
ATOM   1192 C  CB    . THR A 1 151 ? -8.029  -11.604 -7.440  1.00 19.43  ? 151 THR A CB    1 
ATOM   1193 O  OG1   . THR A 1 151 ? -9.184  -11.121 -8.070  1.00 26.04  ? 151 THR A OG1   1 
ATOM   1194 C  CG2   . THR A 1 151 ? -7.600  -12.926 -8.070  1.00 20.41  ? 151 THR A CG2   1 
ATOM   1195 N  N     . THR A 1 152 ? -6.258  -11.823 -4.903  1.00 12.75  ? 152 THR A N     1 
ATOM   1196 C  CA    . THR A 1 152 ? -5.072  -12.323 -4.262  1.00 15.71  ? 152 THR A CA    1 
ATOM   1197 C  C     . THR A 1 152 ? -5.443  -12.996 -2.933  1.00 16.40  ? 152 THR A C     1 
ATOM   1198 O  O     . THR A 1 152 ? -5.023  -14.113 -2.598  1.00 16.51  ? 152 THR A O     1 
ATOM   1199 C  CB    . THR A 1 152 ? -3.945  -11.218 -4.156  1.00 8.97   ? 152 THR A CB    1 
ATOM   1200 O  OG1   . THR A 1 152 ? -3.651  -10.727 -5.476  1.00 10.95  ? 152 THR A OG1   1 
ATOM   1201 C  CG2   . THR A 1 152 ? -2.646  -11.824 -3.648  1.00 14.92  ? 152 THR A CG2   1 
ATOM   1202 N  N     . PHE A 1 153 ? -6.260  -12.331 -2.165  1.00 8.66   ? 153 PHE A N     1 
ATOM   1203 C  CA    . PHE A 1 153 ? -6.613  -12.940 -0.902  1.00 6.07   ? 153 PHE A CA    1 
ATOM   1204 C  C     . PHE A 1 153 ? -7.481  -14.119 -1.101  1.00 12.11  ? 153 PHE A C     1 
ATOM   1205 O  O     . PHE A 1 153 ? -7.459  -15.111 -0.371  1.00 15.82  ? 153 PHE A O     1 
ATOM   1206 C  CB    . PHE A 1 153 ? -7.408  -11.924 -0.058  1.00 7.48   ? 153 PHE A CB    1 
ATOM   1207 C  CG    . PHE A 1 153 ? -6.607  -10.967 0.798   1.00 11.24  ? 153 PHE A CG    1 
ATOM   1208 C  CD1   . PHE A 1 153 ? -5.728  -11.438 1.783   1.00 10.94  ? 153 PHE A CD1   1 
ATOM   1209 C  CD2   . PHE A 1 153 ? -6.795  -9.590  0.663   1.00 18.41  ? 153 PHE A CD2   1 
ATOM   1210 C  CE1   . PHE A 1 153 ? -5.037  -10.542 2.596   1.00 9.14   ? 153 PHE A CE1   1 
ATOM   1211 C  CE2   . PHE A 1 153 ? -6.107  -8.678  1.476   1.00 15.81  ? 153 PHE A CE2   1 
ATOM   1212 C  CZ    . PHE A 1 153 ? -5.212  -9.161  2.435   1.00 19.34  ? 153 PHE A CZ    1 
ATOM   1213 N  N     . ARG A 1 154 ? -8.328  -13.981 -2.086  1.00 14.85  ? 154 ARG A N     1 
ATOM   1214 C  CA    . ARG A 1 154 ? -9.243  -15.043 -2.380  1.00 9.86   ? 154 ARG A CA    1 
ATOM   1215 C  C     . ARG A 1 154 ? -8.601  -16.332 -2.860  1.00 27.18  ? 154 ARG A C     1 
ATOM   1216 O  O     . ARG A 1 154 ? -9.012  -17.414 -2.429  1.00 22.99  ? 154 ARG A O     1 
ATOM   1217 C  CB    . ARG A 1 154 ? -10.332 -14.641 -3.357  1.00 15.00  ? 154 ARG A CB    1 
ATOM   1218 C  CG    . ARG A 1 154 ? -11.574 -15.531 -3.181  1.00 21.03  ? 154 ARG A CG    1 
ATOM   1219 C  CD    . ARG A 1 154 ? -12.648 -15.272 -4.250  1.00 19.98  ? 154 ARG A CD    1 
ATOM   1220 N  NE    . ARG A 1 154 ? -12.103 -14.859 -5.558  1.00 42.34  ? 154 ARG A NE    1 
ATOM   1221 C  CZ    . ARG A 1 154 ? -11.820 -15.676 -6.611  1.00 100.00 ? 154 ARG A CZ    1 
ATOM   1222 N  NH1   . ARG A 1 154 ? -12.024 -16.997 -6.540  1.00 100.00 ? 154 ARG A NH1   1 
ATOM   1223 N  NH2   . ARG A 1 154 ? -11.327 -15.165 -7.772  1.00 38.16  ? 154 ARG A NH2   1 
ATOM   1224 N  N     . THR A 1 155 ? -7.632  -16.213 -3.785  1.00 14.74  ? 155 THR A N     1 
ATOM   1225 C  CA    . THR A 1 155 ? -7.034  -17.380 -4.377  1.00 14.36  ? 155 THR A CA    1 
ATOM   1226 C  C     . THR A 1 155 ? -5.750  -17.790 -3.793  1.00 19.53  ? 155 THR A C     1 
ATOM   1227 O  O     . THR A 1 155 ? -5.335  -18.914 -3.961  1.00 25.50  ? 155 THR A O     1 
ATOM   1228 C  CB    . THR A 1 155 ? -6.829  -17.200 -5.906  1.00 15.13  ? 155 THR A CB    1 
ATOM   1229 O  OG1   . THR A 1 155 ? -5.903  -16.162 -6.140  1.00 14.58  ? 155 THR A OG1   1 
ATOM   1230 C  CG2   . THR A 1 155 ? -8.146  -16.871 -6.547  1.00 12.94  ? 155 THR A CG2   1 
ATOM   1231 N  N     . GLY A 1 156 ? -5.046  -16.885 -3.184  1.00 17.52  ? 156 GLY A N     1 
ATOM   1232 C  CA    . GLY A 1 156 ? -3.742  -17.223 -2.699  1.00 13.42  ? 156 GLY A CA    1 
ATOM   1233 C  C     . GLY A 1 156 ? -2.735  -17.437 -3.844  1.00 30.35  ? 156 GLY A C     1 
ATOM   1234 O  O     . GLY A 1 156 ? -1.716  -18.052 -3.632  1.00 17.14  ? 156 GLY A O     1 
ATOM   1235 N  N     . THR A 1 157 ? -2.996  -16.892 -5.056  1.00 14.72  ? 157 THR A N     1 
ATOM   1236 C  CA    . THR A 1 157 ? -2.104  -16.997 -6.221  1.00 13.46  ? 157 THR A CA    1 
ATOM   1237 C  C     . THR A 1 157 ? -1.860  -15.597 -6.724  1.00 16.94  ? 157 THR A C     1 
ATOM   1238 O  O     . THR A 1 157 ? -2.554  -14.704 -6.317  1.00 13.74  ? 157 THR A O     1 
ATOM   1239 C  CB    . THR A 1 157 ? -2.821  -17.718 -7.399  1.00 26.19  ? 157 THR A CB    1 
ATOM   1240 O  OG1   . THR A 1 157 ? -3.799  -16.847 -7.946  1.00 22.35  ? 157 THR A OG1   1 
ATOM   1241 C  CG2   . THR A 1 157 ? -3.505  -19.000 -6.962  1.00 24.93  ? 157 THR A CG2   1 
ATOM   1242 N  N     . TRP A 1 158 ? -0.975  -15.455 -7.684  1.00 16.60  ? 158 TRP A N     1 
ATOM   1243 C  CA    . TRP A 1 158 ? -0.676  -14.168 -8.287  1.00 10.45  ? 158 TRP A CA    1 
ATOM   1244 C  C     . TRP A 1 158 ? -1.449  -13.970 -9.584  1.00 19.65  ? 158 TRP A C     1 
ATOM   1245 O  O     . TRP A 1 158 ? -1.139  -13.075 -10.364 1.00 16.69  ? 158 TRP A O     1 
ATOM   1246 C  CB    . TRP A 1 158 ? 0.823   -14.062 -8.607  1.00 9.74   ? 158 TRP A CB    1 
ATOM   1247 C  CG    . TRP A 1 158 ? 1.726   -14.042 -7.413  1.00 9.78   ? 158 TRP A CG    1 
ATOM   1248 C  CD1   . TRP A 1 158 ? 2.559   -15.027 -7.017  1.00 14.54  ? 158 TRP A CD1   1 
ATOM   1249 C  CD2   . TRP A 1 158 ? 1.921   -12.953 -6.483  1.00 21.14  ? 158 TRP A CD2   1 
ATOM   1250 N  NE1   . TRP A 1 158 ? 3.285   -14.631 -5.930  1.00 16.03  ? 158 TRP A NE1   1 
ATOM   1251 C  CE2   . TRP A 1 158 ? 2.887   -13.370 -5.553  1.00 16.26  ? 158 TRP A CE2   1 
ATOM   1252 C  CE3   . TRP A 1 158 ? 1.369   -11.675 -6.331  1.00 16.65  ? 158 TRP A CE3   1 
ATOM   1253 C  CZ2   . TRP A 1 158 ? 3.328   -12.545 -4.509  1.00 14.07  ? 158 TRP A CZ2   1 
ATOM   1254 C  CZ3   . TRP A 1 158 ? 1.867   -10.861 -5.336  1.00 17.09  ? 158 TRP A CZ3   1 
ATOM   1255 C  CH2   . TRP A 1 158 ? 2.833   -11.291 -4.431  1.00 15.12  ? 158 TRP A CH2   1 
ATOM   1256 N  N     . ASP A 1 159 ? -2.454  -14.794 -9.837  1.00 14.56  ? 159 ASP A N     1 
ATOM   1257 C  CA    . ASP A 1 159 ? -3.198  -14.674 -11.083 1.00 11.75  ? 159 ASP A CA    1 
ATOM   1258 C  C     . ASP A 1 159 ? -3.624  -13.254 -11.536 1.00 27.67  ? 159 ASP A C     1 
ATOM   1259 O  O     . ASP A 1 159 ? -3.548  -12.913 -12.695 1.00 21.98  ? 159 ASP A O     1 
ATOM   1260 C  CB    . ASP A 1 159 ? -4.309  -15.706 -11.194 1.00 17.09  ? 159 ASP A CB    1 
ATOM   1261 C  CG    . ASP A 1 159 ? -3.772  -17.130 -11.086 1.00 40.26  ? 159 ASP A CG    1 
ATOM   1262 O  OD1   . ASP A 1 159 ? -2.475  -17.234 -11.294 1.00 39.84  ? 159 ASP A OD1   1 
ATOM   1263 O  OD2   . ASP A 1 159 ? -4.479  -18.084 -10.812 1.00 47.65  ? 159 ASP A OD2   1 
ATOM   1264 N  N     . ALA A 1 160 ? -4.020  -12.387 -10.619 1.00 19.17  ? 160 ALA A N     1 
ATOM   1265 C  CA    . ALA A 1 160 ? -4.492  -11.048 -10.972 1.00 12.92  ? 160 ALA A CA    1 
ATOM   1266 C  C     . ALA A 1 160 ? -3.348  -10.144 -11.457 1.00 14.21  ? 160 ALA A C     1 
ATOM   1267 O  O     . ALA A 1 160 ? -3.550  -9.074  -12.045 1.00 20.90  ? 160 ALA A O     1 
ATOM   1268 C  CB    . ALA A 1 160 ? -5.217  -10.422 -9.741  1.00 20.50  ? 160 ALA A CB    1 
ATOM   1269 N  N     . TYR A 1 161 ? -2.148  -10.571 -11.175 1.00 11.20  ? 161 TYR A N     1 
ATOM   1270 C  CA    . TYR A 1 161 ? -0.987  -9.771  -11.511 1.00 11.50  ? 161 TYR A CA    1 
ATOM   1271 C  C     . TYR A 1 161 ? -0.285  -10.252 -12.759 1.00 40.54  ? 161 TYR A C     1 
ATOM   1272 O  O     . TYR A 1 161 ? 0.650   -9.594  -13.219 1.00 19.53  ? 161 TYR A O     1 
ATOM   1273 C  CB    . TYR A 1 161 ? -0.011  -9.633  -10.330 1.00 12.11  ? 161 TYR A CB    1 
ATOM   1274 C  CG    . TYR A 1 161 ? -0.572  -8.658  -9.327  1.00 16.14  ? 161 TYR A CG    1 
ATOM   1275 C  CD1   . TYR A 1 161 ? -1.465  -9.135  -8.373  1.00 12.72  ? 161 TYR A CD1   1 
ATOM   1276 C  CD2   . TYR A 1 161 ? -0.288  -7.292  -9.367  1.00 11.60  ? 161 TYR A CD2   1 
ATOM   1277 C  CE1   . TYR A 1 161 ? -2.045  -8.272  -7.445  1.00 11.77  ? 161 TYR A CE1   1 
ATOM   1278 C  CE2   . TYR A 1 161 ? -0.870  -6.418  -8.446  1.00 11.85  ? 161 TYR A CE2   1 
ATOM   1279 C  CZ    . TYR A 1 161 ? -1.736  -6.919  -7.466  1.00 12.59  ? 161 TYR A CZ    1 
ATOM   1280 O  OH    . TYR A 1 161 ? -2.335  -6.078  -6.533  1.00 9.50   ? 161 TYR A OH    1 
ATOM   1281 N  N     . LYS A 1 162 ? -0.748  -11.361 -13.335 1.00 52.51  ? 162 LYS A N     1 
ATOM   1282 C  CA    . LYS A 1 162 ? -0.128  -11.861 -14.549 1.00 100.00 ? 162 LYS A CA    1 
ATOM   1283 C  C     . LYS A 1 162 ? -0.953  -11.493 -15.776 1.00 30.30  ? 162 LYS A C     1 
ATOM   1284 O  O     . LYS A 1 162 ? -0.399  -11.017 -16.775 1.00 53.62  ? 162 LYS A O     1 
ATOM   1285 C  CB    . LYS A 1 162 ? 0.210   -13.341 -14.470 1.00 34.22  ? 162 LYS A CB    1 
ATOM   1286 C  CG    . LYS A 1 162 ? 0.528   -13.786 -13.046 1.00 88.56  ? 162 LYS A CG    1 
ATOM   1287 C  CD    . LYS A 1 162 ? 1.069   -15.217 -12.916 1.00 100.00 ? 162 LYS A CD    1 
ATOM   1288 C  CE    . LYS A 1 162 ? -0.023  -16.288 -12.817 1.00 100.00 ? 162 LYS A CE    1 
ATOM   1289 N  NZ    . LYS A 1 162 ? 0.146   -17.227 -11.687 1.00 79.20  ? 162 LYS A NZ    1 
HETATM 1290 CL CL    . CL  B 2 .   ? -8.087  1.420   -9.537  1.00 26.62  ? 173 CL  A CL    1 
HETATM 1291 CL CL    . CL  C 2 .   ? 10.657  9.468   4.674   0.50 28.92  ? 178 CL  A CL    1 
HETATM 1292 C  C1    . HED D 3 .   ? 9.866   -9.480  3.825   1.00 26.40  ? 170 HED A C1    1 
HETATM 1293 O  O1    . HED D 3 .   ? 10.300  -8.774  2.654   1.00 40.22  ? 170 HED A O1    1 
HETATM 1294 C  C2    . HED D 3 .   ? 8.407   -9.691  3.623   1.00 26.78  ? 170 HED A C2    1 
HETATM 1295 S  S3    . HED D 3 .   ? 8.209   -10.525 2.049   1.00 49.46  ? 170 HED A S3    1 
HETATM 1296 S  S4    . HED D 3 .   ? 6.134   -10.813 1.955   1.00 100.00 ? 170 HED A S4    1 
HETATM 1297 C  C5    . HED D 3 .   ? 5.820   -12.554 2.395   1.00 30.97  ? 170 HED A C5    1 
HETATM 1298 C  C6    . HED D 3 .   ? 6.177   -13.540 1.256   1.00 83.16  ? 170 HED A C6    1 
HETATM 1299 O  O6    . HED D 3 .   ? 5.373   -13.275 0.115   1.00 63.19  ? 170 HED A O6    1 
HETATM 1300 C  C1    . PXY E 4 .   ? -3.381  -7.427  7.422   1.00 25.86  ? 400 PXY A C1    1 
HETATM 1301 C  C2    . PXY E 4 .   ? -4.265  -8.361  7.131   1.00 26.29  ? 400 PXY A C2    1 
HETATM 1302 C  C3    . PXY E 4 .   ? -5.443  -8.038  6.494   1.00 28.03  ? 400 PXY A C3    1 
HETATM 1303 C  C4    . PXY E 4 .   ? -5.725  -6.739  6.192   1.00 34.72  ? 400 PXY A C4    1 
HETATM 1304 C  C5    . PXY E 4 .   ? -4.825  -5.774  6.491   1.00 36.14  ? 400 PXY A C5    1 
HETATM 1305 C  C6    . PXY E 4 .   ? -3.631  -6.124  7.103   1.00 38.36  ? 400 PXY A C6    1 
HETATM 1306 C  "C1'" . PXY E 4 .   ? -2.074  -7.815  8.093   1.00 40.80  ? 400 PXY A "C1'" 1 
HETATM 1307 C  "C4'" . PXY E 4 .   ? -7.048  -6.388  5.506   1.00 57.42  ? 400 PXY A "C4'" 1 
HETATM 1308 O  O     . HOH F 5 .   ? 7.629   4.572   -2.131  1.00 11.31  ? 171 HOH A O     1 
HETATM 1309 O  O     . HOH F 5 .   ? -9.102  3.736   -2.444  1.00 27.94  ? 172 HOH A O     1 
HETATM 1310 O  O     . HOH F 5 .   ? -11.792 7.015   -8.541  1.00 17.98  ? 174 HOH A O     1 
HETATM 1311 O  O     . HOH F 5 .   ? -3.717  -12.438 -7.655  1.00 17.88  ? 175 HOH A O     1 
HETATM 1312 O  O     . HOH F 5 .   ? 11.614  21.201  -3.724  1.00 69.77  ? 176 HOH A O     1 
HETATM 1313 O  O     . HOH F 5 .   ? 2.870   -19.860 1.492   1.00 25.48  ? 177 HOH A O     1 
HETATM 1314 O  O     . HOH F 5 .   ? 9.232   5.808   -4.140  1.00 10.86  ? 179 HOH A O     1 
HETATM 1315 O  O     . HOH F 5 .   ? -8.784  -5.320  -11.634 1.00 27.86  ? 180 HOH A O     1 
HETATM 1316 O  O     . HOH F 5 .   ? 2.446   -19.050 6.520   1.00 24.14  ? 181 HOH A O     1 
HETATM 1317 O  O     . HOH F 5 .   ? 10.545  6.263   3.414   1.00 25.88  ? 182 HOH A O     1 
HETATM 1318 O  O     . HOH F 5 .   ? 17.180  7.598   3.628   1.00 34.04  ? 183 HOH A O     1 
HETATM 1319 O  O     . HOH F 5 .   ? 18.861  6.940   -11.287 1.00 40.95  ? 184 HOH A O     1 
HETATM 1320 O  O     . HOH F 5 .   ? 14.092  0.150   5.843   1.00 33.16  ? 185 HOH A O     1 
HETATM 1321 O  O     . HOH F 5 .   ? 13.324  -0.664  -4.444  1.00 53.97  ? 186 HOH A O     1 
HETATM 1322 O  O     . HOH F 5 .   ? 9.557   -12.599 -9.098  1.00 30.05  ? 187 HOH A O     1 
HETATM 1323 O  O     . HOH F 5 .   ? -19.042 3.065   -7.040  1.00 34.17  ? 188 HOH A O     1 
HETATM 1324 O  O     . HOH F 5 .   ? 8.242   10.509  -14.372 1.00 31.84  ? 189 HOH A O     1 
HETATM 1325 O  O     . HOH F 5 .   ? -1.218  16.972  -0.735  1.00 23.56  ? 190 HOH A O     1 
HETATM 1326 O  O     . HOH F 5 .   ? -3.410  18.408  -1.908  1.00 34.92  ? 191 HOH A O     1 
HETATM 1327 O  O     . HOH F 5 .   ? -4.936  13.089  -9.102  1.00 27.23  ? 192 HOH A O     1 
HETATM 1328 O  O     . HOH F 5 .   ? -2.191  -16.143 14.176  1.00 24.44  ? 193 HOH A O     1 
HETATM 1329 O  O     . HOH F 5 .   ? -16.219 -14.489 -3.166  1.00 35.26  ? 194 HOH A O     1 
HETATM 1330 O  O     . HOH F 5 .   ? 6.511   -11.018 -1.485  1.00 14.97  ? 195 HOH A O     1 
HETATM 1331 O  O     . HOH F 5 .   ? 16.540  17.434  -8.348  1.00 35.05  ? 196 HOH A O     1 
HETATM 1332 O  O     . HOH F 5 .   ? 9.803   20.024  6.660   1.00 30.51  ? 198 HOH A O     1 
HETATM 1333 O  O     . HOH F 5 .   ? 8.218   11.621  3.374   1.00 36.66  ? 200 HOH A O     1 
HETATM 1334 O  O     . HOH F 5 .   ? 11.942  1.776   6.811   1.00 29.46  ? 201 HOH A O     1 
HETATM 1335 O  O     . HOH F 5 .   ? 8.816   5.145   5.251   1.00 59.16  ? 202 HOH A O     1 
HETATM 1336 O  O     . HOH F 5 .   ? 0.119   8.619   -2.145  1.00 21.29  ? 203 HOH A O     1 
HETATM 1337 O  O     . HOH F 5 .   ? -0.247  6.412   -4.105  1.00 25.79  ? 204 HOH A O     1 
HETATM 1338 O  O     . HOH F 5 .   ? -1.914  4.233   -7.247  1.00 47.70  ? 207 HOH A O     1 
HETATM 1339 O  O     . HOH F 5 .   ? -4.339  -2.091  -1.650  1.00 12.38  ? 208 HOH A O     1 
HETATM 1340 O  O     . HOH F 5 .   ? -5.492  2.655   -8.714  1.00 33.42  ? 209 HOH A O     1 
HETATM 1341 O  O     . HOH F 5 .   ? -0.923  -19.372 -1.398  1.00 32.08  ? 210 HOH A O     1 
HETATM 1342 O  O     . HOH F 5 .   ? -6.461  -5.243  -13.047 1.00 31.42  ? 211 HOH A O     1 
HETATM 1343 O  O     . HOH F 5 .   ? -5.432  -17.104 7.660   1.00 17.33  ? 213 HOH A O     1 
HETATM 1344 O  O     . HOH F 5 .   ? -5.617  -19.139 11.262  1.00 35.57  ? 214 HOH A O     1 
HETATM 1345 O  O     . HOH F 5 .   ? 13.767  9.003   4.039   1.00 19.11  ? 215 HOH A O     1 
HETATM 1346 O  O     . HOH F 5 .   ? -15.532 -9.352  -4.122  1.00 37.58  ? 216 HOH A O     1 
HETATM 1347 O  O     . HOH F 5 .   ? -12.108 -20.347 -1.559  1.00 29.25  ? 217 HOH A O     1 
HETATM 1348 O  O     . HOH F 5 .   ? -18.988 -11.943 3.522   1.00 23.92  ? 218 HOH A O     1 
HETATM 1349 O  O     . HOH F 5 .   ? -19.862 -9.390  4.139   1.00 25.24  ? 219 HOH A O     1 
HETATM 1350 O  O     . HOH F 5 .   ? -18.961 -2.787  -3.046  1.00 38.60  ? 220 HOH A O     1 
HETATM 1351 O  O     . HOH F 5 .   ? 10.840  -1.591  -8.239  1.00 46.12  ? 221 HOH A O     1 
HETATM 1352 O  O     . HOH F 5 .   ? 0.677   14.756  6.015   1.00 39.97  ? 222 HOH A O     1 
HETATM 1353 O  O     . HOH F 5 .   ? 10.563  -13.095 -6.854  1.00 22.65  ? 223 HOH A O     1 
HETATM 1354 O  O     . HOH F 5 .   ? 0.839   6.263   -1.215  1.00 26.44  ? 224 HOH A O     1 
HETATM 1355 O  O     . HOH F 5 .   ? -0.146  6.204   0.994   1.00 67.33  ? 225 HOH A O     1 
HETATM 1356 O  O     . HOH F 5 .   ? 6.145   -12.761 12.512  1.00 32.61  ? 226 HOH A O     1 
HETATM 1357 O  O     . HOH F 5 .   ? 5.656   -2.769  -13.248 1.00 47.64  ? 227 HOH A O     1 
HETATM 1358 O  O     . HOH F 5 .   ? 2.337   0.412   -13.049 1.00 50.17  ? 228 HOH A O     1 
HETATM 1359 O  O     . HOH F 5 .   ? 0.481   6.075   -7.056  1.00 30.50  ? 229 HOH A O     1 
HETATM 1360 O  O     . HOH F 5 .   ? -3.307  1.100   -9.420  1.00 31.27  ? 230 HOH A O     1 
HETATM 1361 O  O     . HOH F 5 .   ? 0.610   -17.782 -8.503  1.00 33.01  ? 231 HOH A O     1 
HETATM 1362 O  O     . HOH F 5 .   ? -6.037  -8.610  -12.892 1.00 44.49  ? 232 HOH A O     1 
HETATM 1363 O  O     . HOH F 5 .   ? -8.224  -8.699  -11.179 1.00 57.03  ? 233 HOH A O     1 
HETATM 1364 O  O     . HOH F 5 .   ? -17.271 -0.149  -7.831  1.00 42.26  ? 234 HOH A O     1 
HETATM 1365 O  O     . HOH F 5 .   ? -14.346 -19.422 0.898   1.00 25.14  ? 235 HOH A O     1 
HETATM 1366 O  O     . HOH F 5 .   ? -4.220  3.025   -6.206  1.00 29.15  ? 237 HOH A O     1 
HETATM 1367 O  O     . HOH F 5 .   ? -9.704  -20.154 -2.529  1.00 25.61  ? 238 HOH A O     1 
HETATM 1368 O  O     . HOH F 5 .   ? 16.587  8.824   1.409   1.00 24.11  ? 239 HOH A O     1 
HETATM 1369 O  O     . HOH F 5 .   ? 17.797  1.108   -6.320  1.00 26.10  ? 240 HOH A O     1 
HETATM 1370 O  O     . HOH F 5 .   ? 6.730   0.986   10.598  1.00 39.18  ? 242 HOH A O     1 
HETATM 1371 O  O     . HOH F 5 .   ? 6.474   -5.254  -11.795 1.00 39.06  ? 244 HOH A O     1 
HETATM 1372 O  O     . HOH F 5 .   ? -5.588  -0.876  -13.887 1.00 47.01  ? 245 HOH A O     1 
HETATM 1373 O  O     . HOH F 5 .   ? 7.392   8.010   5.624   1.00 45.94  ? 246 HOH A O     1 
HETATM 1374 O  O     . HOH F 5 .   ? -0.592  15.317  -10.627 1.00 41.08  ? 247 HOH A O     1 
HETATM 1375 O  O     . HOH F 5 .   ? 4.930   -16.719 -4.633  1.00 47.12  ? 248 HOH A O     1 
HETATM 1376 O  O     . HOH F 5 .   ? -14.112 -8.234  -6.228  1.00 30.07  ? 249 HOH A O     1 
HETATM 1377 O  O     . HOH F 5 .   ? -18.167 -9.176  -4.494  1.00 51.04  ? 250 HOH A O     1 
HETATM 1378 O  O     . HOH F 5 .   ? -19.631 -7.342  -2.105  1.00 30.12  ? 251 HOH A O     1 
HETATM 1379 O  O     . HOH F 5 .   ? -7.230  -9.185  15.204  1.00 30.11  ? 253 HOH A O     1 
HETATM 1380 O  O     . HOH F 5 .   ? -1.313  4.734   9.597   1.00 43.18  ? 254 HOH A O     1 
HETATM 1381 O  O     . HOH F 5 .   ? -0.693  4.373   -1.971  1.00 35.57  ? 256 HOH A O     1 
HETATM 1382 O  O     . HOH F 5 .   ? 20.466  10.762  -2.982  1.00 34.78  ? 259 HOH A O     1 
HETATM 1383 O  O     . HOH F 5 .   ? -11.756 -12.193 -6.490  1.00 77.49  ? 261 HOH A O     1 
HETATM 1384 O  O     . HOH F 5 .   ? 5.133   -0.572  -15.363 1.00 79.03  ? 262 HOH A O     1 
HETATM 1385 O  O     . HOH F 5 .   ? -1.240  4.911   -10.745 1.00 100.00 ? 263 HOH A O     1 
HETATM 1386 O  O     . HOH F 5 .   ? 4.685   5.136   0.966   1.00 47.15  ? 265 HOH A O     1 
HETATM 1387 O  O     . HOH F 5 .   ? 3.169   6.834   1.419   1.00 32.90  ? 266 HOH A O     1 
HETATM 1388 O  O     . HOH F 5 .   ? 2.034   4.775   0.051   1.00 24.80  ? 267 HOH A O     1 
HETATM 1389 O  O     . HOH F 5 .   ? -1.483  -2.597  18.677  1.00 50.17  ? 268 HOH A O     1 
HETATM 1390 O  O     . HOH F 5 .   ? -2.907  9.870   -9.544  1.00 19.81  ? 269 HOH A O     1 
HETATM 1391 O  O     . HOH F 5 .   ? -12.620 1.699   3.010   1.00 14.32  ? 270 HOH A O     1 
HETATM 1392 O  O     . HOH F 5 .   ? -15.132 -12.511 -4.821  1.00 39.88  ? 271 HOH A O     1 
HETATM 1393 O  O     . HOH F 5 .   ? -16.755 -5.946  14.726  1.00 33.72  ? 272 HOH A O     1 
HETATM 1394 O  O     . HOH F 5 .   ? 0.300   -21.206 -4.316  1.00 87.70  ? 273 HOH A O     1 
HETATM 1395 O  O     . HOH F 5 .   ? 4.687   2.526   4.180   1.00 31.98  ? 274 HOH A O     1 
HETATM 1396 O  O     . HOH F 5 .   ? -6.767  -21.283 -1.333  1.00 33.77  ? 277 HOH A O     1 
HETATM 1397 O  O     . HOH F 5 .   ? 14.059  22.306  -3.364  1.00 34.58  ? 278 HOH A O     1 
HETATM 1398 O  O     . HOH F 5 .   ? 4.925   8.662   3.166   1.00 35.72  ? 280 HOH A O     1 
HETATM 1399 O  O     . HOH F 5 .   ? 6.498   13.377  4.396   1.00 26.15  ? 281 HOH A O     1 
HETATM 1400 O  O     . HOH F 5 .   ? 9.557   13.431  4.321   1.00 30.15  ? 282 HOH A O     1 
HETATM 1401 O  O     . HOH F 5 .   ? 17.019  8.685   -12.790 1.00 43.23  ? 284 HOH A O     1 
HETATM 1402 O  O     . HOH F 5 .   ? 4.301   6.530   -7.301  1.00 61.48  ? 285 HOH A O     1 
HETATM 1403 O  O     . HOH F 5 .   ? 15.451  12.684  -12.652 1.00 63.98  ? 286 HOH A O     1 
HETATM 1404 O  O     . HOH F 5 .   ? 11.986  -8.822  -8.261  1.00 33.87  ? 288 HOH A O     1 
HETATM 1405 O  O     . HOH F 5 .   ? 1.892   -0.410  14.866  1.00 52.00  ? 289 HOH A O     1 
HETATM 1406 O  O     . HOH F 5 .   ? 0.815   -18.373 13.915  1.00 58.97  ? 290 HOH A O     1 
HETATM 1407 O  O     . HOH F 5 .   ? -11.594 -8.819  14.872  1.00 85.86  ? 292 HOH A O     1 
HETATM 1408 O  O     . HOH F 5 .   ? -15.347 -20.552 3.418   1.00 36.94  ? 293 HOH A O     1 
HETATM 1409 O  O     . HOH F 5 .   ? 5.963   -8.398  -12.909 1.00 73.19  ? 294 HOH A O     1 
HETATM 1410 O  O     . HOH F 5 .   ? 9.744   -4.477  -10.553 1.00 41.04  ? 295 HOH A O     1 
HETATM 1411 O  O     . HOH F 5 .   ? 5.031   -17.856 -6.882  1.00 33.55  ? 296 HOH A O     1 
HETATM 1412 O  O     . HOH F 5 .   ? 2.634   -18.726 -6.730  1.00 73.89  ? 297 HOH A O     1 
HETATM 1413 O  O     . HOH F 5 .   ? 3.561   6.599   -9.683  1.00 40.70  ? 298 HOH A O     1 
HETATM 1414 O  O     . HOH F 5 .   ? 3.289   3.804   2.626   1.00 27.35  ? 299 HOH A O     1 
HETATM 1415 O  O     . HOH F 5 .   ? -20.838 -1.101  -4.734  1.00 54.78  ? 300 HOH A O     1 
HETATM 1416 O  O     . HOH F 5 .   ? -9.576  -11.846 13.978  1.00 74.07  ? 301 HOH A O     1 
HETATM 1417 O  O     . HOH F 5 .   ? 0.455   -15.560 16.239  1.00 68.04  ? 302 HOH A O     1 
HETATM 1418 O  O     . HOH F 5 .   ? -8.760  4.251   0.205   1.00 62.54  ? 303 HOH A O     1 
HETATM 1419 O  O     . HOH F 5 .   ? -3.579  8.542   -0.407  1.00 37.72  ? 306 HOH A O     1 
HETATM 1420 O  O     . HOH F 5 .   ? 5.315   11.476  3.966   1.00 54.49  ? 307 HOH A O     1 
HETATM 1421 O  O     . HOH F 5 .   ? 20.844  13.287  -0.675  1.00 54.33  ? 308 HOH A O     1 
HETATM 1422 O  O     . HOH F 5 .   ? -15.786 -18.564 2.400   1.00 23.37  ? 311 HOH A O     1 
HETATM 1423 O  O     . HOH F 5 .   ? -15.772 -7.242  -7.524  1.00 36.55  ? 312 HOH A O     1 
HETATM 1424 O  O     . HOH F 5 .   ? -11.992 -9.460  -7.374  1.00 55.37  ? 313 HOH A O     1 
HETATM 1425 O  O     . HOH F 5 .   ? -7.107  5.631   -2.183  1.00 55.51  ? 314 HOH A O     1 
HETATM 1426 O  O     . HOH F 5 .   ? 17.557  15.116  -9.708  1.00 50.32  ? 317 HOH A O     1 
HETATM 1427 O  O     . HOH F 5 .   ? -3.351  5.766   -3.835  1.00 78.04  ? 321 HOH A O     1 
HETATM 1428 O  O     . HOH F 5 .   ? 5.292   14.090  -13.333 1.00 77.06  ? 322 HOH A O     1 
HETATM 1429 O  O     . HOH F 5 .   ? 1.021   7.061   -10.950 1.00 56.68  ? 323 HOH A O     1 
HETATM 1430 O  O     . HOH F 5 .   ? 12.463  -5.213  8.122   1.00 38.55  ? 324 HOH A O     1 
HETATM 1431 O  O     . HOH F 5 .   ? -10.414 8.754   -5.814  1.00 65.87  ? 325 HOH A O     1 
HETATM 1432 O  O     . HOH F 5 .   ? -5.976  18.050  -4.973  1.00 46.21  ? 326 HOH A O     1 
HETATM 1433 O  O     . HOH F 5 .   ? -3.328  20.378  -3.479  1.00 78.63  ? 328 HOH A O     1 
# 
